data_7JK4
#
_entry.id   7JK4
#
_cell.length_a   1.00
_cell.length_b   1.00
_cell.length_c   1.00
_cell.angle_alpha   90.00
_cell.angle_beta   90.00
_cell.angle_gamma   90.00
#
_symmetry.space_group_name_H-M   'P 1'
#
loop_
_entity.id
_entity.type
_entity.pdbx_description
1 polymer 'Origin recognition complex subunit 2'
2 polymer 'Origin recognition complex subunit 3'
3 polymer 'Origin recognition complex subunit 4'
4 polymer 'Origin recognition complex subunit 5'
5 polymer 'Origin recognition complex subunit 6'
6 polymer 'Origin recognition complex subunit 1'
7 polymer 'Cell division control protein'
8 polymer 'DNA (34-MER)'
9 polymer 'DNA (34-MER)'
10 non-polymer "ADENOSINE-5'-TRIPHOSPHATE"
11 non-polymer 'MAGNESIUM ION'
#
loop_
_entity_poly.entity_id
_entity_poly.type
_entity_poly.pdbx_seq_one_letter_code
_entity_poly.pdbx_strand_id
1 'polypeptide(L)'
;MSASNKGGYKTPRKENLMSIENLTNSEEESEDLNTAMVGNAVESQPKVTSRRSTRRPSPTKKYQAYQKESNGKGQEERIV
VNYVEMSDERSSDAEDQEEEESIEESENAARPAAKDLHLIQSEYNVAGTSMFGFNTPKKRDAMALAALNATPCTPKTPKT
PRLGVKTPDTKRKKSMDQPKTPAHVRTRVKKQIAKIVADSDEDFSGDESDFRPSDEESSSSSSSSDAGNSSDNDAADDEP
KTPSRARRAIVVPVLPKTPSAARLRQSARAKKSNEFVPESDGYFHSHASSKILTSDHTLDRLKNPRLAADRVFSLLSEIK
TSAEHEGSINAIMEEYRSYFPKWMCILNEGFNILLYGLGSKHQLLQSFHREVLHKQTVLVVNGFFPSLTIKDMLDSITSD
ILDAGISPANPHEAVDMIEEEFALIPETHLFLIVHNLDGAMLRNVKAQAILSRLARIPNIHLLASIDHINTPLLWDQGKL
CSFNFSWWDCTTMLPYTNETAFENSLLVQNSGELALSSMRSVFSSLTTNSRGIYMLIVKYQLKNKGNATYQGMPFRDLYS
SCREAFLVSSDLALRAQLTEFLDHKLVKSKRSVDGSEQLTIPIDGALLQQFLEEQEKK
;
B
2 'polypeptide(L)'
;MDPTISVSKGCFVYKNGATRAGKKAASKRKRPAAESSSLLGKEVVQQPFYEEYRKAWNQINDHIADLQHRSYARTLEQLV
DFVVGQAERDTPDEVLPTAALLTGINQPDHLSQFTALTQRLHAQRAAMVCVLQSRDCATLKAAVETLVFGLVEDNAEVEQ
MEDEDEDEDGAERDRKRLRRSQCTMKQLKSWYTNNFDSEQKRRQLVVILPDFECFNASVLQDLILILSAHCGSLPFVLVL
GVATAMTAVHGTLPYHVSSKIRLRVFQTQAAPTGLNEVLDKVLLSPKYAFHLSGKTFKFLTHIFLYYDFSIHGFIQGFKY
CLMEHFFGGNAFALCTDYSKALGRIKQLTHEDMETIRRLPSFRPYVEQINDCKRIIAVLTDDDYLKKKLPQLLRDCLLHF
LLFRCSLEFLTELVGDLPRCPLGKLRRELYVNCLNRAIISTPEYKECLQMLSFLSKDEFVAKVNRALERTEQFLVEEIAP
LELGEACTAVLRPKLEAIRLAVDEVVKATMATITTTSPNETRQATDHLTPVASRQELKDQLLQRSKEDKMRHQLNTPTTQ
FGRALQKTLQLIETQIVQDHLRALQDAPPIHELFVFSDIATVRRNIIGAPRAALHTALNNPHFYMQCKCCELQDQSLLVG
TLPDLSVVYKLHLECGRMINLFDWLQAFRSVVSDSDHEEVAQEQIDPQIQARFTRAVAELQFLGYIKMSKRKTDHATRLT
W
;
C
3 'polypeptide(L)'
;SNAMPEADRELVSIRRFLKERLQRDYTTLRGYAKERSNVRLLLQRTAEMGESNSLLLLGPRGSGKTTLINSVLADLLPNK
SFGENTLIVHLDGNLHTDDRVALKSITVQMQLENAADGKVFGSFAENLAFLLQCLKAGGKHSKSVIFILEEFDLFCAHHN
QTLLYNLFDVSQSAQAPICVLGVTCRLDVIELLEKRVKSRFSHRQVFLFPSLRRFEDYVDLCRDLLSLPTGNSLLLAAEK
IYNLQNIQSGALYFSRNHFDPGEYGFSPRLRDAWNKQICKVLATQQARSTLQALHDFDISEAYLKNFLFRLVAHLRPQSP
HITAEKMAAVGSQFEGDDKIELLCGLSVLELCLIIAIKHHSQIYDRDSFNFEIIYARFSKFAKVSTTMQAVERSIVLKAF
EHLRIAELIMPLTGGAGGGVGKVQKEFEMHKLALTYSQIHHCMQRYQALPTEVAQWAQSSLI
;
D
4 'polypeptide(L)'
;MEAICSSLEPLFPCREAAIETLGELIGDSSETYPSAIYLFGHSGTGKTALTRAFLKECGKRQNVRTAHLNAIECYTTKIM
LEILLDSLAPDQGDALKVDNMLDFVEQLRRQAATRVEDQGFLIAVDNAERLRDMDANVLPVLLRLQELTNLNLCVILLSQ
LPFEKFYNKTGLSEIVCLHLAQYNKAETQRILGSDFQQVRNQLLEQFAQDKKRLEICQEAVTEDFYNNYLNLFLSVFYKA
CRDVPELQLTARKCLSTYLEPVLDGTVDATDISRLWRHIAGPLRSALTQIYMRIEKPAEEVEDFTAIEDQSVRKLAQSLE
LPYYAKFLLIAAFLASHNAAKQDKRLFVKHHGKQRKRMQTVNARAKTTEKMSTTLGPKSFSIDRLLAIFYAILEEKVGLT
CNLLSQISTLVHLNLLSFVSGEQNIMEGSARLQCTIGLEFVLQIGKVVGFNVRQYLCDFM
;
E
5 'polypeptide(L)'
;MTTLIEQLITKMGLREEPNVLEKTTELVRLLELRSTNVPLQINEYGKIVLCADLASCMIGIAFDKEQALKLSGLRKSQYL
NNKRMFEKLLDLNKLASVNDICVQLGLNEVARKAEELMTLFKGVAATEDMGTDTSHPQYATMAVFQACRLLKKKVSKSKL
MPFSNLRPSQFQLLEQQWERMIAKHHKESKVPSSTDMEGKLKENQNENIKGHEAKKAHKPPPEDYEIWKARMLAKAQAKL
KELEASQSHMDSQLLEA
;
F
6 'polypeptide(L)'
;SNAPRRSIHLSNIVEQRVFEDDEIISTPKRGRSKKTVQDNDEDYSPKKSVQKTPTRTRRSSTTTKTATTPSKGITTATAT
PMTPSQKMKKIRAGELSPSMQQRTDLPAKDSSKSELQLAREQLHVSVVPKSLPCREREFENIYAFLEGKIQDQCGGCMYV
SGVPGTGKTATVTGVIRTLQRMAKQNELPAFEYLEINGMRLTEPRQAYVQIYKQLTGKTVSWEQAHALLEKRFTTPAPRR
VTTVLLVDELDILCNRRQDVVYNLLDWPTKSAAKLVVVTIANTMDLPERLLMGKVTSRLGLTRLTFQPYSHKQLQEIVTA
RLGGSETFKGEAVQLVARKVAAVSGDARRALDICRRATEIADTAAVKCVTMLHVQQALAEMIASAKVQAIRNCSRMEQIF
LQAIAAEVTRTGVEETTFMGVYQQVETIAAFMGVTFPPPGRALRLCSKLGAERLIISEHSRNDLFQKILLNVSADDIHYA
LRVEEMVN
;
A
7 'polypeptide(L)'
;SNANNLPSPSRNKYQNARRVLNSAETQNLPGRESQLQELREFFSNHLESQTSGSLYVSGQPGTGKTACLSLLLRDPDFSK
RLQRVYINCTSIASVGAVYKKLCTELQLKVSGRTERDHLEAIQRHLKTAKRMLLLVLDEIDQLCTSRQEVLYTIFEWPAL
PGSRILLVGIANSLDLTDRALMRLNARCELKPRLMHFPPYSKQQIVEIFKSRLAEAEVLDVFPPVTLQLLAAKVSAISGD
VRRALDIGRRVVEIAEQQKRDGEKEFNMKALQLEGKDAVEAKEKQDTLKPVQVTQVAAVLNKVYGASQNLEEDIEASFPL
QQKLMLCTLVLMLRNERNKDISMGRLHEVYRRVCAKRNILALDQAEFTGTVDLVETRGILRIMRKKEPRLHKVLLQWDEE
EVHAALSDKQLIASILSDTACLSK
;
G
8 'polydeoxyribonucleotide'
;(DT)(DG)(DT)(DT)(DA)(DT)(DT)(DT)(DT)(DA)(DC)(DA)(DG)(DA)(DT)(DT)(DT)(DT)(DA)(DT)
(DG)(DT)(DT)(DT)(DA)(DG)(DA)(DT)(DC)(DT)(DT)(DT)(DT)(DA)(DT)(DG)(DC)(DT)(DT)(DG)
(DC)(DT)(DT)(DT)(DT)(DC)(DA)(DA)(DA)(DA)(DG)(DG)(DC)(DC)(DT)(DG)(DC)(DA)(DG)(DG)
;
H
9 'polydeoxyribonucleotide'
;(DC)(DC)(DT)(DG)(DC)(DA)(DG)(DG)(DC)(DC)(DT)(DT)(DT)(DT)(DG)(DA)(DA)(DA)(DA)(DG)
(DC)(DA)(DA)(DG)(DC)(DA)(DT)(DA)(DA)(DA)(DA)(DG)(DA)(DT)(DC)(DT)(DA)(DA)(DA)(DC)
(DA)(DT)(DA)(DA)(DA)(DA)(DT)(DC)(DT)(DG)(DT)(DA)(DA)(DA)(DA)(DT)(DA)(DA)(DC)(DA)
;
I
#
# COMPACT_ATOMS: atom_id res chain seq x y z
N PHE A 276 31.97 27.94 -11.07
CA PHE A 276 31.75 26.61 -11.61
C PHE A 276 30.74 26.64 -12.74
N VAL A 277 31.23 26.55 -13.97
CA VAL A 277 30.40 26.62 -15.17
C VAL A 277 30.72 25.44 -16.08
N PRO A 278 30.19 24.25 -15.78
CA PRO A 278 30.62 23.02 -16.47
C PRO A 278 30.29 22.99 -17.95
N GLU A 279 31.17 22.35 -18.72
CA GLU A 279 30.99 22.14 -20.15
C GLU A 279 30.30 20.80 -20.40
N SER A 280 29.36 20.81 -21.35
CA SER A 280 28.57 19.62 -21.68
C SER A 280 29.31 18.62 -22.56
N ASP A 281 30.47 19.01 -23.11
CA ASP A 281 31.22 18.10 -23.98
C ASP A 281 31.81 16.92 -23.21
N GLY A 282 32.01 17.07 -21.90
CA GLY A 282 32.43 15.94 -21.10
C GLY A 282 31.33 14.94 -20.83
N TYR A 283 30.08 15.34 -21.03
CA TYR A 283 28.98 14.38 -21.04
C TYR A 283 28.75 13.80 -22.43
N PHE A 284 28.84 14.62 -23.47
CA PHE A 284 28.58 14.14 -24.81
C PHE A 284 29.73 13.33 -25.40
N HIS A 285 30.91 13.39 -24.80
CA HIS A 285 32.04 12.54 -25.21
C HIS A 285 32.25 11.37 -24.26
N SER A 286 31.35 11.17 -23.29
CA SER A 286 31.47 10.07 -22.34
C SER A 286 30.69 8.85 -22.81
N ALA A 323 51.94 18.38 10.40
CA ALA A 323 52.81 19.28 9.65
C ALA A 323 52.23 20.69 9.61
N GLU A 324 52.37 21.35 8.44
CA GLU A 324 51.71 22.64 8.22
C GLU A 324 50.20 22.51 8.18
N HIS A 325 49.71 21.33 7.75
CA HIS A 325 48.28 21.12 7.55
C HIS A 325 47.49 21.21 8.84
N GLU A 326 48.07 20.75 9.95
CA GLU A 326 47.38 20.81 11.23
C GLU A 326 47.21 22.24 11.71
N GLY A 327 48.24 23.08 11.54
CA GLY A 327 48.13 24.47 11.94
C GLY A 327 47.19 25.26 11.03
N SER A 328 47.18 24.93 9.73
CA SER A 328 46.27 25.60 8.82
C SER A 328 44.82 25.22 9.08
N ILE A 329 44.55 23.94 9.34
CA ILE A 329 43.21 23.50 9.69
C ILE A 329 42.77 24.08 11.03
N ASN A 330 43.70 24.25 11.98
CA ASN A 330 43.34 24.86 13.24
C ASN A 330 43.03 26.35 13.09
N ALA A 331 43.74 27.05 12.20
CA ALA A 331 43.39 28.45 11.93
C ALA A 331 42.02 28.56 11.25
N ILE A 332 41.72 27.61 10.35
CA ILE A 332 40.42 27.60 9.67
C ILE A 332 39.29 27.33 10.67
N MET A 333 39.49 26.37 11.56
CA MET A 333 38.50 26.08 12.60
C MET A 333 38.35 27.22 13.59
N GLU A 334 39.43 27.95 13.90
CA GLU A 334 39.28 29.09 14.78
C GLU A 334 38.53 30.24 14.11
N GLU A 335 38.67 30.40 12.79
CA GLU A 335 37.87 31.41 12.10
C GLU A 335 36.39 31.04 12.09
N TYR A 336 36.08 29.76 11.82
CA TYR A 336 34.69 29.34 11.84
C TYR A 336 34.10 29.37 13.25
N ARG A 337 34.93 29.17 14.27
CA ARG A 337 34.51 29.39 15.65
C ARG A 337 34.27 30.87 15.93
N SER A 338 35.01 31.76 15.27
CA SER A 338 34.79 33.19 15.44
C SER A 338 33.52 33.66 14.76
N TYR A 339 32.99 32.88 13.82
CA TYR A 339 31.75 33.28 13.13
C TYR A 339 30.49 33.19 14.01
N PHE A 340 30.56 32.53 15.19
CA PHE A 340 29.35 32.11 15.91
C PHE A 340 28.36 33.21 16.35
N PRO A 341 28.77 34.35 16.95
CA PRO A 341 27.76 35.38 17.30
C PRO A 341 26.95 35.92 16.12
N LYS A 342 27.57 36.01 14.94
CA LYS A 342 26.83 36.38 13.74
C LYS A 342 25.78 35.34 13.41
N TRP A 343 26.08 34.06 13.64
CA TRP A 343 25.08 33.01 13.45
C TRP A 343 23.96 33.11 14.46
N MET A 344 24.27 33.56 15.68
CA MET A 344 23.20 33.72 16.68
C MET A 344 22.26 34.86 16.30
N CYS A 345 22.80 35.97 15.78
CA CYS A 345 21.93 37.05 15.32
C CYS A 345 21.14 36.65 14.08
N ILE A 346 21.76 35.91 13.17
CA ILE A 346 21.08 35.48 11.94
C ILE A 346 19.97 34.49 12.26
N LEU A 347 20.22 33.57 13.21
CA LEU A 347 19.16 32.68 13.67
C LEU A 347 18.08 33.43 14.43
N ASN A 348 18.43 34.52 15.12
CA ASN A 348 17.42 35.33 15.78
C ASN A 348 16.51 36.03 14.78
N GLU A 349 17.03 36.38 13.61
CA GLU A 349 16.19 37.06 12.62
C GLU A 349 15.31 36.11 11.81
N GLY A 350 15.40 34.81 12.04
CA GLY A 350 14.54 33.86 11.38
C GLY A 350 15.19 33.06 10.27
N PHE A 351 16.39 33.42 9.86
CA PHE A 351 17.10 32.61 8.89
C PHE A 351 17.65 31.35 9.54
N ASN A 352 17.78 30.29 8.76
CA ASN A 352 18.37 29.04 9.19
C ASN A 352 19.75 28.88 8.58
N ILE A 353 20.65 28.23 9.29
CA ILE A 353 22.03 28.14 8.87
C ILE A 353 22.25 26.86 8.08
N LEU A 354 22.97 26.97 6.96
CA LEU A 354 23.34 25.82 6.14
C LEU A 354 24.82 25.90 5.82
N LEU A 355 25.54 24.81 6.08
CA LEU A 355 26.98 24.76 5.82
C LEU A 355 27.24 23.83 4.65
N TYR A 356 28.15 24.23 3.74
CA TYR A 356 28.33 23.49 2.50
C TYR A 356 29.80 23.31 2.15
N GLY A 357 30.65 23.12 3.14
CA GLY A 357 32.07 22.99 2.91
C GLY A 357 32.48 21.62 2.39
N LEU A 358 33.79 21.45 2.19
CA LEU A 358 34.32 20.19 1.68
C LEU A 358 34.36 19.12 2.75
N GLY A 359 35.05 19.36 3.86
CA GLY A 359 35.32 18.34 4.84
C GLY A 359 34.19 18.17 5.83
N SER A 360 34.46 17.34 6.84
CA SER A 360 33.46 17.08 7.87
C SER A 360 33.21 18.32 8.71
N LYS A 361 31.92 18.58 8.97
CA LYS A 361 31.49 19.71 9.78
C LYS A 361 30.83 19.26 11.07
N HIS A 362 31.08 18.00 11.46
CA HIS A 362 30.51 17.47 12.70
C HIS A 362 31.07 18.19 13.92
N GLN A 363 32.39 18.38 13.97
CA GLN A 363 33.01 19.02 15.12
C GLN A 363 32.64 20.50 15.21
N LEU A 364 32.37 21.15 14.08
CA LEU A 364 32.00 22.56 14.11
C LEU A 364 30.60 22.76 14.69
N LEU A 365 29.63 21.97 14.24
CA LEU A 365 28.30 22.06 14.82
C LEU A 365 28.26 21.55 16.26
N GLN A 366 29.12 20.59 16.61
CA GLN A 366 29.22 20.20 18.01
C GLN A 366 29.82 21.30 18.87
N SER A 367 30.78 22.06 18.33
CA SER A 367 31.31 23.22 19.04
C SER A 367 30.28 24.33 19.16
N PHE A 368 29.40 24.48 18.18
CA PHE A 368 28.33 25.46 18.29
C PHE A 368 27.31 25.06 19.35
N HIS A 369 26.99 23.76 19.42
CA HIS A 369 26.11 23.28 20.49
C HIS A 369 26.76 23.38 21.86
N ARG A 370 28.08 23.21 21.92
CA ARG A 370 28.75 23.16 23.21
C ARG A 370 29.02 24.55 23.77
N GLU A 371 29.51 25.47 22.94
CA GLU A 371 29.96 26.76 23.44
C GLU A 371 28.87 27.81 23.50
N VAL A 372 27.86 27.71 22.65
CA VAL A 372 26.85 28.76 22.48
C VAL A 372 25.48 28.31 22.97
N LEU A 373 25.05 27.13 22.54
CA LEU A 373 23.74 26.61 22.94
C LEU A 373 23.84 25.70 24.16
N HIS A 374 24.62 26.11 25.16
CA HIS A 374 24.83 25.27 26.33
C HIS A 374 23.60 25.17 27.23
N LYS A 375 22.65 26.09 27.12
CA LYS A 375 21.45 26.06 27.95
C LYS A 375 20.13 26.02 27.19
N GLN A 376 20.10 26.38 25.91
CA GLN A 376 18.87 26.27 25.14
C GLN A 376 18.54 24.82 24.82
N THR A 377 17.25 24.57 24.63
CA THR A 377 16.78 23.25 24.21
C THR A 377 17.31 22.93 22.82
N VAL A 378 17.84 21.72 22.66
CA VAL A 378 18.56 21.33 21.44
C VAL A 378 18.20 19.89 21.12
N LEU A 379 17.84 19.61 19.87
CA LEU A 379 17.67 18.25 19.38
C LEU A 379 18.71 18.01 18.29
N VAL A 380 19.84 17.42 18.67
CA VAL A 380 20.81 16.97 17.66
C VAL A 380 20.22 15.81 16.88
N VAL A 381 20.41 15.82 15.56
CA VAL A 381 19.96 14.75 14.68
C VAL A 381 21.14 14.34 13.82
N ASN A 382 21.53 13.08 13.90
CA ASN A 382 22.62 12.53 13.09
C ASN A 382 22.02 12.05 11.77
N GLY A 383 22.14 12.85 10.73
CA GLY A 383 21.57 12.45 9.45
C GLY A 383 22.38 11.41 8.71
N PHE A 384 23.65 11.22 9.09
CA PHE A 384 24.47 10.19 8.46
C PHE A 384 24.17 8.80 9.01
N PHE A 385 23.29 8.71 10.00
CA PHE A 385 22.86 7.43 10.54
C PHE A 385 22.12 6.64 9.48
N PRO A 386 22.53 5.40 9.20
CA PRO A 386 21.79 4.57 8.25
C PRO A 386 20.35 4.27 8.64
N SER A 387 20.05 4.18 9.93
CA SER A 387 18.77 3.60 10.36
C SER A 387 17.84 4.59 11.06
N LEU A 388 18.09 5.89 10.97
CA LEU A 388 17.14 6.83 11.55
C LEU A 388 15.91 6.95 10.65
N THR A 389 14.78 7.28 11.26
CA THR A 389 13.55 7.53 10.52
C THR A 389 13.04 8.92 10.91
N ILE A 390 12.24 9.49 10.01
CA ILE A 390 11.60 10.77 10.33
C ILE A 390 10.55 10.59 11.43
N LYS A 391 9.99 9.38 11.57
CA LYS A 391 9.11 9.08 12.70
C LYS A 391 9.88 9.11 14.01
N ASP A 392 11.16 8.72 13.98
CA ASP A 392 11.98 8.77 15.19
C ASP A 392 12.22 10.20 15.63
N MET A 393 12.44 11.12 14.68
CA MET A 393 12.68 12.51 15.04
C MET A 393 11.41 13.21 15.50
N LEU A 394 10.29 12.97 14.81
CA LEU A 394 9.03 13.56 15.24
C LEU A 394 8.56 12.98 16.57
N ASP A 395 8.78 11.69 16.80
CA ASP A 395 8.51 11.08 18.10
C ASP A 395 9.41 11.63 19.18
N SER A 396 10.66 11.96 18.83
CA SER A 396 11.59 12.53 19.81
C SER A 396 11.14 13.92 20.23
N ILE A 397 10.73 14.74 19.27
CA ILE A 397 10.24 16.09 19.59
C ILE A 397 8.95 16.01 20.41
N THR A 398 7.98 15.21 19.93
CA THR A 398 6.66 15.15 20.55
C THR A 398 6.71 14.53 21.94
N SER A 399 7.57 13.53 22.15
CA SER A 399 7.62 12.87 23.45
C SER A 399 8.54 13.56 24.44
N ASP A 400 9.74 14.02 24.01
CA ASP A 400 10.69 14.53 24.97
C ASP A 400 10.62 16.05 25.12
N ILE A 401 10.35 16.79 24.04
CA ILE A 401 10.33 18.24 24.19
C ILE A 401 9.02 18.69 24.80
N LEU A 402 7.92 18.12 24.36
CA LEU A 402 6.59 18.62 24.74
C LEU A 402 5.85 17.73 25.72
N ASP A 403 6.37 16.53 26.03
CA ASP A 403 5.74 15.53 26.89
C ASP A 403 4.33 15.18 26.41
N ALA A 404 4.14 15.13 25.09
CA ALA A 404 2.84 14.89 24.49
C ALA A 404 2.62 13.44 24.10
N GLY A 405 3.48 12.53 24.51
CA GLY A 405 3.33 11.14 24.13
C GLY A 405 3.81 10.88 22.71
N ILE A 406 3.40 9.72 22.19
CA ILE A 406 3.81 9.30 20.85
C ILE A 406 3.13 10.19 19.81
N SER A 407 3.86 10.50 18.74
CA SER A 407 3.30 11.28 17.65
C SER A 407 2.34 10.42 16.83
N PRO A 408 1.37 11.05 16.17
CA PRO A 408 0.49 10.30 15.25
C PRO A 408 1.25 9.70 14.08
N ALA A 409 0.74 8.57 13.61
CA ALA A 409 1.44 7.75 12.61
C ALA A 409 1.60 8.46 11.27
N ASN A 410 0.72 9.40 10.95
CA ASN A 410 0.93 10.24 9.77
C ASN A 410 1.93 11.32 10.14
N PRO A 411 3.10 11.40 9.48
CA PRO A 411 4.11 12.41 9.84
C PRO A 411 3.65 13.86 9.68
N HIS A 412 2.82 14.16 8.68
CA HIS A 412 2.34 15.52 8.52
C HIS A 412 1.33 15.88 9.61
N GLU A 413 0.59 14.89 10.11
CA GLU A 413 -0.24 15.11 11.29
C GLU A 413 0.63 15.41 12.51
N ALA A 414 1.80 14.77 12.59
CA ALA A 414 2.72 15.05 13.69
C ALA A 414 3.30 16.47 13.57
N VAL A 415 3.56 16.92 12.34
CA VAL A 415 4.04 18.29 12.18
C VAL A 415 2.94 19.30 12.48
N ASP A 416 1.68 18.98 12.16
CA ASP A 416 0.56 19.86 12.55
C ASP A 416 0.42 19.93 14.06
N MET A 417 0.62 18.81 14.75
CA MET A 417 0.56 18.77 16.20
C MET A 417 1.72 19.56 16.82
N ILE A 418 2.91 19.43 16.24
CA ILE A 418 4.08 20.17 16.74
C ILE A 418 3.91 21.66 16.52
N GLU A 419 3.29 22.05 15.40
CA GLU A 419 3.03 23.46 15.14
C GLU A 419 2.00 24.04 16.12
N GLU A 420 0.98 23.26 16.48
CA GLU A 420 0.01 23.73 17.47
C GLU A 420 0.64 23.86 18.86
N GLU A 421 1.36 22.82 19.31
CA GLU A 421 1.96 22.86 20.64
C GLU A 421 3.07 23.90 20.74
N PHE A 422 3.80 24.17 19.65
CA PHE A 422 4.79 25.24 19.70
C PHE A 422 4.18 26.61 19.50
N ALA A 423 2.99 26.71 18.91
CA ALA A 423 2.26 27.96 18.95
C ALA A 423 1.78 28.28 20.35
N LEU A 424 1.51 27.25 21.16
CA LEU A 424 1.07 27.50 22.53
C LEU A 424 2.19 28.00 23.44
N ILE A 425 3.45 27.84 23.08
CA ILE A 425 4.55 28.24 23.97
C ILE A 425 5.55 29.17 23.29
N PRO A 426 5.32 30.47 23.30
CA PRO A 426 6.35 31.43 22.92
C PRO A 426 7.51 31.43 23.91
N GLU A 427 8.66 31.90 23.41
CA GLU A 427 9.97 31.95 24.11
C GLU A 427 10.36 30.61 24.74
N THR A 428 10.04 29.53 24.04
CA THR A 428 10.59 28.20 24.32
C THR A 428 11.16 27.69 22.98
N HIS A 429 12.26 28.30 22.57
CA HIS A 429 12.87 27.99 21.29
C HIS A 429 13.51 26.61 21.30
N LEU A 430 13.36 25.89 20.19
CA LEU A 430 13.94 24.56 20.01
C LEU A 430 14.97 24.65 18.89
N PHE A 431 16.24 24.60 19.25
CA PHE A 431 17.28 24.52 18.24
C PHE A 431 17.33 23.11 17.67
N LEU A 432 17.67 23.01 16.40
CA LEU A 432 17.61 21.74 15.67
C LEU A 432 18.86 21.65 14.81
N ILE A 433 19.82 20.83 15.24
CA ILE A 433 21.08 20.66 14.55
C ILE A 433 21.01 19.34 13.78
N VAL A 434 21.13 19.42 12.46
CA VAL A 434 21.08 18.23 11.61
C VAL A 434 22.40 18.17 10.85
N HIS A 435 23.33 17.36 11.35
CA HIS A 435 24.47 16.98 10.54
C HIS A 435 23.97 16.18 9.36
N ASN A 436 24.45 16.52 8.17
CA ASN A 436 24.03 15.94 6.87
C ASN A 436 22.53 15.91 6.61
N LEU A 437 22.02 17.07 6.21
CA LEU A 437 20.61 17.17 5.83
C LEU A 437 20.30 16.31 4.61
N ASP A 438 21.34 15.98 3.84
CA ASP A 438 21.27 15.03 2.73
C ASP A 438 21.60 13.61 3.17
N GLY A 439 20.98 13.17 4.27
CA GLY A 439 21.40 11.95 4.91
C GLY A 439 20.93 10.69 4.19
N ALA A 440 21.36 9.55 4.72
CA ALA A 440 21.09 8.28 4.07
C ALA A 440 19.60 7.92 4.07
N MET A 441 18.85 8.36 5.07
CA MET A 441 17.42 8.15 5.10
C MET A 441 16.62 9.44 4.98
N LEU A 442 17.28 10.57 4.73
CA LEU A 442 16.61 11.84 4.51
C LEU A 442 16.60 12.25 3.04
N ARG A 443 17.04 11.38 2.14
CA ARG A 443 17.12 11.70 0.72
C ARG A 443 15.79 11.57 -0.01
N ASN A 444 14.75 11.06 0.62
CA ASN A 444 13.43 11.12 0.02
C ASN A 444 12.83 12.52 0.18
N VAL A 445 11.91 12.85 -0.73
CA VAL A 445 11.28 14.17 -0.76
C VAL A 445 10.41 14.40 0.47
N LYS A 446 9.82 13.34 1.04
CA LYS A 446 8.87 13.49 2.13
C LYS A 446 9.54 13.95 3.42
N ALA A 447 10.72 13.38 3.74
CA ALA A 447 11.43 13.82 4.94
C ALA A 447 11.93 15.25 4.81
N GLN A 448 12.31 15.67 3.60
CA GLN A 448 12.67 17.07 3.40
C GLN A 448 11.46 18.00 3.51
N ALA A 449 10.28 17.53 3.10
CA ALA A 449 9.07 18.33 3.29
C ALA A 449 8.73 18.47 4.77
N ILE A 450 8.96 17.41 5.55
CA ILE A 450 8.74 17.46 6.99
C ILE A 450 9.74 18.41 7.66
N LEU A 451 11.00 18.34 7.24
CA LEU A 451 12.02 19.23 7.80
C LEU A 451 11.79 20.69 7.41
N SER A 452 11.26 20.94 6.20
CA SER A 452 10.96 22.31 5.82
C SER A 452 9.76 22.85 6.57
N ARG A 453 8.74 22.01 6.79
CA ARG A 453 7.59 22.42 7.59
C ARG A 453 7.97 22.66 9.04
N LEU A 454 8.97 21.93 9.55
CA LEU A 454 9.45 22.18 10.90
C LEU A 454 10.29 23.46 10.97
N ALA A 455 11.11 23.72 9.95
CA ALA A 455 11.91 24.93 9.95
C ALA A 455 11.09 26.17 9.67
N ARG A 456 9.88 26.03 9.14
CA ARG A 456 8.98 27.17 8.95
C ARG A 456 8.55 27.80 10.28
N ILE A 457 8.53 27.02 11.35
CA ILE A 457 8.01 27.46 12.65
C ILE A 457 8.91 28.55 13.23
N PRO A 458 8.34 29.67 13.69
CA PRO A 458 9.15 30.72 14.33
C PRO A 458 9.95 30.27 15.55
N ASN A 459 9.42 29.34 16.33
CA ASN A 459 10.13 28.88 17.52
C ASN A 459 11.34 28.02 17.16
N ILE A 460 11.18 27.15 16.17
CA ILE A 460 12.24 26.20 15.83
C ILE A 460 13.25 26.88 14.92
N HIS A 461 14.52 26.87 15.34
CA HIS A 461 15.63 27.31 14.52
C HIS A 461 16.43 26.09 14.08
N LEU A 462 17.06 26.19 12.91
CA LEU A 462 17.69 25.04 12.28
C LEU A 462 19.10 25.37 11.83
N LEU A 463 20.05 24.52 12.21
CA LEU A 463 21.37 24.48 11.61
C LEU A 463 21.54 23.15 10.91
N ALA A 464 22.18 23.15 9.74
CA ALA A 464 22.28 21.90 9.01
C ALA A 464 23.54 21.86 8.16
N SER A 465 24.01 20.64 7.90
CA SER A 465 25.17 20.40 7.05
C SER A 465 24.73 19.77 5.72
N ILE A 466 25.52 20.03 4.67
CA ILE A 466 25.26 19.54 3.33
C ILE A 466 26.58 18.98 2.79
N ASP A 467 26.52 17.78 2.20
CA ASP A 467 27.75 17.19 1.69
C ASP A 467 27.64 16.73 0.23
N HIS A 468 26.50 16.15 -0.13
CA HIS A 468 26.32 15.62 -1.48
C HIS A 468 26.22 16.74 -2.51
N ILE A 469 26.78 16.48 -3.71
CA ILE A 469 26.79 17.48 -4.77
C ILE A 469 25.40 17.69 -5.36
N ASN A 470 24.52 16.69 -5.27
CA ASN A 470 23.22 16.71 -5.91
C ASN A 470 22.09 17.00 -4.94
N THR A 471 22.42 17.57 -3.78
CA THR A 471 21.42 17.83 -2.75
C THR A 471 20.24 18.73 -3.16
N PRO A 472 20.40 19.90 -3.80
CA PRO A 472 19.23 20.73 -4.06
C PRO A 472 18.30 20.24 -5.16
N LEU A 473 18.50 19.03 -5.70
CA LEU A 473 17.54 18.46 -6.64
C LEU A 473 16.23 18.08 -5.97
N LEU A 474 16.24 17.84 -4.66
CA LEU A 474 15.00 17.53 -3.94
C LEU A 474 14.35 18.74 -3.26
N TRP A 475 14.98 19.90 -3.26
CA TRP A 475 14.39 21.12 -2.73
C TRP A 475 13.75 21.89 -3.87
N ASP A 476 12.42 21.86 -3.94
CA ASP A 476 11.74 22.78 -4.84
C ASP A 476 11.61 24.15 -4.17
N GLN A 477 11.01 25.10 -4.88
CA GLN A 477 10.94 26.48 -4.38
C GLN A 477 10.07 26.60 -3.14
N GLY A 478 9.10 25.70 -2.95
CA GLY A 478 8.32 25.72 -1.72
C GLY A 478 9.12 25.29 -0.50
N LYS A 479 9.92 24.22 -0.65
CA LYS A 479 10.79 23.81 0.44
C LYS A 479 11.92 24.80 0.66
N LEU A 480 12.45 25.35 -0.44
CA LEU A 480 13.55 26.29 -0.34
C LEU A 480 13.08 27.64 0.19
N CYS A 481 11.78 27.91 0.13
CA CYS A 481 11.20 29.06 0.80
C CYS A 481 10.86 28.76 2.25
N SER A 482 10.48 27.53 2.57
CA SER A 482 10.29 27.17 3.98
C SER A 482 11.62 27.06 4.70
N PHE A 483 12.61 26.46 4.06
CA PHE A 483 13.99 26.50 4.53
C PHE A 483 14.56 27.88 4.27
N ASN A 484 14.43 28.80 5.22
CA ASN A 484 14.90 30.17 4.99
C ASN A 484 16.42 30.23 5.21
N PHE A 485 17.15 29.58 4.29
CA PHE A 485 18.56 29.30 4.51
C PHE A 485 19.43 30.54 4.39
N SER A 486 20.44 30.59 5.24
CA SER A 486 21.57 31.52 5.12
C SER A 486 22.78 30.64 4.87
N TRP A 487 23.19 30.55 3.60
CA TRP A 487 24.28 29.67 3.23
C TRP A 487 25.61 30.19 3.76
N TRP A 488 26.45 29.28 4.24
CA TRP A 488 27.72 29.65 4.84
C TRP A 488 28.77 28.63 4.43
N ASP A 489 29.86 29.11 3.82
CA ASP A 489 30.91 28.22 3.32
C ASP A 489 31.85 27.89 4.47
N CYS A 490 31.52 26.83 5.20
CA CYS A 490 32.35 26.34 6.30
C CYS A 490 33.18 25.16 5.78
N THR A 491 34.21 25.49 5.01
CA THR A 491 35.09 24.48 4.41
C THR A 491 36.23 24.16 5.37
N THR A 492 35.93 23.27 6.30
CA THR A 492 36.98 22.57 7.03
C THR A 492 37.58 21.51 6.13
N MET A 493 38.81 21.10 6.42
CA MET A 493 39.48 20.09 5.63
C MET A 493 39.55 18.74 6.34
N LEU A 494 38.73 18.55 7.36
CA LEU A 494 38.77 17.34 8.16
C LEU A 494 38.26 16.13 7.37
N PRO A 495 38.85 14.96 7.57
CA PRO A 495 38.35 13.74 6.91
C PRO A 495 36.96 13.34 7.39
N TYR A 496 36.22 12.68 6.51
CA TYR A 496 34.88 12.18 6.82
C TYR A 496 35.02 10.85 7.58
N THR A 497 35.33 10.95 8.87
CA THR A 497 35.44 9.74 9.68
C THR A 497 34.07 9.20 10.05
N ASN A 498 33.32 9.97 10.85
CA ASN A 498 32.06 9.51 11.41
C ASN A 498 30.99 9.34 10.36
N GLU A 499 31.01 10.19 9.32
CA GLU A 499 29.97 10.14 8.29
C GLU A 499 30.07 8.87 7.45
N THR A 500 31.28 8.36 7.25
CA THR A 500 31.49 7.16 6.46
C THR A 500 31.80 5.93 7.30
N ALA A 501 31.82 6.07 8.63
CA ALA A 501 32.06 4.93 9.49
C ALA A 501 30.92 3.93 9.50
N PHE A 502 29.70 4.36 9.15
CA PHE A 502 28.52 3.52 9.24
C PHE A 502 28.39 2.63 8.00
N GLU A 503 27.38 1.76 8.02
CA GLU A 503 27.26 0.65 7.10
C GLU A 503 26.92 1.07 5.67
N ASN A 504 26.46 2.31 5.47
CA ASN A 504 26.08 2.77 4.14
C ASN A 504 27.28 2.93 3.20
N SER A 505 28.49 3.11 3.74
CA SER A 505 29.67 3.21 2.89
C SER A 505 30.90 2.63 3.59
N ALA A 515 37.00 -14.29 -0.95
CA ALA A 515 38.11 -14.23 0.01
C ALA A 515 38.52 -15.63 0.45
N LEU A 516 39.73 -16.03 0.04
CA LEU A 516 40.25 -17.35 0.41
C LEU A 516 40.47 -17.48 1.91
N SER A 517 40.82 -16.39 2.60
CA SER A 517 41.07 -16.45 4.04
C SER A 517 39.77 -16.68 4.82
N SER A 518 38.69 -15.97 4.43
CA SER A 518 37.41 -16.22 5.08
C SER A 518 36.87 -17.60 4.75
N MET A 519 37.15 -18.11 3.55
CA MET A 519 36.74 -19.45 3.18
C MET A 519 37.48 -20.50 4.01
N ARG A 520 38.77 -20.26 4.30
CA ARG A 520 39.48 -21.18 5.18
C ARG A 520 38.97 -21.09 6.62
N SER A 521 38.63 -19.87 7.07
CA SER A 521 38.15 -19.70 8.44
C SER A 521 36.77 -20.33 8.65
N VAL A 522 35.94 -20.38 7.63
CA VAL A 522 34.66 -21.06 7.76
C VAL A 522 34.80 -22.56 7.47
N PHE A 523 35.77 -22.95 6.63
CA PHE A 523 36.01 -24.36 6.35
C PHE A 523 36.59 -25.08 7.56
N SER A 524 37.32 -24.36 8.43
CA SER A 524 37.85 -24.98 9.64
C SER A 524 36.75 -25.40 10.61
N SER A 525 35.62 -24.69 10.62
CA SER A 525 34.57 -24.98 11.57
C SER A 525 33.66 -26.12 11.13
N LEU A 526 33.74 -26.53 9.86
CA LEU A 526 32.86 -27.57 9.35
C LEU A 526 33.28 -28.95 9.87
N THR A 527 32.32 -29.86 9.90
CA THR A 527 32.55 -31.26 10.23
C THR A 527 33.17 -31.98 9.03
N THR A 528 33.50 -33.27 9.23
CA THR A 528 34.22 -34.03 8.21
C THR A 528 33.38 -34.23 6.95
N ASN A 529 32.10 -34.55 7.09
CA ASN A 529 31.25 -34.77 5.92
C ASN A 529 31.00 -33.48 5.15
N SER A 530 30.89 -32.33 5.84
CA SER A 530 30.78 -31.06 5.13
C SER A 530 32.06 -30.73 4.39
N ARG A 531 33.22 -31.10 4.96
CA ARG A 531 34.48 -30.95 4.26
C ARG A 531 34.53 -31.81 3.02
N GLY A 532 33.94 -33.01 3.09
CA GLY A 532 33.92 -33.88 1.92
C GLY A 532 32.99 -33.37 0.83
N ILE A 533 31.86 -32.79 1.23
CA ILE A 533 30.92 -32.24 0.25
C ILE A 533 31.52 -31.03 -0.46
N TYR A 534 32.12 -30.11 0.31
CA TYR A 534 32.76 -28.96 -0.31
C TYR A 534 33.99 -29.35 -1.13
N MET A 535 34.72 -30.40 -0.72
CA MET A 535 35.82 -30.88 -1.54
C MET A 535 35.33 -31.53 -2.82
N LEU A 536 34.14 -32.14 -2.81
CA LEU A 536 33.57 -32.67 -4.04
C LEU A 536 33.20 -31.55 -5.01
N ILE A 537 32.60 -30.47 -4.49
CA ILE A 537 32.31 -29.33 -5.39
C ILE A 537 33.59 -28.66 -5.87
N VAL A 538 34.64 -28.62 -5.03
CA VAL A 538 35.91 -28.02 -5.44
C VAL A 538 36.59 -28.87 -6.51
N LYS A 539 36.56 -30.19 -6.36
CA LYS A 539 37.14 -31.08 -7.36
C LYS A 539 36.39 -31.01 -8.68
N TYR A 540 35.06 -30.93 -8.64
CA TYR A 540 34.30 -30.78 -9.87
C TYR A 540 34.54 -29.42 -10.53
N GLN A 541 34.72 -28.37 -9.75
CA GLN A 541 34.97 -27.05 -10.33
C GLN A 541 36.34 -26.97 -10.98
N LEU A 542 37.37 -27.50 -10.30
CA LEU A 542 38.70 -27.52 -10.90
C LEU A 542 38.80 -28.50 -12.06
N LYS A 543 38.02 -29.58 -12.03
CA LYS A 543 38.01 -30.51 -13.15
C LYS A 543 37.29 -29.95 -14.37
N ASN A 544 36.26 -29.12 -14.17
CA ASN A 544 35.46 -28.63 -15.27
C ASN A 544 35.69 -27.16 -15.61
N LYS A 545 36.62 -26.50 -14.92
CA LYS A 545 37.00 -25.08 -15.14
C LYS A 545 35.83 -24.09 -15.10
N GLY A 552 29.63 -24.50 -12.73
CA GLY A 552 28.81 -24.95 -11.61
C GLY A 552 28.23 -26.33 -11.84
N MET A 553 28.38 -27.20 -10.83
CA MET A 553 27.93 -28.57 -11.01
C MET A 553 26.42 -28.67 -10.89
N PRO A 554 25.78 -29.53 -11.68
CA PRO A 554 24.37 -29.87 -11.42
C PRO A 554 24.24 -30.61 -10.10
N PHE A 555 23.08 -30.43 -9.47
CA PHE A 555 22.83 -30.98 -8.14
C PHE A 555 22.84 -32.51 -8.13
N ARG A 556 22.40 -33.15 -9.21
CA ARG A 556 22.30 -34.61 -9.23
C ARG A 556 23.67 -35.29 -9.18
N ASP A 557 24.70 -34.67 -9.76
CA ASP A 557 26.03 -35.27 -9.68
C ASP A 557 26.59 -35.19 -8.27
N LEU A 558 26.36 -34.07 -7.57
CA LEU A 558 26.76 -33.97 -6.17
C LEU A 558 26.00 -34.95 -5.30
N TYR A 559 24.72 -35.18 -5.62
CA TYR A 559 23.92 -36.11 -4.83
C TYR A 559 24.38 -37.55 -5.02
N SER A 560 24.67 -37.95 -6.27
CA SER A 560 25.17 -39.30 -6.51
C SER A 560 26.58 -39.50 -5.96
N SER A 561 27.42 -38.46 -6.04
CA SER A 561 28.76 -38.58 -5.47
C SER A 561 28.74 -38.67 -3.95
N CYS A 562 27.82 -37.96 -3.30
CA CYS A 562 27.73 -38.06 -1.84
C CYS A 562 27.13 -39.38 -1.41
N ARG A 563 26.15 -39.90 -2.15
CA ARG A 563 25.61 -41.21 -1.80
C ARG A 563 26.59 -42.33 -2.09
N GLU A 564 27.50 -42.15 -3.06
CA GLU A 564 28.55 -43.13 -3.28
C GLU A 564 29.63 -43.05 -2.20
N ALA A 565 29.99 -41.84 -1.78
CA ALA A 565 31.03 -41.65 -0.78
C ALA A 565 30.49 -41.72 0.65
N PHE A 566 29.19 -41.98 0.82
CA PHE A 566 28.49 -42.07 2.11
C PHE A 566 28.61 -40.78 2.93
N LEU A 567 28.65 -39.64 2.26
CA LEU A 567 28.74 -38.36 2.94
C LEU A 567 27.38 -37.81 3.36
N VAL A 568 26.28 -38.46 3.00
CA VAL A 568 24.96 -37.93 3.30
C VAL A 568 24.00 -39.12 3.43
N SER A 569 22.93 -38.93 4.21
CA SER A 569 21.95 -39.98 4.44
C SER A 569 20.83 -39.97 3.40
N SER A 570 20.38 -38.80 3.00
CA SER A 570 19.30 -38.66 2.03
C SER A 570 19.44 -37.30 1.37
N ASP A 571 18.48 -36.94 0.52
CA ASP A 571 18.56 -35.69 -0.21
C ASP A 571 18.42 -34.47 0.69
N LEU A 572 17.56 -34.55 1.71
CA LEU A 572 17.22 -33.38 2.50
C LEU A 572 18.37 -32.92 3.39
N ALA A 573 19.21 -33.85 3.85
CA ALA A 573 20.41 -33.45 4.59
C ALA A 573 21.42 -32.76 3.68
N LEU A 574 21.52 -33.19 2.42
CA LEU A 574 22.39 -32.50 1.47
C LEU A 574 21.87 -31.11 1.14
N ARG A 575 20.53 -30.96 1.07
CA ARG A 575 19.96 -29.64 0.87
C ARG A 575 20.19 -28.75 2.09
N ALA A 576 20.20 -29.33 3.29
CA ALA A 576 20.52 -28.56 4.48
C ALA A 576 21.99 -28.12 4.50
N GLN A 577 22.89 -28.99 4.03
CA GLN A 577 24.30 -28.62 3.96
C GLN A 577 24.54 -27.52 2.93
N LEU A 578 23.88 -27.61 1.77
CA LEU A 578 24.02 -26.53 0.79
C LEU A 578 23.33 -25.26 1.24
N THR A 579 22.28 -25.35 2.07
CA THR A 579 21.69 -24.16 2.65
C THR A 579 22.66 -23.51 3.64
N GLU A 580 23.41 -24.32 4.38
CA GLU A 580 24.46 -23.78 5.25
C GLU A 580 25.59 -23.13 4.44
N PHE A 581 25.94 -23.72 3.30
CA PHE A 581 26.96 -23.13 2.45
C PHE A 581 26.48 -21.83 1.82
N LEU A 582 25.19 -21.74 1.48
CA LEU A 582 24.63 -20.47 1.01
C LEU A 582 24.62 -19.43 2.12
N ASP A 583 24.41 -19.87 3.37
CA ASP A 583 24.45 -18.95 4.50
C ASP A 583 25.86 -18.42 4.72
N HIS A 584 26.86 -19.27 4.53
CA HIS A 584 28.25 -18.86 4.71
C HIS A 584 28.94 -18.53 3.40
N LYS A 585 28.17 -18.39 2.31
CA LYS A 585 28.55 -17.81 1.00
C LYS A 585 29.72 -18.53 0.31
N LEU A 586 29.95 -19.80 0.67
CA LEU A 586 30.94 -20.58 -0.08
C LEU A 586 30.44 -20.99 -1.44
N VAL A 587 29.13 -21.08 -1.64
CA VAL A 587 28.52 -21.66 -2.83
C VAL A 587 27.38 -20.75 -3.27
N LYS A 588 27.35 -20.43 -4.57
CA LYS A 588 26.22 -19.72 -5.17
C LYS A 588 25.37 -20.72 -5.93
N SER A 589 24.06 -20.66 -5.72
CA SER A 589 23.12 -21.56 -6.36
C SER A 589 22.42 -20.83 -7.50
N LYS A 590 22.63 -21.29 -8.73
CA LYS A 590 22.04 -20.71 -9.92
C LYS A 590 21.15 -21.75 -10.59
N ARG A 591 19.84 -21.54 -10.51
CA ARG A 591 18.89 -22.48 -11.10
C ARG A 591 18.90 -22.38 -12.62
N SER A 592 18.74 -23.53 -13.28
CA SER A 592 18.67 -23.63 -14.73
C SER A 592 17.23 -23.61 -15.19
N VAL A 593 17.04 -23.40 -16.50
CA VAL A 593 15.70 -23.40 -17.10
C VAL A 593 15.10 -24.81 -17.11
N ASP A 594 15.93 -25.84 -17.04
CA ASP A 594 15.47 -27.22 -17.00
C ASP A 594 15.04 -27.65 -15.60
N GLY A 595 15.24 -26.82 -14.59
CA GLY A 595 14.89 -27.14 -13.23
C GLY A 595 16.02 -27.68 -12.38
N SER A 596 17.15 -28.03 -12.98
CA SER A 596 18.31 -28.46 -12.20
C SER A 596 18.98 -27.27 -11.52
N GLU A 597 19.56 -27.52 -10.36
CA GLU A 597 20.21 -26.49 -9.56
C GLU A 597 21.72 -26.54 -9.81
N GLN A 598 22.29 -25.41 -10.20
CA GLN A 598 23.73 -25.31 -10.46
C GLN A 598 24.42 -24.76 -9.22
N LEU A 599 25.64 -25.26 -8.97
CA LEU A 599 26.38 -24.96 -7.73
C LEU A 599 27.75 -24.36 -8.07
N THR A 600 27.77 -23.06 -8.36
CA THR A 600 29.01 -22.38 -8.65
C THR A 600 29.75 -22.08 -7.34
N ILE A 601 31.08 -22.11 -7.40
CA ILE A 601 31.93 -21.58 -6.34
C ILE A 601 32.47 -20.23 -6.79
N PRO A 602 32.13 -19.12 -6.11
CA PRO A 602 32.47 -17.78 -6.61
C PRO A 602 33.90 -17.31 -6.30
N ILE A 603 34.88 -18.10 -6.71
CA ILE A 603 36.29 -17.82 -6.48
C ILE A 603 37.06 -18.29 -7.72
N ASP A 604 38.07 -17.51 -8.11
CA ASP A 604 38.89 -17.81 -9.28
C ASP A 604 39.65 -19.13 -9.10
N GLY A 605 39.92 -19.79 -10.23
CA GLY A 605 40.41 -21.16 -10.18
C GLY A 605 41.85 -21.33 -9.78
N ALA A 606 42.65 -20.26 -9.82
CA ALA A 606 44.02 -20.35 -9.32
C ALA A 606 44.03 -20.45 -7.80
N LEU A 607 43.24 -19.59 -7.14
CA LEU A 607 43.09 -19.68 -5.69
C LEU A 607 42.37 -20.95 -5.27
N LEU A 608 41.44 -21.45 -6.10
CA LEU A 608 40.78 -22.72 -5.80
C LEU A 608 41.75 -23.89 -5.94
N GLN A 609 42.66 -23.84 -6.91
CA GLN A 609 43.68 -24.87 -7.02
C GLN A 609 44.66 -24.81 -5.86
N GLN A 610 44.99 -23.60 -5.40
CA GLN A 610 45.80 -23.47 -4.20
C GLN A 610 45.07 -23.97 -2.96
N PHE A 611 43.75 -23.80 -2.91
CA PHE A 611 42.96 -24.30 -1.78
C PHE A 611 42.91 -25.82 -1.77
N LEU A 612 42.75 -26.43 -2.95
CA LEU A 612 42.80 -27.88 -3.05
C LEU A 612 44.18 -28.43 -2.70
N GLU A 613 45.24 -27.69 -3.05
CA GLU A 613 46.58 -28.08 -2.59
C GLU A 613 46.75 -27.89 -1.10
N GLU A 614 46.07 -26.90 -0.51
CA GLU A 614 46.08 -26.73 0.94
C GLU A 614 45.37 -27.87 1.66
N GLN A 615 44.35 -28.46 1.04
CA GLN A 615 43.65 -29.56 1.69
C GLN A 615 44.38 -30.89 1.56
N GLU A 616 45.45 -30.96 0.78
CA GLU A 616 46.27 -32.16 0.69
C GLU A 616 47.54 -32.02 1.53
N MET B 1 34.23 7.20 20.85
CA MET B 1 34.28 8.53 20.28
C MET B 1 33.42 9.51 21.08
N ASP B 2 32.84 10.48 20.38
CA ASP B 2 31.99 11.47 21.01
C ASP B 2 30.70 10.79 21.51
N PRO B 3 30.17 11.22 22.66
CA PRO B 3 28.89 10.68 23.14
C PRO B 3 27.71 10.89 22.19
N THR B 4 27.73 11.97 21.39
CA THR B 4 26.70 12.16 20.38
C THR B 4 26.76 11.10 19.29
N ILE B 5 27.94 10.54 19.04
CA ILE B 5 28.08 9.53 17.98
C ILE B 5 27.77 8.17 18.59
N SER B 6 26.51 7.75 18.49
CA SER B 6 26.08 6.46 19.03
C SER B 6 25.71 5.50 17.91
N VAL B 7 25.92 4.21 18.16
CA VAL B 7 25.62 3.18 17.19
C VAL B 7 24.12 2.86 17.16
N SER B 8 23.37 3.26 18.19
CA SER B 8 21.96 2.90 18.31
C SER B 8 21.02 4.06 18.03
N LYS B 9 21.13 5.14 18.79
CA LYS B 9 20.23 6.28 18.63
C LYS B 9 20.61 7.13 17.43
N GLY B 10 19.62 7.83 16.88
CA GLY B 10 19.85 8.79 15.81
C GLY B 10 19.54 10.22 16.18
N CYS B 11 18.78 10.43 17.25
CA CYS B 11 18.40 11.76 17.70
C CYS B 11 18.71 11.88 19.20
N PHE B 12 19.14 13.06 19.61
CA PHE B 12 19.69 13.26 20.96
C PHE B 12 19.13 14.53 21.57
N VAL B 13 18.14 14.37 22.42
CA VAL B 13 17.50 15.48 23.12
C VAL B 13 18.48 16.07 24.14
N TYR B 14 18.49 17.40 24.22
CA TYR B 14 19.17 18.09 25.32
C TYR B 14 18.17 19.04 25.97
N LYS B 15 17.09 18.47 26.50
CA LYS B 15 15.97 19.25 27.03
C LYS B 15 16.40 20.04 28.26
N ASN B 16 15.92 21.29 28.35
CA ASN B 16 16.23 22.18 29.45
C ASN B 16 14.93 22.85 29.92
N GLY B 17 14.00 22.03 30.40
CA GLY B 17 12.77 22.54 30.97
C GLY B 17 11.70 22.98 30.00
N ALA B 18 11.68 22.42 28.79
CA ALA B 18 10.59 22.71 27.85
C ALA B 18 9.28 22.12 28.37
N THR B 19 8.20 22.87 28.22
CA THR B 19 6.91 22.53 28.82
C THR B 19 5.97 22.07 27.71
N ARG B 20 4.72 22.54 27.65
CA ARG B 20 3.76 22.10 26.66
C ARG B 20 2.69 23.16 26.43
N SER B 38 13.88 36.81 20.12
CA SER B 38 14.17 36.99 21.53
C SER B 38 15.28 36.06 22.01
N LEU B 39 15.98 35.43 21.06
CA LEU B 39 17.12 34.59 21.39
C LEU B 39 18.26 35.36 22.02
N LEU B 40 18.45 36.61 21.61
CA LEU B 40 19.59 37.40 22.03
C LEU B 40 19.41 37.91 23.45
N GLY B 41 20.54 38.20 24.09
CA GLY B 41 20.53 38.79 25.41
C GLY B 41 20.20 40.27 25.35
N LYS B 42 20.11 40.87 26.54
CA LYS B 42 19.69 42.26 26.66
C LYS B 42 20.74 43.24 26.16
N GLU B 43 22.00 42.81 26.02
CA GLU B 43 23.02 43.71 25.49
C GLU B 43 22.75 44.05 24.03
N VAL B 44 22.25 43.10 23.25
CA VAL B 44 22.09 43.34 21.82
C VAL B 44 20.79 44.08 21.54
N VAL B 45 19.70 43.70 22.22
CA VAL B 45 18.39 44.31 21.98
C VAL B 45 18.39 45.78 22.42
N GLN B 46 19.14 46.12 23.46
CA GLN B 46 19.21 47.50 23.90
C GLN B 46 20.25 48.32 23.14
N GLN B 47 21.02 47.69 22.25
CA GLN B 47 21.88 48.45 21.37
C GLN B 47 21.05 49.24 20.37
N PRO B 48 21.41 50.48 20.08
CA PRO B 48 20.64 51.29 19.12
C PRO B 48 20.55 50.74 17.70
N PHE B 49 21.57 50.02 17.21
CA PHE B 49 21.50 49.52 15.84
C PHE B 49 20.45 48.43 15.68
N TYR B 50 20.24 47.61 16.71
CA TYR B 50 19.13 46.66 16.67
C TYR B 50 17.78 47.37 16.71
N GLU B 51 17.70 48.51 17.40
CA GLU B 51 16.46 49.27 17.43
C GLU B 51 16.13 49.87 16.07
N GLU B 52 17.12 50.50 15.42
CA GLU B 52 16.88 51.07 14.11
C GLU B 52 16.65 50.01 13.05
N TYR B 53 17.31 48.85 13.18
CA TYR B 53 17.07 47.76 12.23
C TYR B 53 15.66 47.20 12.38
N ARG B 54 15.21 47.00 13.62
CA ARG B 54 13.85 46.51 13.85
C ARG B 54 12.80 47.52 13.39
N LYS B 55 13.09 48.83 13.55
CA LYS B 55 12.14 49.85 13.12
C LYS B 55 12.02 49.90 11.61
N ALA B 56 13.16 49.94 10.91
CA ALA B 56 13.13 49.98 9.45
C ALA B 56 12.55 48.70 8.87
N TRP B 57 12.81 47.56 9.52
CA TRP B 57 12.27 46.31 8.99
C TRP B 57 10.77 46.20 9.20
N ASN B 58 10.26 46.66 10.35
CA ASN B 58 8.82 46.63 10.57
C ASN B 58 8.10 47.58 9.63
N GLN B 59 8.70 48.74 9.35
CA GLN B 59 8.08 49.67 8.40
C GLN B 59 8.03 49.10 6.99
N ILE B 60 9.15 48.50 6.55
CA ILE B 60 9.23 47.99 5.19
C ILE B 60 8.32 46.77 5.01
N ASN B 61 8.29 45.89 6.01
CA ASN B 61 7.47 44.68 5.91
C ASN B 61 5.97 45.02 5.96
N ASP B 62 5.58 45.98 6.81
CA ASP B 62 4.18 46.37 6.84
C ASP B 62 3.74 47.08 5.57
N HIS B 63 4.63 47.87 4.96
CA HIS B 63 4.28 48.51 3.70
C HIS B 63 4.15 47.49 2.57
N ILE B 64 5.00 46.47 2.55
CA ILE B 64 4.90 45.46 1.49
C ILE B 64 3.65 44.60 1.69
N ALA B 65 3.32 44.26 2.94
CA ALA B 65 2.07 43.53 3.19
C ALA B 65 0.84 44.34 2.84
N ASP B 66 0.89 45.67 3.05
CA ASP B 66 -0.22 46.53 2.66
C ASP B 66 -0.37 46.59 1.15
N LEU B 67 0.75 46.60 0.42
CA LEU B 67 0.69 46.60 -1.05
C LEU B 67 0.13 45.28 -1.57
N GLN B 68 0.52 44.16 -0.95
CA GLN B 68 0.02 42.86 -1.39
C GLN B 68 -1.48 42.71 -1.12
N HIS B 69 -1.94 43.23 0.02
CA HIS B 69 -3.37 43.17 0.32
C HIS B 69 -4.18 44.08 -0.61
N ARG B 70 -3.66 45.28 -0.91
CA ARG B 70 -4.37 46.18 -1.81
C ARG B 70 -4.34 45.69 -3.25
N SER B 71 -3.37 44.85 -3.63
CA SER B 71 -3.43 44.25 -4.95
C SER B 71 -4.37 43.05 -4.99
N TYR B 72 -4.49 42.29 -3.89
CA TYR B 72 -5.36 41.11 -3.90
C TYR B 72 -6.84 41.45 -3.68
N ALA B 73 -7.14 42.66 -3.18
CA ALA B 73 -8.48 42.97 -2.67
C ALA B 73 -9.60 42.87 -3.71
N ARG B 74 -9.31 43.15 -4.99
CA ARG B 74 -10.36 43.09 -6.01
C ARG B 74 -10.79 41.64 -6.28
N THR B 75 -9.82 40.74 -6.47
CA THR B 75 -10.12 39.32 -6.64
C THR B 75 -10.73 38.73 -5.38
N LEU B 76 -10.36 39.26 -4.21
CA LEU B 76 -10.99 38.81 -2.97
C LEU B 76 -12.46 39.18 -2.92
N GLU B 77 -12.81 40.42 -3.33
CA GLU B 77 -14.22 40.81 -3.35
C GLU B 77 -15.00 40.01 -4.39
N GLN B 78 -14.37 39.67 -5.52
CA GLN B 78 -15.09 38.86 -6.52
C GLN B 78 -15.32 37.43 -6.04
N LEU B 79 -14.35 36.84 -5.34
CA LEU B 79 -14.54 35.49 -4.81
C LEU B 79 -15.58 35.46 -3.69
N VAL B 80 -15.57 36.48 -2.81
CA VAL B 80 -16.56 36.54 -1.74
C VAL B 80 -17.95 36.76 -2.31
N ASP B 81 -18.06 37.57 -3.37
CA ASP B 81 -19.36 37.74 -4.03
C ASP B 81 -19.83 36.47 -4.72
N PHE B 82 -18.89 35.66 -5.24
CA PHE B 82 -19.26 34.37 -5.82
C PHE B 82 -19.79 33.41 -4.77
N VAL B 83 -19.14 33.36 -3.60
CA VAL B 83 -19.59 32.46 -2.54
C VAL B 83 -20.94 32.90 -1.97
N VAL B 84 -21.13 34.21 -1.75
CA VAL B 84 -22.41 34.71 -1.27
C VAL B 84 -23.51 34.54 -2.34
N GLY B 85 -23.16 34.61 -3.62
CA GLY B 85 -24.15 34.37 -4.65
C GLY B 85 -24.57 32.92 -4.75
N GLN B 86 -23.64 31.99 -4.49
CA GLN B 86 -24.06 30.60 -4.32
C GLN B 86 -24.90 30.40 -3.07
N ALA B 87 -24.62 31.17 -2.01
CA ALA B 87 -25.40 31.06 -0.78
C ALA B 87 -26.82 31.58 -0.95
N GLU B 88 -27.02 32.53 -1.88
CA GLU B 88 -28.37 33.02 -2.16
C GLU B 88 -29.24 31.95 -2.80
N ARG B 89 -28.64 31.03 -3.54
CA ARG B 89 -29.38 29.99 -4.24
C ARG B 89 -29.81 28.88 -3.28
N GLU B 94 -26.85 17.47 -8.64
CA GLU B 94 -26.62 18.82 -9.13
C GLU B 94 -25.12 19.11 -9.19
N VAL B 95 -24.73 20.01 -10.10
CA VAL B 95 -23.33 20.41 -10.22
C VAL B 95 -22.90 21.18 -8.98
N LEU B 96 -21.63 21.00 -8.57
CA LEU B 96 -21.13 21.87 -7.52
C LEU B 96 -20.56 23.14 -8.14
N PRO B 97 -20.96 24.31 -7.66
CA PRO B 97 -20.30 25.54 -8.10
C PRO B 97 -18.83 25.52 -7.68
N THR B 98 -17.98 26.06 -8.55
CA THR B 98 -16.54 25.94 -8.35
C THR B 98 -15.85 27.06 -9.11
N ALA B 99 -14.77 27.55 -8.53
CA ALA B 99 -14.12 28.78 -8.97
C ALA B 99 -12.61 28.54 -9.13
N ALA B 100 -12.17 28.33 -10.35
CA ALA B 100 -10.75 28.28 -10.63
C ALA B 100 -10.13 29.66 -10.44
N LEU B 101 -8.97 29.69 -9.81
CA LEU B 101 -8.27 30.94 -9.51
C LEU B 101 -6.89 30.82 -10.13
N LEU B 102 -6.71 31.43 -11.31
CA LEU B 102 -5.47 31.32 -12.09
C LEU B 102 -4.40 32.15 -11.40
N THR B 103 -3.81 31.56 -10.36
CA THR B 103 -2.76 32.21 -9.61
C THR B 103 -1.40 31.87 -10.20
N GLY B 104 -0.37 32.57 -9.74
CA GLY B 104 0.93 32.48 -10.35
C GLY B 104 1.72 31.23 -9.96
N ILE B 105 2.93 31.14 -10.55
CA ILE B 105 3.84 30.04 -10.28
C ILE B 105 4.31 30.03 -8.83
N ASN B 106 4.38 31.20 -8.20
CA ASN B 106 4.89 31.35 -6.84
C ASN B 106 3.85 30.89 -5.83
N GLN B 107 3.74 29.56 -5.71
CA GLN B 107 2.74 28.92 -4.85
C GLN B 107 2.78 29.29 -3.35
N PRO B 108 3.92 29.36 -2.63
CA PRO B 108 3.87 29.69 -1.19
C PRO B 108 3.24 31.03 -0.84
N ASP B 109 3.34 32.01 -1.74
CA ASP B 109 2.84 33.36 -1.47
C ASP B 109 1.33 33.42 -1.32
N HIS B 110 0.59 32.48 -1.90
CA HIS B 110 -0.87 32.56 -2.00
C HIS B 110 -1.59 32.03 -0.77
N LEU B 111 -0.87 31.48 0.21
CA LEU B 111 -1.51 31.08 1.46
C LEU B 111 -2.06 32.28 2.22
N SER B 112 -1.40 33.44 2.11
CA SER B 112 -1.96 34.66 2.69
C SER B 112 -3.23 35.09 1.96
N GLN B 113 -3.32 34.82 0.66
CA GLN B 113 -4.52 35.14 -0.10
C GLN B 113 -5.70 34.28 0.34
N PHE B 114 -5.47 32.97 0.43
CA PHE B 114 -6.52 32.08 0.88
C PHE B 114 -6.88 32.31 2.35
N THR B 115 -5.91 32.72 3.17
CA THR B 115 -6.21 33.07 4.56
C THR B 115 -7.06 34.32 4.66
N ALA B 116 -6.81 35.31 3.78
CA ALA B 116 -7.66 36.49 3.75
C ALA B 116 -9.07 36.15 3.26
N LEU B 117 -9.17 35.17 2.36
CA LEU B 117 -10.50 34.70 1.93
C LEU B 117 -11.26 34.03 3.06
N THR B 118 -10.58 33.20 3.86
CA THR B 118 -11.23 32.61 5.04
C THR B 118 -11.60 33.67 6.07
N GLN B 119 -10.78 34.72 6.22
CA GLN B 119 -11.12 35.78 7.16
C GLN B 119 -12.34 36.56 6.73
N ARG B 120 -12.48 36.82 5.42
CA ARG B 120 -13.65 37.54 4.94
C ARG B 120 -14.91 36.69 5.02
N LEU B 121 -14.81 35.42 4.65
CA LEU B 121 -15.97 34.52 4.71
C LEU B 121 -16.40 34.26 6.14
N HIS B 122 -15.48 34.23 7.10
CA HIS B 122 -15.90 34.10 8.49
C HIS B 122 -16.44 35.40 9.06
N ALA B 123 -15.88 36.55 8.65
CA ALA B 123 -16.38 37.83 9.13
C ALA B 123 -17.79 38.12 8.63
N GLN B 124 -18.14 37.68 7.42
CA GLN B 124 -19.50 37.87 6.95
C GLN B 124 -20.48 36.83 7.48
N ARG B 125 -19.98 35.77 8.13
CA ARG B 125 -20.75 34.59 8.53
C ARG B 125 -21.47 33.96 7.34
N ALA B 126 -20.84 33.98 6.17
CA ALA B 126 -21.44 33.45 4.95
C ALA B 126 -21.06 32.02 4.66
N ALA B 127 -19.96 31.52 5.22
CA ALA B 127 -19.46 30.20 4.86
C ALA B 127 -18.50 29.71 5.94
N MET B 128 -18.21 28.42 5.89
CA MET B 128 -17.14 27.81 6.66
C MET B 128 -16.21 27.08 5.70
N VAL B 129 -14.92 27.19 5.98
CA VAL B 129 -13.87 26.88 5.00
C VAL B 129 -13.02 25.74 5.51
N CYS B 130 -12.83 24.73 4.67
CA CYS B 130 -11.77 23.75 4.83
C CYS B 130 -10.69 24.05 3.79
N VAL B 131 -9.45 23.69 4.10
CA VAL B 131 -8.32 23.87 3.19
C VAL B 131 -7.66 22.53 3.01
N LEU B 132 -7.61 22.03 1.78
CA LEU B 132 -7.12 20.69 1.49
C LEU B 132 -5.73 20.78 0.87
N GLN B 133 -4.69 20.60 1.69
CA GLN B 133 -3.35 20.49 1.17
C GLN B 133 -3.13 19.14 0.52
N SER B 134 -2.23 19.11 -0.46
CA SER B 134 -1.91 17.87 -1.16
C SER B 134 -1.18 16.87 -0.28
N ARG B 135 -0.46 17.34 0.74
CA ARG B 135 0.21 16.44 1.67
C ARG B 135 -0.77 15.65 2.51
N ASP B 136 -1.96 16.20 2.76
CA ASP B 136 -2.95 15.54 3.59
C ASP B 136 -3.82 14.55 2.83
N CYS B 137 -3.74 14.51 1.50
CA CYS B 137 -4.70 13.73 0.71
C CYS B 137 -4.04 12.77 -0.26
N ALA B 138 -3.24 11.83 0.25
CA ALA B 138 -2.66 10.81 -0.63
C ALA B 138 -3.71 9.84 -1.15
N THR B 139 -4.79 9.62 -0.40
CA THR B 139 -5.84 8.67 -0.76
C THR B 139 -7.20 9.33 -0.56
N LEU B 140 -8.23 8.71 -1.14
CA LEU B 140 -9.60 9.23 -1.02
C LEU B 140 -10.10 9.20 0.42
N LYS B 141 -9.68 8.19 1.18
CA LYS B 141 -10.07 8.11 2.58
C LYS B 141 -9.47 9.26 3.39
N ALA B 142 -8.16 9.49 3.22
CA ALA B 142 -7.51 10.59 3.93
C ALA B 142 -8.03 11.94 3.47
N ALA B 143 -8.41 12.08 2.20
CA ALA B 143 -8.98 13.34 1.73
C ALA B 143 -10.33 13.60 2.36
N VAL B 144 -11.19 12.59 2.45
CA VAL B 144 -12.50 12.77 3.07
C VAL B 144 -12.36 13.04 4.57
N GLU B 145 -11.39 12.38 5.22
CA GLU B 145 -11.19 12.58 6.65
C GLU B 145 -10.68 13.97 6.97
N THR B 146 -9.66 14.44 6.23
CA THR B 146 -9.18 15.81 6.44
C THR B 146 -10.21 16.86 6.03
N LEU B 147 -11.07 16.58 5.03
CA LEU B 147 -12.09 17.53 4.64
C LEU B 147 -13.15 17.70 5.73
N VAL B 148 -13.68 16.58 6.24
CA VAL B 148 -14.71 16.65 7.27
C VAL B 148 -14.12 17.18 8.58
N PHE B 149 -12.89 16.77 8.91
CA PHE B 149 -12.24 17.26 10.12
C PHE B 149 -11.95 18.76 10.03
N GLY B 150 -11.60 19.24 8.84
CA GLY B 150 -11.35 20.66 8.69
C GLY B 150 -12.61 21.48 8.77
N LEU B 151 -13.73 20.97 8.23
CA LEU B 151 -14.98 21.72 8.32
C LEU B 151 -15.51 21.76 9.75
N VAL B 152 -15.47 20.63 10.47
CA VAL B 152 -16.00 20.61 11.83
C VAL B 152 -15.10 21.41 12.78
N GLU B 153 -13.77 21.23 12.70
CA GLU B 153 -12.90 22.02 13.57
C GLU B 153 -12.83 23.49 13.18
N ASP B 154 -13.08 23.84 11.91
CA ASP B 154 -13.17 25.25 11.55
C ASP B 154 -14.40 25.90 12.14
N ASN B 155 -15.54 25.19 12.11
CA ASN B 155 -16.73 25.70 12.78
C ASN B 155 -16.55 25.79 14.29
N ALA B 156 -15.81 24.83 14.87
CA ALA B 156 -15.50 24.90 16.30
C ALA B 156 -14.58 26.07 16.63
N GLU B 157 -13.67 26.42 15.72
CA GLU B 157 -12.78 27.55 15.93
C GLU B 157 -13.44 28.89 15.64
N VAL B 158 -14.56 28.91 14.90
CA VAL B 158 -15.26 30.16 14.66
C VAL B 158 -15.96 30.64 15.94
N GLU B 159 -16.67 29.75 16.61
CA GLU B 159 -17.42 30.14 17.80
C GLU B 159 -16.58 29.96 19.06
N ARG B 177 -12.92 17.54 20.41
CA ARG B 177 -12.25 17.12 19.19
C ARG B 177 -12.54 15.66 18.86
N LEU B 178 -13.30 15.44 17.80
CA LEU B 178 -13.54 14.10 17.31
C LEU B 178 -12.27 13.52 16.69
N ARG B 179 -12.11 12.21 16.81
CA ARG B 179 -10.98 11.53 16.22
C ARG B 179 -11.12 11.50 14.70
N ARG B 180 -9.99 11.44 14.01
CA ARG B 180 -10.01 11.42 12.55
C ARG B 180 -10.48 10.10 11.96
N SER B 181 -10.55 9.03 12.75
CA SER B 181 -11.09 7.78 12.23
C SER B 181 -12.59 7.84 11.97
N GLN B 182 -13.32 8.72 12.65
CA GLN B 182 -14.78 8.69 12.64
C GLN B 182 -15.42 9.89 11.96
N CYS B 183 -14.63 10.74 11.29
CA CYS B 183 -15.21 11.90 10.60
C CYS B 183 -15.64 11.50 9.18
N THR B 184 -16.71 10.72 9.15
CA THR B 184 -17.36 10.29 7.92
C THR B 184 -18.20 11.44 7.37
N MET B 185 -18.46 11.40 6.05
CA MET B 185 -19.34 12.38 5.42
C MET B 185 -20.76 12.34 5.97
N LYS B 186 -21.20 11.16 6.45
CA LYS B 186 -22.48 11.07 7.14
C LYS B 186 -22.48 11.88 8.44
N GLN B 187 -21.35 11.90 9.15
CA GLN B 187 -21.24 12.75 10.32
C GLN B 187 -21.21 14.23 9.96
N LEU B 188 -20.67 14.56 8.79
CA LEU B 188 -20.72 15.95 8.32
C LEU B 188 -22.15 16.38 8.02
N LYS B 189 -22.94 15.48 7.42
CA LYS B 189 -24.34 15.78 7.14
C LYS B 189 -25.15 15.91 8.44
N SER B 190 -24.89 15.03 9.41
CA SER B 190 -25.58 15.10 10.68
C SER B 190 -25.20 16.35 11.47
N TRP B 191 -23.94 16.76 11.39
CA TRP B 191 -23.49 17.97 12.07
C TRP B 191 -24.09 19.22 11.42
N TYR B 192 -24.15 19.25 10.09
CA TYR B 192 -24.75 20.38 9.40
C TYR B 192 -26.26 20.46 9.66
N THR B 193 -26.92 19.32 9.82
CA THR B 193 -28.34 19.34 10.13
C THR B 193 -28.58 19.76 11.58
N ASN B 194 -27.72 19.34 12.50
CA ASN B 194 -27.84 19.76 13.90
C ASN B 194 -27.54 21.24 14.07
N ASN B 195 -26.71 21.82 13.20
CA ASN B 195 -26.36 23.23 13.38
C ASN B 195 -27.16 24.15 12.45
N PHE B 196 -26.85 24.13 11.17
CA PHE B 196 -27.24 25.22 10.27
C PHE B 196 -28.47 24.93 9.43
N ASP B 197 -29.17 23.82 9.65
CA ASP B 197 -30.42 23.59 8.96
C ASP B 197 -31.51 24.56 9.43
N SER B 198 -31.42 25.05 10.66
CA SER B 198 -32.44 25.95 11.18
C SER B 198 -32.30 27.37 10.65
N GLU B 199 -31.18 27.70 10.02
CA GLU B 199 -30.96 29.05 9.52
C GLU B 199 -31.17 29.15 8.01
N ARG B 202 -28.23 29.75 4.63
CA ARG B 202 -27.41 28.54 4.56
C ARG B 202 -25.93 28.89 4.45
N ARG B 203 -25.14 28.43 5.42
CA ARG B 203 -23.70 28.56 5.31
C ARG B 203 -23.18 27.69 4.18
N GLN B 204 -22.29 28.25 3.38
CA GLN B 204 -21.60 27.47 2.37
C GLN B 204 -20.47 26.68 2.99
N LEU B 205 -20.11 25.58 2.35
CA LEU B 205 -19.03 24.71 2.81
C LEU B 205 -17.89 24.84 1.81
N VAL B 206 -17.16 25.96 1.88
CA VAL B 206 -16.08 26.21 0.93
C VAL B 206 -14.93 25.25 1.19
N VAL B 207 -14.36 24.69 0.13
CA VAL B 207 -13.29 23.70 0.21
C VAL B 207 -12.15 24.21 -0.67
N ILE B 208 -11.25 24.99 -0.09
CA ILE B 208 -10.08 25.47 -0.82
C ILE B 208 -9.15 24.31 -1.12
N LEU B 209 -8.61 24.29 -2.34
CA LEU B 209 -7.67 23.27 -2.81
C LEU B 209 -6.49 24.05 -3.39
N PRO B 210 -5.64 24.62 -2.53
CA PRO B 210 -4.62 25.60 -2.99
C PRO B 210 -3.61 25.07 -3.99
N ASP B 211 -3.24 23.80 -3.91
CA ASP B 211 -2.22 23.22 -4.78
C ASP B 211 -2.86 22.17 -5.67
N PHE B 212 -3.62 22.65 -6.66
CA PHE B 212 -4.38 21.78 -7.55
C PHE B 212 -3.46 20.91 -8.41
N GLU B 213 -2.28 21.43 -8.76
CA GLU B 213 -1.37 20.69 -9.63
C GLU B 213 -0.71 19.53 -8.91
N CYS B 214 -0.60 19.60 -7.58
CA CYS B 214 0.12 18.60 -6.79
C CYS B 214 -0.72 17.38 -6.44
N PHE B 215 -2.02 17.41 -6.69
CA PHE B 215 -2.92 16.34 -6.30
C PHE B 215 -2.72 15.08 -7.15
N ASN B 216 -3.01 13.93 -6.54
CA ASN B 216 -3.26 12.73 -7.31
C ASN B 216 -4.53 12.92 -8.12
N ALA B 217 -4.53 12.43 -9.36
CA ALA B 217 -5.64 12.70 -10.25
C ALA B 217 -6.88 11.89 -9.88
N SER B 218 -6.70 10.61 -9.55
CA SER B 218 -7.83 9.74 -9.22
C SER B 218 -8.49 10.15 -7.91
N VAL B 219 -7.69 10.57 -6.93
CA VAL B 219 -8.23 11.04 -5.66
C VAL B 219 -9.03 12.32 -5.85
N LEU B 220 -8.54 13.21 -6.73
CA LEU B 220 -9.22 14.47 -6.96
C LEU B 220 -10.52 14.27 -7.73
N GLN B 221 -10.52 13.38 -8.72
CA GLN B 221 -11.76 13.11 -9.47
C GLN B 221 -12.78 12.39 -8.62
N ASP B 222 -12.34 11.45 -7.77
CA ASP B 222 -13.27 10.79 -6.86
C ASP B 222 -13.82 11.75 -5.82
N LEU B 223 -13.00 12.71 -5.37
CA LEU B 223 -13.48 13.71 -4.42
C LEU B 223 -14.47 14.66 -5.06
N ILE B 224 -14.26 15.02 -6.33
CA ILE B 224 -15.21 15.89 -7.02
C ILE B 224 -16.53 15.16 -7.24
N LEU B 225 -16.48 13.87 -7.57
CA LEU B 225 -17.71 13.09 -7.68
C LEU B 225 -18.42 12.91 -6.33
N ILE B 226 -17.67 12.83 -5.23
CA ILE B 226 -18.27 12.71 -3.91
C ILE B 226 -18.96 14.01 -3.51
N LEU B 227 -18.29 15.15 -3.72
CA LEU B 227 -18.90 16.44 -3.42
C LEU B 227 -20.06 16.75 -4.34
N SER B 228 -20.03 16.28 -5.59
CA SER B 228 -21.17 16.45 -6.48
C SER B 228 -22.34 15.55 -6.11
N ALA B 229 -22.07 14.42 -5.46
CA ALA B 229 -23.15 13.55 -5.03
C ALA B 229 -23.97 14.16 -3.90
N HIS B 230 -23.37 15.04 -3.10
CA HIS B 230 -24.00 15.61 -1.92
C HIS B 230 -24.58 17.00 -2.15
N CYS B 231 -24.57 17.48 -3.39
CA CYS B 231 -25.15 18.78 -3.68
C CYS B 231 -26.66 18.76 -3.50
N GLY B 232 -27.19 19.87 -2.99
CA GLY B 232 -28.59 19.92 -2.60
C GLY B 232 -28.74 19.66 -1.12
N SER B 233 -28.21 18.53 -0.65
CA SER B 233 -28.19 18.28 0.79
C SER B 233 -27.15 19.14 1.49
N LEU B 234 -25.95 19.20 0.94
CA LEU B 234 -24.85 19.98 1.50
C LEU B 234 -24.38 21.01 0.49
N PRO B 235 -24.45 22.31 0.79
CA PRO B 235 -23.99 23.31 -0.19
C PRO B 235 -22.48 23.43 -0.25
N PHE B 236 -21.87 22.85 -1.28
CA PHE B 236 -20.42 22.89 -1.44
C PHE B 236 -20.03 23.96 -2.45
N VAL B 237 -18.89 24.60 -2.21
CA VAL B 237 -18.23 25.48 -3.16
C VAL B 237 -16.76 25.05 -3.20
N LEU B 238 -16.21 24.93 -4.41
CA LEU B 238 -14.89 24.34 -4.59
C LEU B 238 -13.97 25.33 -5.30
N VAL B 239 -13.39 26.27 -4.56
CA VAL B 239 -12.38 27.14 -5.16
C VAL B 239 -11.08 26.36 -5.29
N LEU B 240 -10.27 26.73 -6.28
CA LEU B 240 -9.06 25.97 -6.61
C LEU B 240 -7.88 26.93 -6.72
N GLY B 241 -6.68 26.39 -6.75
CA GLY B 241 -5.48 27.19 -6.92
C GLY B 241 -4.60 26.69 -8.04
N VAL B 242 -4.90 27.08 -9.27
CA VAL B 242 -4.19 26.57 -10.43
C VAL B 242 -3.00 27.47 -10.77
N ALA B 243 -1.81 26.97 -10.49
CA ALA B 243 -0.58 27.71 -10.73
C ALA B 243 -0.22 27.84 -12.20
N THR B 244 -0.75 26.97 -13.07
CA THR B 244 -0.34 26.95 -14.47
C THR B 244 -1.41 27.62 -15.30
N ALA B 245 -2.30 26.87 -15.95
CA ALA B 245 -3.29 27.44 -16.85
C ALA B 245 -4.53 26.56 -16.82
N MET B 246 -5.59 27.04 -17.48
CA MET B 246 -6.86 26.32 -17.50
C MET B 246 -6.80 25.04 -18.32
N THR B 247 -5.80 24.91 -19.21
CA THR B 247 -5.62 23.67 -19.94
C THR B 247 -5.28 22.51 -19.02
N ALA B 248 -4.60 22.78 -17.91
CA ALA B 248 -4.39 21.75 -16.90
C ALA B 248 -5.69 21.31 -16.24
N VAL B 249 -6.63 22.25 -16.04
CA VAL B 249 -7.91 21.91 -15.46
C VAL B 249 -8.73 21.09 -16.44
N HIS B 250 -8.69 21.45 -17.72
CA HIS B 250 -9.41 20.67 -18.73
C HIS B 250 -8.74 19.34 -19.02
N GLY B 251 -7.45 19.20 -18.73
CA GLY B 251 -6.77 17.93 -18.91
C GLY B 251 -7.00 16.96 -17.78
N THR B 252 -6.92 17.42 -16.53
CA THR B 252 -7.05 16.49 -15.41
C THR B 252 -8.50 16.15 -15.08
N LEU B 253 -9.47 16.89 -15.63
CA LEU B 253 -10.87 16.56 -15.40
C LEU B 253 -11.42 15.90 -16.64
N PRO B 254 -11.81 14.60 -16.53
CA PRO B 254 -12.35 13.81 -17.64
C PRO B 254 -13.80 14.21 -17.97
N TYR B 255 -14.36 13.59 -19.00
CA TYR B 255 -15.72 13.91 -19.50
C TYR B 255 -16.75 13.71 -18.39
N HIS B 256 -16.66 12.61 -17.63
CA HIS B 256 -17.62 12.32 -16.53
C HIS B 256 -17.52 13.34 -15.38
N VAL B 257 -16.30 13.74 -15.02
CA VAL B 257 -16.03 14.65 -13.91
C VAL B 257 -16.39 16.08 -14.28
N SER B 258 -16.07 16.50 -15.51
CA SER B 258 -16.42 17.84 -15.95
C SER B 258 -17.89 17.97 -16.32
N SER B 259 -18.63 16.86 -16.40
CA SER B 259 -20.09 16.95 -16.52
C SER B 259 -20.73 17.56 -15.29
N LYS B 260 -20.08 17.50 -14.12
CA LYS B 260 -20.65 17.95 -12.86
C LYS B 260 -19.89 19.16 -12.31
N ILE B 261 -19.41 20.04 -13.19
CA ILE B 261 -18.57 21.17 -12.82
C ILE B 261 -19.14 22.43 -13.48
N ARG B 262 -19.29 23.50 -12.71
CA ARG B 262 -19.80 24.77 -13.22
C ARG B 262 -18.82 25.89 -12.88
N LEU B 263 -17.58 25.74 -13.34
CA LEU B 263 -16.49 26.57 -12.84
C LEU B 263 -16.46 27.97 -13.45
N ARG B 264 -15.92 28.90 -12.68
CA ARG B 264 -15.75 30.29 -13.08
C ARG B 264 -14.31 30.67 -12.82
N VAL B 265 -13.71 31.45 -13.73
CA VAL B 265 -12.29 31.73 -13.71
C VAL B 265 -12.04 33.14 -13.17
N PHE B 266 -11.21 33.23 -12.13
CA PHE B 266 -10.69 34.49 -11.64
C PHE B 266 -9.20 34.52 -11.90
N GLN B 267 -8.63 35.72 -12.02
CA GLN B 267 -7.22 35.87 -12.36
C GLN B 267 -6.52 36.79 -11.36
N THR B 268 -5.55 36.24 -10.65
CA THR B 268 -4.64 37.01 -9.81
C THR B 268 -3.65 37.74 -10.70
N GLN B 269 -3.17 38.90 -10.23
CA GLN B 269 -2.23 39.70 -11.00
C GLN B 269 -0.87 39.01 -11.12
N ALA B 270 -0.15 39.35 -12.18
CA ALA B 270 1.12 38.72 -12.50
C ALA B 270 2.19 39.07 -11.46
N ALA B 271 3.07 38.10 -11.20
CA ALA B 271 4.18 38.31 -10.26
C ALA B 271 5.16 39.43 -10.66
N PRO B 272 5.63 39.57 -11.91
CA PRO B 272 6.44 40.77 -12.23
C PRO B 272 5.76 42.10 -12.01
N THR B 273 4.43 42.17 -12.21
CA THR B 273 3.70 43.40 -11.91
C THR B 273 3.72 43.70 -10.41
N GLY B 274 3.64 42.65 -9.59
CA GLY B 274 3.75 42.83 -8.15
C GLY B 274 5.14 43.22 -7.71
N LEU B 275 6.17 42.68 -8.37
CA LEU B 275 7.54 43.07 -8.09
C LEU B 275 7.77 44.53 -8.44
N ASN B 276 7.27 44.97 -9.60
CA ASN B 276 7.44 46.36 -10.01
C ASN B 276 6.70 47.30 -9.08
N GLU B 277 5.53 46.89 -8.59
CA GLU B 277 4.78 47.72 -7.65
C GLU B 277 5.52 47.85 -6.31
N VAL B 278 6.09 46.74 -5.82
CA VAL B 278 6.84 46.78 -4.57
C VAL B 278 8.12 47.60 -4.72
N LEU B 279 8.83 47.42 -5.83
CA LEU B 279 10.08 48.14 -6.06
C LEU B 279 9.86 49.64 -6.25
N ASP B 280 8.73 50.04 -6.84
CA ASP B 280 8.52 51.48 -7.01
C ASP B 280 7.93 52.12 -5.75
N LYS B 281 7.03 51.44 -5.05
CA LYS B 281 6.37 52.07 -3.92
C LYS B 281 7.07 51.85 -2.58
N VAL B 282 8.06 50.96 -2.51
CA VAL B 282 8.67 50.66 -1.22
C VAL B 282 10.17 50.93 -1.23
N LEU B 283 10.90 50.23 -2.12
CA LEU B 283 12.35 50.35 -2.14
C LEU B 283 12.84 51.67 -2.72
N LEU B 284 11.99 52.39 -3.44
CA LEU B 284 12.33 53.72 -3.95
C LEU B 284 11.57 54.83 -3.25
N SER B 285 10.93 54.55 -2.11
CA SER B 285 10.19 55.58 -1.40
C SER B 285 11.14 56.60 -0.77
N PRO B 286 10.81 57.88 -0.83
CA PRO B 286 11.63 58.89 -0.13
C PRO B 286 11.71 58.71 1.37
N LYS B 287 10.67 58.17 2.00
CA LYS B 287 10.55 58.21 3.45
C LYS B 287 11.48 57.23 4.18
N TYR B 288 12.05 56.25 3.50
CA TYR B 288 13.01 55.35 4.12
C TYR B 288 14.42 55.87 3.94
N ALA B 289 15.20 55.87 5.02
CA ALA B 289 16.57 56.36 4.97
C ALA B 289 17.57 55.32 4.47
N PHE B 290 17.17 54.06 4.36
CA PHE B 290 18.05 53.00 3.90
C PHE B 290 17.82 52.76 2.42
N HIS B 291 18.89 52.86 1.63
CA HIS B 291 18.82 52.62 0.19
C HIS B 291 19.76 51.50 -0.19
N LEU B 292 19.34 50.67 -1.15
CA LEU B 292 20.27 49.74 -1.77
C LEU B 292 21.11 50.46 -2.81
N SER B 293 22.31 49.94 -3.04
CA SER B 293 23.09 50.37 -4.18
C SER B 293 22.53 49.76 -5.46
N GLY B 294 23.02 50.24 -6.60
CA GLY B 294 22.52 49.75 -7.87
C GLY B 294 22.92 48.31 -8.16
N LYS B 295 24.07 47.88 -7.64
CA LYS B 295 24.48 46.49 -7.82
C LYS B 295 23.61 45.54 -7.03
N THR B 296 23.30 45.90 -5.77
CA THR B 296 22.43 45.06 -4.94
C THR B 296 21.00 45.05 -5.46
N PHE B 297 20.55 46.19 -5.99
CA PHE B 297 19.22 46.29 -6.59
C PHE B 297 19.11 45.39 -7.80
N LYS B 298 20.09 45.48 -8.71
CA LYS B 298 20.11 44.63 -9.89
C LYS B 298 20.28 43.16 -9.54
N PHE B 299 20.97 42.85 -8.44
CA PHE B 299 21.19 41.46 -8.05
C PHE B 299 19.91 40.84 -7.50
N LEU B 300 19.16 41.58 -6.68
CA LEU B 300 17.90 41.04 -6.16
C LEU B 300 16.85 40.92 -7.25
N THR B 301 16.75 41.90 -8.15
CA THR B 301 15.84 41.75 -9.27
C THR B 301 16.31 40.67 -10.25
N HIS B 302 17.61 40.41 -10.32
CA HIS B 302 18.09 39.31 -11.16
C HIS B 302 17.70 37.96 -10.59
N ILE B 303 17.72 37.83 -9.26
CA ILE B 303 17.23 36.61 -8.62
C ILE B 303 15.74 36.44 -8.86
N PHE B 304 14.99 37.55 -8.86
CA PHE B 304 13.54 37.41 -9.07
C PHE B 304 13.23 37.06 -10.53
N LEU B 305 13.77 37.82 -11.47
CA LEU B 305 13.39 37.64 -12.86
C LEU B 305 14.07 36.46 -13.53
N TYR B 306 15.18 35.97 -12.99
CA TYR B 306 15.94 34.92 -13.66
C TYR B 306 15.89 33.59 -12.95
N TYR B 307 15.26 33.49 -11.79
CA TYR B 307 15.26 32.23 -11.07
C TYR B 307 13.89 31.88 -10.52
N ASP B 308 13.40 32.65 -9.57
CA ASP B 308 12.15 32.33 -8.90
C ASP B 308 11.27 33.57 -8.81
N PHE B 309 9.97 33.41 -9.05
CA PHE B 309 9.03 34.51 -8.96
C PHE B 309 8.43 34.66 -7.57
N SER B 310 9.03 34.05 -6.55
CA SER B 310 8.58 34.25 -5.19
C SER B 310 8.89 35.66 -4.73
N ILE B 311 7.87 36.41 -4.33
CA ILE B 311 8.09 37.70 -3.67
C ILE B 311 8.74 37.49 -2.32
N HIS B 312 8.42 36.39 -1.64
CA HIS B 312 8.92 36.13 -0.29
C HIS B 312 10.42 35.93 -0.25
N GLY B 313 11.00 35.33 -1.28
CA GLY B 313 12.45 35.18 -1.31
C GLY B 313 13.16 36.49 -1.55
N PHE B 314 12.56 37.36 -2.37
CA PHE B 314 13.09 38.71 -2.55
C PHE B 314 12.98 39.53 -1.27
N ILE B 315 11.92 39.33 -0.50
CA ILE B 315 11.77 40.05 0.77
C ILE B 315 12.77 39.57 1.80
N GLN B 316 12.99 38.24 1.87
CA GLN B 316 14.01 37.72 2.79
C GLN B 316 15.43 38.13 2.36
N GLY B 317 15.68 38.25 1.06
CA GLY B 317 16.99 38.73 0.63
C GLY B 317 17.20 40.20 0.92
N PHE B 318 16.14 41.01 0.78
CA PHE B 318 16.24 42.40 1.20
C PHE B 318 16.37 42.53 2.71
N LYS B 319 15.77 41.62 3.46
CA LYS B 319 15.92 41.62 4.91
C LYS B 319 17.35 41.26 5.31
N TYR B 320 17.97 40.32 4.60
CA TYR B 320 19.37 40.02 4.85
C TYR B 320 20.28 41.17 4.47
N CYS B 321 19.92 41.93 3.42
CA CYS B 321 20.70 43.12 3.06
C CYS B 321 20.58 44.18 4.14
N LEU B 322 19.36 44.38 4.66
CA LEU B 322 19.12 45.35 5.72
C LEU B 322 19.84 44.97 7.00
N MET B 323 19.90 43.66 7.30
CA MET B 323 20.57 43.20 8.51
C MET B 323 22.09 43.31 8.39
N GLU B 324 22.63 42.93 7.23
CA GLU B 324 24.06 43.06 6.98
C GLU B 324 24.49 44.51 6.97
N HIS B 325 23.59 45.42 6.58
CA HIS B 325 23.91 46.85 6.66
C HIS B 325 23.88 47.35 8.09
N PHE B 326 22.79 47.08 8.82
CA PHE B 326 22.59 47.70 10.12
C PHE B 326 23.35 47.05 11.25
N PHE B 327 23.94 45.87 11.05
CA PHE B 327 24.67 45.23 12.11
C PHE B 327 26.15 45.62 12.14
N GLY B 328 26.53 46.66 11.41
CA GLY B 328 27.90 47.14 11.43
C GLY B 328 28.25 48.08 12.58
N GLY B 329 27.28 48.49 13.39
CA GLY B 329 27.55 49.37 14.51
C GLY B 329 26.53 50.47 14.70
N ASN B 330 26.69 51.27 15.75
CA ASN B 330 25.77 52.36 16.04
C ASN B 330 25.95 53.53 15.07
N ALA B 331 27.10 53.57 14.40
CA ALA B 331 27.29 54.51 13.30
C ALA B 331 26.29 54.26 12.18
N PHE B 332 25.91 53.00 11.97
CA PHE B 332 24.82 52.69 11.06
C PHE B 332 23.46 52.82 11.71
N ALA B 333 23.39 52.99 13.04
CA ALA B 333 22.14 53.41 13.67
C ALA B 333 21.89 54.89 13.54
N LEU B 334 22.89 55.66 13.10
CA LEU B 334 22.62 57.02 12.64
C LEU B 334 21.72 57.05 11.40
N CYS B 335 21.69 55.98 10.60
CA CYS B 335 20.89 55.91 9.38
C CYS B 335 19.42 55.78 9.75
N THR B 336 18.77 56.93 9.91
CA THR B 336 17.37 57.03 10.35
C THR B 336 16.88 58.43 9.99
N ASP B 337 15.66 58.75 10.44
CA ASP B 337 15.11 60.08 10.27
C ASP B 337 15.87 61.08 11.14
N TYR B 338 15.81 62.35 10.72
CA TYR B 338 16.80 63.36 11.07
C TYR B 338 16.85 63.66 12.57
N SER B 339 15.70 63.64 13.25
CA SER B 339 15.68 63.98 14.67
C SER B 339 16.29 62.88 15.53
N LYS B 340 15.89 61.63 15.26
CA LYS B 340 16.51 60.49 15.92
C LYS B 340 17.97 60.36 15.53
N ALA B 341 18.34 60.82 14.33
CA ALA B 341 19.74 60.85 13.94
C ALA B 341 20.53 61.83 14.78
N LEU B 342 19.97 63.00 15.09
CA LEU B 342 20.66 63.95 15.97
C LEU B 342 20.78 63.41 17.39
N GLY B 343 19.77 62.68 17.84
CA GLY B 343 19.86 62.02 19.14
C GLY B 343 20.92 60.92 19.15
N ARG B 344 21.05 60.19 18.05
CA ARG B 344 22.10 59.19 17.93
C ARG B 344 23.49 59.81 17.89
N ILE B 345 23.65 61.00 17.28
CA ILE B 345 24.95 61.67 17.31
C ILE B 345 25.30 62.09 18.73
N LYS B 346 24.31 62.57 19.47
CA LYS B 346 24.61 62.92 20.85
C LYS B 346 24.76 61.70 21.76
N GLN B 347 24.37 60.50 21.30
CA GLN B 347 24.60 59.28 22.06
C GLN B 347 26.01 58.69 21.89
N LEU B 348 26.73 59.03 20.82
CA LEU B 348 27.81 58.18 20.30
C LEU B 348 29.01 58.05 21.24
N THR B 349 29.70 56.93 21.08
CA THR B 349 30.88 56.59 21.86
C THR B 349 32.13 56.88 21.02
N HIS B 350 33.11 55.97 20.93
CA HIS B 350 34.33 56.21 20.17
C HIS B 350 34.56 55.22 19.05
N GLU B 351 34.15 53.96 19.21
CA GLU B 351 34.27 52.99 18.11
C GLU B 351 33.39 53.37 16.93
N ASP B 352 32.23 53.99 17.21
CA ASP B 352 31.41 54.53 16.14
C ASP B 352 32.08 55.69 15.43
N MET B 353 32.83 56.52 16.16
CA MET B 353 33.62 57.58 15.51
C MET B 353 34.73 56.99 14.65
N GLU B 354 35.34 55.90 15.11
CA GLU B 354 36.36 55.25 14.30
C GLU B 354 35.77 54.63 13.04
N THR B 355 34.58 54.04 13.13
CA THR B 355 34.04 53.43 11.92
C THR B 355 33.30 54.43 11.03
N ILE B 356 33.01 55.66 11.48
CA ILE B 356 32.67 56.69 10.51
C ILE B 356 33.91 57.36 9.92
N ARG B 357 35.07 57.24 10.56
CA ARG B 357 36.28 57.74 9.90
C ARG B 357 36.84 56.74 8.89
N ARG B 358 36.74 55.44 9.16
CA ARG B 358 37.40 54.43 8.32
C ARG B 358 36.75 54.29 6.94
N LEU B 359 35.49 54.67 6.78
CA LEU B 359 34.75 54.38 5.56
C LEU B 359 35.30 55.20 4.38
N PRO B 360 35.33 54.62 3.17
CA PRO B 360 36.16 55.16 2.08
C PRO B 360 35.85 56.59 1.64
N SER B 361 34.60 57.04 1.72
CA SER B 361 34.26 58.37 1.23
C SER B 361 34.79 59.50 2.10
N PHE B 362 35.17 59.20 3.35
CA PHE B 362 35.74 60.22 4.21
C PHE B 362 37.11 60.70 3.73
N ARG B 363 37.89 59.81 3.11
CA ARG B 363 39.22 60.19 2.64
C ARG B 363 39.21 61.28 1.56
N PRO B 364 38.38 61.22 0.50
CA PRO B 364 38.22 62.43 -0.34
C PRO B 364 37.71 63.64 0.40
N TYR B 365 36.84 63.45 1.39
CA TYR B 365 36.33 64.58 2.17
C TYR B 365 37.44 65.24 2.98
N VAL B 366 38.43 64.47 3.42
CA VAL B 366 39.55 65.05 4.15
C VAL B 366 40.54 65.71 3.21
N GLU B 367 40.90 65.05 2.10
CA GLU B 367 41.90 65.63 1.22
C GLU B 367 41.37 66.80 0.41
N GLN B 368 40.05 66.96 0.30
CA GLN B 368 39.47 68.12 -0.35
C GLN B 368 39.12 69.25 0.63
N ILE B 369 39.69 69.23 1.83
CA ILE B 369 39.51 70.32 2.78
C ILE B 369 40.26 71.56 2.29
N CYS B 372 44.23 73.24 8.14
CA CYS B 372 45.02 72.19 8.74
C CYS B 372 44.53 71.88 10.16
N LYS B 373 44.30 72.93 10.94
CA LYS B 373 43.79 72.75 12.29
C LYS B 373 42.39 72.13 12.30
N ARG B 374 41.60 72.41 11.25
CA ARG B 374 40.30 71.76 11.12
C ARG B 374 40.43 70.26 10.91
N ILE B 375 41.46 69.82 10.18
CA ILE B 375 41.57 68.38 10.00
C ILE B 375 42.29 67.71 11.18
N ILE B 376 43.07 68.46 11.97
CA ILE B 376 43.53 67.91 13.24
C ILE B 376 42.36 67.75 14.20
N ALA B 377 41.43 68.71 14.22
CA ALA B 377 40.25 68.59 15.07
C ALA B 377 39.28 67.53 14.55
N VAL B 378 39.30 67.23 13.26
CA VAL B 378 38.45 66.16 12.74
C VAL B 378 39.07 64.80 13.00
N LEU B 379 40.37 64.66 12.78
CA LEU B 379 41.03 63.35 12.91
C LEU B 379 41.44 63.00 14.33
N THR B 380 41.24 63.88 15.31
CA THR B 380 41.70 63.56 16.66
C THR B 380 40.70 64.00 17.73
N ASP B 381 40.18 65.22 17.63
CA ASP B 381 39.47 65.85 18.74
C ASP B 381 38.12 65.22 19.04
N ASP B 382 37.53 64.47 18.09
CA ASP B 382 36.30 63.70 18.23
C ASP B 382 35.04 64.54 18.47
N ASP B 383 35.08 65.45 19.45
CA ASP B 383 33.92 66.30 19.73
C ASP B 383 33.62 67.25 18.57
N TYR B 384 34.65 67.67 17.83
CA TYR B 384 34.41 68.49 16.64
C TYR B 384 33.71 67.68 15.55
N LEU B 385 34.05 66.41 15.41
CA LEU B 385 33.33 65.55 14.47
C LEU B 385 31.90 65.29 14.94
N LYS B 386 31.68 65.19 16.26
CA LYS B 386 30.31 65.09 16.78
C LYS B 386 29.51 66.35 16.50
N LYS B 387 30.16 67.51 16.51
CA LYS B 387 29.44 68.74 16.22
C LYS B 387 29.26 68.95 14.71
N LYS B 388 30.07 68.27 13.89
CA LYS B 388 29.97 68.48 12.45
C LYS B 388 29.19 67.40 11.72
N LEU B 389 28.84 66.31 12.42
CA LEU B 389 27.99 65.27 11.83
C LEU B 389 26.60 65.71 11.32
N PRO B 390 25.80 66.56 12.01
CA PRO B 390 24.46 66.89 11.47
C PRO B 390 24.45 67.53 10.08
N GLN B 391 25.47 68.34 9.75
CA GLN B 391 25.51 68.92 8.42
C GLN B 391 25.73 67.87 7.35
N LEU B 392 26.59 66.88 7.63
CA LEU B 392 26.83 65.81 6.66
C LEU B 392 25.62 64.89 6.55
N LEU B 393 24.91 64.65 7.65
CA LEU B 393 23.73 63.79 7.57
C LEU B 393 22.59 64.49 6.82
N ARG B 394 22.38 65.78 7.07
CA ARG B 394 21.38 66.54 6.32
C ARG B 394 21.76 66.64 4.85
N ASP B 395 23.06 66.74 4.55
CA ASP B 395 23.53 66.77 3.17
C ASP B 395 23.23 65.45 2.46
N CYS B 396 23.44 64.33 3.14
CA CYS B 396 23.20 63.03 2.49
C CYS B 396 21.71 62.76 2.30
N LEU B 397 20.90 63.02 3.33
CA LEU B 397 19.46 62.80 3.22
C LEU B 397 18.82 63.74 2.19
N LEU B 398 19.31 64.98 2.11
CA LEU B 398 18.80 65.91 1.10
C LEU B 398 19.23 65.48 -0.30
N HIS B 399 20.44 64.92 -0.44
CA HIS B 399 20.86 64.44 -1.76
C HIS B 399 20.03 63.25 -2.22
N PHE B 400 19.66 62.36 -1.30
CA PHE B 400 18.84 61.23 -1.74
C PHE B 400 17.40 61.62 -2.01
N LEU B 401 16.87 62.62 -1.29
CA LEU B 401 15.55 63.17 -1.63
C LEU B 401 15.56 63.83 -3.01
N LEU B 402 16.60 64.61 -3.30
CA LEU B 402 16.70 65.23 -4.63
C LEU B 402 16.95 64.19 -5.72
N PHE B 403 17.61 63.08 -5.39
CA PHE B 403 17.77 61.98 -6.33
C PHE B 403 16.42 61.37 -6.70
N ARG B 404 15.58 61.11 -5.70
CA ARG B 404 14.27 60.52 -5.99
C ARG B 404 13.38 61.50 -6.76
N CYS B 405 13.44 62.79 -6.45
CA CYS B 405 12.60 63.75 -7.17
C CYS B 405 13.07 63.94 -8.62
N SER B 406 14.39 64.05 -8.83
CA SER B 406 14.90 64.17 -10.19
C SER B 406 14.69 62.90 -11.00
N LEU B 407 14.65 61.73 -10.34
CA LEU B 407 14.31 60.49 -11.03
C LEU B 407 12.84 60.48 -11.44
N GLU B 408 11.95 60.94 -10.55
CA GLU B 408 10.53 61.02 -10.87
C GLU B 408 10.27 62.00 -12.01
N PHE B 409 11.11 63.02 -12.14
CA PHE B 409 11.13 63.82 -13.36
C PHE B 409 11.57 62.99 -14.57
N LEU B 410 12.81 62.50 -14.53
CA LEU B 410 13.48 62.04 -15.74
C LEU B 410 12.88 60.76 -16.34
N THR B 411 12.29 59.89 -15.51
CA THR B 411 11.89 58.58 -16.03
C THR B 411 10.74 58.64 -17.02
N GLU B 412 9.80 59.57 -16.87
CA GLU B 412 8.73 59.72 -17.87
C GLU B 412 9.29 60.23 -19.19
N LEU B 413 10.13 61.27 -19.11
CA LEU B 413 10.71 61.90 -20.28
C LEU B 413 11.65 60.97 -21.04
N VAL B 414 12.27 60.00 -20.36
CA VAL B 414 13.14 59.05 -21.04
C VAL B 414 12.39 57.80 -21.50
N GLY B 415 11.52 57.25 -20.65
CA GLY B 415 10.85 56.00 -20.99
C GLY B 415 9.66 56.13 -21.90
N ASP B 416 9.16 57.35 -22.15
CA ASP B 416 8.15 57.53 -23.19
C ASP B 416 8.74 57.32 -24.59
N LEU B 417 10.05 57.46 -24.73
CA LEU B 417 10.73 57.40 -26.01
C LEU B 417 10.70 56.00 -26.61
N PRO B 418 10.66 55.89 -27.94
CA PRO B 418 10.91 54.59 -28.58
C PRO B 418 12.34 54.11 -28.35
N ARG B 419 12.48 52.77 -28.33
CA ARG B 419 13.71 51.98 -28.18
C ARG B 419 14.30 51.99 -26.77
N CYS B 420 13.92 52.98 -25.94
CA CYS B 420 14.25 53.22 -24.52
C CYS B 420 15.70 52.91 -24.17
N PRO B 421 16.63 53.83 -24.47
CA PRO B 421 18.05 53.59 -24.12
C PRO B 421 18.31 53.38 -22.64
N LEU B 422 17.54 54.02 -21.75
CA LEU B 422 17.75 53.90 -20.32
C LEU B 422 16.63 53.11 -19.62
N GLY B 423 15.72 52.51 -20.37
CA GLY B 423 14.68 51.70 -19.78
C GLY B 423 13.42 52.49 -19.47
N LYS B 424 12.35 51.74 -19.21
CA LYS B 424 11.03 52.33 -19.01
C LYS B 424 10.80 52.78 -17.58
N LEU B 425 10.76 51.84 -16.64
CA LEU B 425 10.35 52.11 -15.28
C LEU B 425 11.46 52.84 -14.51
N ARG B 426 11.09 53.30 -13.31
CA ARG B 426 12.02 54.06 -12.47
C ARG B 426 13.19 53.21 -11.97
N ARG B 427 13.01 51.89 -11.85
CA ARG B 427 14.04 51.05 -11.25
C ARG B 427 15.27 50.91 -12.15
N GLU B 428 15.07 50.82 -13.47
CA GLU B 428 16.21 50.68 -14.38
C GLU B 428 17.01 51.98 -14.45
N LEU B 429 16.34 53.13 -14.46
CA LEU B 429 17.06 54.39 -14.37
C LEU B 429 17.70 54.59 -13.01
N TYR B 430 17.13 54.00 -11.95
CA TYR B 430 17.77 54.05 -10.63
C TYR B 430 19.10 53.30 -10.64
N VAL B 431 19.09 52.09 -11.19
CA VAL B 431 20.30 51.27 -11.30
C VAL B 431 21.32 51.93 -12.24
N ASN B 432 20.83 52.59 -13.30
CA ASN B 432 21.75 53.19 -14.28
C ASN B 432 22.40 54.44 -13.73
N CYS B 433 21.63 55.33 -13.10
CA CYS B 433 22.21 56.53 -12.51
C CYS B 433 23.06 56.25 -11.28
N LEU B 434 22.83 55.14 -10.58
CA LEU B 434 23.71 54.85 -9.47
C LEU B 434 24.99 54.11 -9.89
N ASN B 435 24.90 53.19 -10.86
CA ASN B 435 26.04 52.34 -11.20
C ASN B 435 27.19 53.12 -11.84
N ARG B 436 26.89 54.19 -12.58
CA ARG B 436 27.91 54.95 -13.28
C ARG B 436 27.35 56.33 -13.59
N ALA B 437 28.26 57.26 -13.91
CA ALA B 437 27.87 58.61 -14.27
C ALA B 437 27.04 58.59 -15.56
N ILE B 438 25.92 59.31 -15.55
CA ILE B 438 24.90 59.11 -16.57
C ILE B 438 25.23 59.86 -17.85
N ILE B 439 25.77 61.09 -17.72
CA ILE B 439 26.02 61.95 -18.88
C ILE B 439 27.10 61.36 -19.79
N SER B 440 28.08 60.66 -19.21
CA SER B 440 29.15 60.08 -20.01
C SER B 440 28.73 58.81 -20.73
N THR B 441 27.56 58.25 -20.41
CA THR B 441 27.10 57.04 -21.09
C THR B 441 26.69 57.35 -22.51
N PRO B 442 26.93 56.42 -23.45
CA PRO B 442 26.36 56.57 -24.81
C PRO B 442 24.84 56.63 -24.85
N GLU B 443 24.16 55.93 -23.94
CA GLU B 443 22.70 55.90 -23.96
C GLU B 443 22.09 57.25 -23.65
N TYR B 444 22.74 58.07 -22.82
CA TYR B 444 22.26 59.44 -22.62
C TYR B 444 22.44 60.28 -23.87
N LYS B 445 23.50 60.02 -24.66
CA LYS B 445 23.65 60.70 -25.94
C LYS B 445 22.56 60.29 -26.92
N GLU B 446 22.19 59.00 -26.89
CA GLU B 446 21.09 58.53 -27.72
C GLU B 446 19.75 59.13 -27.30
N CYS B 447 19.55 59.32 -25.98
CA CYS B 447 18.33 59.95 -25.50
C CYS B 447 18.27 61.42 -25.90
N LEU B 448 19.41 62.11 -25.84
CA LEU B 448 19.46 63.51 -26.26
C LEU B 448 19.23 63.65 -27.76
N GLN B 449 19.72 62.69 -28.55
CA GLN B 449 19.52 62.76 -30.00
C GLN B 449 18.07 62.48 -30.37
N MET B 450 17.50 61.39 -29.82
CA MET B 450 16.12 61.04 -30.14
C MET B 450 15.12 62.01 -29.55
N LEU B 451 15.47 62.75 -28.50
CA LEU B 451 14.62 63.84 -28.04
C LEU B 451 14.83 65.12 -28.84
N SER B 452 16.04 65.31 -29.40
CA SER B 452 16.26 66.43 -30.30
C SER B 452 15.51 66.28 -31.62
N PHE B 453 15.24 65.04 -32.04
CA PHE B 453 14.58 64.80 -33.32
C PHE B 453 13.07 64.98 -33.27
N LEU B 454 12.51 65.28 -32.10
CA LEU B 454 11.07 65.41 -31.95
C LEU B 454 10.53 66.68 -32.59
N SER B 455 9.25 66.63 -32.97
CA SER B 455 8.49 67.82 -33.32
C SER B 455 8.19 68.63 -32.06
N LYS B 456 7.91 69.91 -32.26
CA LYS B 456 7.77 70.86 -31.15
C LYS B 456 6.59 70.52 -30.25
N ASP B 457 5.49 70.03 -30.82
CA ASP B 457 4.27 69.84 -30.04
C ASP B 457 4.40 68.66 -29.07
N GLU B 458 4.87 67.51 -29.57
CA GLU B 458 5.10 66.37 -28.69
C GLU B 458 6.22 66.61 -27.69
N PHE B 459 7.21 67.42 -28.06
CA PHE B 459 8.30 67.74 -27.14
C PHE B 459 7.81 68.60 -25.98
N VAL B 460 7.06 69.66 -26.29
CA VAL B 460 6.54 70.54 -25.26
C VAL B 460 5.51 69.82 -24.40
N ALA B 461 4.70 68.94 -25.01
CA ALA B 461 3.75 68.13 -24.24
C ALA B 461 4.47 67.14 -23.33
N LYS B 462 5.62 66.61 -23.77
CA LYS B 462 6.37 65.65 -22.96
C LYS B 462 7.03 66.33 -21.77
N VAL B 463 7.66 67.49 -22.00
CA VAL B 463 8.31 68.19 -20.90
C VAL B 463 7.27 68.75 -19.93
N ASN B 464 6.11 69.20 -20.44
CA ASN B 464 5.05 69.64 -19.55
C ASN B 464 4.44 68.49 -18.74
N ARG B 465 4.38 67.29 -19.33
CA ARG B 465 3.94 66.13 -18.57
C ARG B 465 4.93 65.78 -17.47
N ALA B 466 6.23 65.91 -17.77
CA ALA B 466 7.25 65.68 -16.75
C ALA B 466 7.18 66.72 -15.63
N LEU B 467 6.89 67.97 -15.99
CA LEU B 467 6.76 69.04 -14.99
C LEU B 467 5.55 68.83 -14.09
N GLU B 468 4.40 68.47 -14.69
CA GLU B 468 3.19 68.25 -13.89
C GLU B 468 3.34 67.02 -13.00
N ARG B 469 3.99 65.97 -13.50
CA ARG B 469 4.21 64.76 -12.70
C ARG B 469 5.17 65.03 -11.54
N THR B 470 6.25 65.79 -11.80
CA THR B 470 7.20 66.12 -10.75
C THR B 470 6.58 67.03 -9.71
N GLU B 471 5.74 67.98 -10.12
CA GLU B 471 5.09 68.87 -9.16
C GLU B 471 4.07 68.11 -8.32
N GLN B 472 3.34 67.18 -8.93
CA GLN B 472 2.40 66.35 -8.18
C GLN B 472 3.13 65.46 -7.17
N PHE B 473 4.32 64.99 -7.54
CA PHE B 473 5.12 64.18 -6.62
C PHE B 473 5.68 65.03 -5.48
N LEU B 474 6.12 66.26 -5.78
CA LEU B 474 6.61 67.16 -4.75
C LEU B 474 5.52 67.59 -3.78
N VAL B 475 4.29 67.72 -4.25
CA VAL B 475 3.20 68.07 -3.35
C VAL B 475 2.76 66.85 -2.54
N GLU B 476 2.65 65.69 -3.18
CA GLU B 476 2.07 64.53 -2.51
C GLU B 476 3.04 63.86 -1.52
N GLU B 477 4.29 63.65 -1.92
CA GLU B 477 5.14 62.73 -1.17
C GLU B 477 6.30 63.38 -0.43
N ILE B 478 6.75 64.56 -0.85
CA ILE B 478 7.90 65.18 -0.19
C ILE B 478 7.47 66.18 0.89
N ALA B 479 6.32 66.84 0.71
CA ALA B 479 5.83 67.79 1.71
C ALA B 479 5.55 67.20 3.09
N PRO B 480 4.84 66.05 3.26
CA PRO B 480 4.72 65.47 4.61
C PRO B 480 6.05 65.06 5.25
N LEU B 481 7.04 64.66 4.44
CA LEU B 481 8.27 64.10 4.97
C LEU B 481 9.11 65.17 5.66
N GLU B 482 9.79 64.77 6.75
CA GLU B 482 10.81 65.61 7.36
C GLU B 482 11.97 65.80 6.39
N LEU B 483 12.57 67.00 6.45
CA LEU B 483 13.56 67.49 5.48
C LEU B 483 13.01 67.47 4.06
N GLY B 484 11.70 67.69 3.90
CA GLY B 484 11.10 67.78 2.59
C GLY B 484 10.81 69.20 2.18
N GLU B 485 10.70 70.09 3.18
CA GLU B 485 10.52 71.50 2.88
C GLU B 485 11.76 72.10 2.24
N ALA B 486 12.95 71.76 2.76
CA ALA B 486 14.19 72.21 2.14
C ALA B 486 14.41 71.56 0.78
N CYS B 487 13.96 70.32 0.59
CA CYS B 487 14.09 69.67 -0.71
C CYS B 487 13.19 70.32 -1.75
N THR B 488 11.97 70.68 -1.36
CA THR B 488 11.10 71.41 -2.27
C THR B 488 11.64 72.81 -2.55
N ALA B 489 12.25 73.44 -1.56
CA ALA B 489 12.86 74.76 -1.76
C ALA B 489 14.06 74.70 -2.69
N VAL B 490 14.79 73.59 -2.71
CA VAL B 490 15.88 73.45 -3.67
C VAL B 490 15.33 73.15 -5.07
N LEU B 491 14.34 72.27 -5.17
CA LEU B 491 13.96 71.77 -6.50
C LEU B 491 13.04 72.73 -7.25
N ARG B 492 12.10 73.37 -6.55
CA ARG B 492 11.02 74.12 -7.22
C ARG B 492 11.46 75.29 -8.12
N PRO B 493 12.40 76.18 -7.73
CA PRO B 493 12.88 77.18 -8.72
C PRO B 493 13.51 76.61 -9.97
N LYS B 494 14.16 75.44 -9.89
CA LYS B 494 14.71 74.82 -11.09
C LYS B 494 13.60 74.36 -12.03
N LEU B 495 12.50 73.85 -11.47
CA LEU B 495 11.35 73.49 -12.30
C LEU B 495 10.68 74.72 -12.89
N GLU B 496 10.66 75.83 -12.15
CA GLU B 496 10.13 77.07 -12.70
C GLU B 496 11.02 77.60 -13.84
N ALA B 497 12.33 77.40 -13.74
CA ALA B 497 13.23 77.81 -14.82
C ALA B 497 13.04 76.93 -16.05
N ILE B 498 12.83 75.63 -15.87
CA ILE B 498 12.54 74.75 -17.01
C ILE B 498 11.19 75.11 -17.64
N ARG B 499 10.19 75.45 -16.83
CA ARG B 499 8.91 75.89 -17.38
C ARG B 499 9.02 77.21 -18.13
N LEU B 500 9.88 78.13 -17.66
CA LEU B 500 10.12 79.35 -18.43
C LEU B 500 10.85 79.07 -19.73
N ALA B 501 11.74 78.08 -19.76
CA ALA B 501 12.35 77.67 -21.03
C ALA B 501 11.32 77.04 -21.96
N VAL B 502 10.33 76.34 -21.41
CA VAL B 502 9.25 75.80 -22.22
C VAL B 502 8.38 76.92 -22.79
N ASP B 503 8.12 77.96 -22.00
CA ASP B 503 7.38 79.11 -22.52
C ASP B 503 8.19 79.86 -23.57
N GLU B 504 9.52 79.89 -23.42
CA GLU B 504 10.38 80.50 -24.43
C GLU B 504 10.38 79.72 -25.73
N VAL B 505 10.29 78.38 -25.66
CA VAL B 505 10.23 77.63 -26.90
C VAL B 505 8.81 77.58 -27.48
N VAL B 506 7.78 77.88 -26.66
CA VAL B 506 6.42 77.96 -27.20
C VAL B 506 6.22 79.27 -27.94
N LYS B 507 6.59 80.39 -27.32
CA LYS B 507 6.34 81.69 -27.94
C LYS B 507 7.28 82.00 -29.09
N ALA B 508 8.37 81.24 -29.25
CA ALA B 508 9.28 81.43 -30.37
C ALA B 508 9.38 80.15 -31.20
N GLY B 562 13.30 76.34 -32.95
CA GLY B 562 14.15 75.32 -33.52
C GLY B 562 15.38 75.02 -32.68
N ARG B 563 16.26 76.01 -32.54
CA ARG B 563 17.46 75.87 -31.73
C ARG B 563 17.20 76.12 -30.25
N ALA B 564 16.01 76.61 -29.87
CA ALA B 564 15.69 76.78 -28.46
C ALA B 564 15.44 75.45 -27.77
N LEU B 565 15.12 74.40 -28.53
CA LEU B 565 14.96 73.07 -27.97
C LEU B 565 16.26 72.54 -27.40
N GLN B 566 17.39 72.89 -28.03
CA GLN B 566 18.70 72.53 -27.48
C GLN B 566 18.98 73.26 -26.17
N LYS B 567 18.55 74.52 -26.05
CA LYS B 567 18.70 75.24 -24.80
C LYS B 567 17.81 74.65 -23.71
N THR B 568 16.63 74.18 -24.08
CA THR B 568 15.75 73.51 -23.11
C THR B 568 16.35 72.18 -22.65
N LEU B 569 16.96 71.44 -23.57
CA LEU B 569 17.68 70.22 -23.19
C LEU B 569 18.89 70.53 -22.31
N GLN B 570 19.54 71.67 -22.54
CA GLN B 570 20.67 72.06 -21.70
C GLN B 570 20.22 72.43 -20.30
N LEU B 571 19.06 73.11 -20.18
CA LEU B 571 18.52 73.45 -18.86
C LEU B 571 18.08 72.20 -18.09
N ILE B 572 17.46 71.25 -18.79
CA ILE B 572 17.07 69.98 -18.17
C ILE B 572 18.30 69.18 -17.77
N GLU B 573 19.38 69.27 -18.54
CA GLU B 573 20.59 68.52 -18.19
C GLU B 573 21.30 69.13 -16.99
N THR B 574 21.48 70.44 -16.97
CA THR B 574 22.35 71.00 -15.95
C THR B 574 21.62 71.52 -14.71
N GLN B 575 20.29 71.48 -14.67
CA GLN B 575 19.63 71.69 -13.38
C GLN B 575 19.00 70.44 -12.78
N ILE B 576 19.00 69.31 -13.48
CA ILE B 576 18.37 68.11 -12.95
C ILE B 576 19.30 66.91 -13.04
N VAL B 577 19.79 66.61 -14.25
CA VAL B 577 20.61 65.42 -14.44
C VAL B 577 22.01 65.61 -13.86
N GLN B 578 22.59 66.80 -14.02
CA GLN B 578 23.97 67.00 -13.60
C GLN B 578 24.08 67.20 -12.08
N ASP B 579 23.19 67.99 -11.50
CA ASP B 579 23.33 68.37 -10.10
C ASP B 579 22.69 67.37 -9.14
N HIS B 580 21.52 66.84 -9.48
CA HIS B 580 20.72 66.05 -8.54
C HIS B 580 20.60 64.60 -8.96
N LEU B 581 21.58 64.07 -9.70
CA LEU B 581 21.53 62.70 -10.16
C LEU B 581 22.95 62.16 -10.33
N ARG B 582 23.78 62.36 -9.32
CA ARG B 582 25.18 61.98 -9.35
C ARG B 582 25.34 60.47 -9.20
N ALA B 583 26.46 59.97 -9.73
CA ALA B 583 26.86 58.59 -9.51
C ALA B 583 27.22 58.36 -8.05
N LEU B 584 27.10 57.10 -7.62
CA LEU B 584 27.23 56.76 -6.20
C LEU B 584 28.63 57.02 -5.66
N GLN B 585 29.65 56.95 -6.50
CA GLN B 585 30.99 57.33 -6.07
C GLN B 585 31.10 58.84 -5.87
N ASP B 586 30.26 59.63 -6.56
CA ASP B 586 30.25 61.07 -6.45
C ASP B 586 29.19 61.58 -5.49
N ALA B 587 28.65 60.69 -4.66
CA ALA B 587 27.68 61.06 -3.64
C ALA B 587 28.36 61.91 -2.56
N PRO B 588 27.59 62.71 -1.82
CA PRO B 588 28.18 63.49 -0.73
C PRO B 588 28.76 62.59 0.34
N PRO B 589 29.81 63.04 1.03
CA PRO B 589 30.56 62.16 1.93
C PRO B 589 29.75 61.67 3.13
N ILE B 590 30.22 60.54 3.67
CA ILE B 590 29.56 59.61 4.59
C ILE B 590 28.16 59.25 4.10
N HIS B 591 28.05 59.00 2.80
CA HIS B 591 26.88 58.31 2.25
C HIS B 591 26.93 56.81 2.46
N GLU B 592 28.06 56.28 2.94
CA GLU B 592 28.17 54.85 3.23
C GLU B 592 27.27 54.42 4.37
N LEU B 593 26.89 55.35 5.26
CA LEU B 593 25.91 55.05 6.30
C LEU B 593 24.53 54.75 5.73
N PHE B 594 24.21 55.23 4.54
CA PHE B 594 22.86 55.14 4.01
C PHE B 594 22.69 54.14 2.88
N VAL B 595 23.70 53.97 2.03
CA VAL B 595 23.63 52.97 0.97
C VAL B 595 24.21 51.66 1.48
N PHE B 596 23.88 50.58 0.78
CA PHE B 596 24.47 49.27 1.05
C PHE B 596 25.08 48.75 -0.23
N SER B 597 26.41 48.78 -0.33
CA SER B 597 27.10 48.41 -1.56
C SER B 597 27.87 47.10 -1.45
N ASP B 598 27.87 46.45 -0.29
CA ASP B 598 28.67 45.23 -0.08
C ASP B 598 27.91 44.04 -0.67
N ILE B 599 28.14 43.78 -1.95
CA ILE B 599 27.37 42.76 -2.66
C ILE B 599 27.99 41.37 -2.57
N ALA B 600 29.29 41.26 -2.26
CA ALA B 600 29.98 39.98 -2.37
C ALA B 600 29.55 39.01 -1.26
N THR B 601 29.60 39.47 0.00
CA THR B 601 29.23 38.61 1.11
C THR B 601 27.75 38.26 1.11
N VAL B 602 26.90 39.18 0.65
CA VAL B 602 25.48 38.92 0.62
C VAL B 602 25.11 38.00 -0.53
N ARG B 603 25.80 38.13 -1.67
CA ARG B 603 25.62 37.18 -2.76
C ARG B 603 26.09 35.79 -2.37
N ARG B 604 27.15 35.72 -1.54
CA ARG B 604 27.62 34.45 -1.00
C ARG B 604 26.59 33.82 -0.07
N ASN B 605 26.03 34.61 0.85
CA ASN B 605 25.13 34.07 1.85
C ASN B 605 23.69 33.91 1.36
N ILE B 606 23.34 34.42 0.19
CA ILE B 606 21.99 34.19 -0.34
C ILE B 606 22.05 33.14 -1.44
N ILE B 607 22.86 33.40 -2.47
CA ILE B 607 23.01 32.42 -3.55
C ILE B 607 23.91 31.30 -3.06
N GLY B 608 23.39 30.08 -3.04
CA GLY B 608 24.13 28.94 -2.55
C GLY B 608 24.70 28.14 -3.70
N ALA B 609 26.01 27.98 -3.70
CA ALA B 609 26.72 27.21 -4.72
C ALA B 609 27.66 26.22 -4.04
N PRO B 610 27.12 25.11 -3.51
CA PRO B 610 27.98 24.07 -2.94
C PRO B 610 28.96 23.47 -3.91
N ARG B 611 28.57 23.33 -5.18
CA ARG B 611 29.44 22.71 -6.17
C ARG B 611 30.68 23.54 -6.47
N ALA B 612 30.57 24.87 -6.41
CA ALA B 612 31.74 25.71 -6.63
C ALA B 612 32.73 25.57 -5.48
N ALA B 613 32.23 25.47 -4.25
CA ALA B 613 33.12 25.31 -3.10
C ALA B 613 33.78 23.93 -3.11
N LEU B 614 33.02 22.89 -3.44
CA LEU B 614 33.60 21.55 -3.57
C LEU B 614 34.59 21.46 -4.73
N HIS B 615 34.35 22.22 -5.80
CA HIS B 615 35.25 22.19 -6.95
C HIS B 615 36.57 22.89 -6.65
N THR B 616 36.51 24.10 -6.10
CA THR B 616 37.75 24.80 -5.75
C THR B 616 38.42 24.24 -4.51
N ALA B 617 37.74 23.42 -3.72
CA ALA B 617 38.42 22.73 -2.64
C ALA B 617 39.06 21.42 -3.08
N LEU B 618 38.46 20.72 -4.05
CA LEU B 618 39.07 19.51 -4.57
C LEU B 618 40.08 19.76 -5.67
N ASN B 619 40.16 20.97 -6.20
CA ASN B 619 41.16 21.27 -7.24
C ASN B 619 42.41 21.90 -6.63
N ASN B 620 42.25 23.06 -5.99
CA ASN B 620 43.36 23.70 -5.28
C ASN B 620 43.02 23.85 -3.81
N PRO B 621 43.49 22.96 -2.94
CA PRO B 621 43.34 23.15 -1.49
C PRO B 621 44.01 24.40 -0.96
N HIS B 622 45.04 24.91 -1.63
CA HIS B 622 45.77 26.09 -1.21
C HIS B 622 44.89 27.34 -1.11
N PHE B 623 43.77 27.38 -1.86
CA PHE B 623 42.82 28.47 -1.73
C PHE B 623 42.19 28.52 -0.33
N TYR B 624 41.99 27.37 0.30
CA TYR B 624 41.39 27.33 1.63
C TYR B 624 42.43 27.15 2.72
N MET B 625 43.29 26.12 2.60
CA MET B 625 44.28 25.82 3.63
C MET B 625 45.34 26.91 3.77
N GLN B 626 45.70 27.57 2.67
CA GLN B 626 46.76 28.59 2.61
C GLN B 626 48.10 28.06 3.13
N CYS B 627 48.47 26.86 2.67
CA CYS B 627 49.77 26.30 3.00
C CYS B 627 50.88 27.06 2.27
N LYS B 628 52.08 26.99 2.85
CA LYS B 628 53.26 27.56 2.23
C LYS B 628 53.85 26.66 1.15
N CYS B 629 53.34 25.44 0.99
CA CYS B 629 53.89 24.48 0.04
C CYS B 629 52.91 23.94 -0.98
N CYS B 630 51.61 24.05 -0.74
CA CYS B 630 50.60 23.37 -1.53
C CYS B 630 50.06 24.18 -2.71
N GLU B 631 50.63 25.35 -2.99
CA GLU B 631 50.15 26.16 -4.10
C GLU B 631 50.46 25.51 -5.44
N LEU B 632 49.51 25.57 -6.37
CA LEU B 632 49.68 25.08 -7.73
C LEU B 632 49.72 26.27 -8.68
N GLN B 633 50.70 26.29 -9.57
CA GLN B 633 50.75 27.33 -10.60
C GLN B 633 49.65 27.14 -11.64
N ASP B 634 49.17 25.91 -11.82
CA ASP B 634 48.00 25.64 -12.64
C ASP B 634 47.23 24.47 -12.04
N GLN B 635 45.94 24.41 -12.34
CA GLN B 635 45.03 23.56 -11.57
C GLN B 635 45.15 22.08 -11.93
N SER B 636 45.83 21.74 -13.03
CA SER B 636 45.96 20.36 -13.46
C SER B 636 47.35 19.78 -13.19
N LEU B 637 48.13 20.42 -12.31
CA LEU B 637 49.53 20.03 -12.13
C LEU B 637 49.65 18.68 -11.42
N LEU B 638 48.81 18.45 -10.40
CA LEU B 638 48.91 17.35 -9.43
C LEU B 638 50.30 17.31 -8.81
N VAL B 639 50.51 18.10 -7.76
CA VAL B 639 51.74 18.06 -7.00
C VAL B 639 51.62 17.00 -5.91
N GLY B 640 52.75 16.48 -5.44
CA GLY B 640 52.74 15.38 -4.50
C GLY B 640 52.49 15.74 -3.05
N THR B 641 52.48 17.02 -2.70
CA THR B 641 52.23 17.45 -1.33
C THR B 641 50.77 17.78 -1.06
N LEU B 642 49.88 17.43 -2.00
CA LEU B 642 48.46 17.74 -1.88
C LEU B 642 47.79 16.90 -0.80
N PRO B 643 46.67 17.39 -0.25
CA PRO B 643 45.83 16.53 0.59
C PRO B 643 45.27 15.36 -0.20
N ASP B 644 45.06 14.25 0.51
CA ASP B 644 44.89 12.94 -0.09
C ASP B 644 43.63 12.83 -0.95
N LEU B 645 42.57 13.57 -0.62
CA LEU B 645 41.38 13.56 -1.46
C LEU B 645 41.62 14.19 -2.82
N SER B 646 42.52 15.18 -2.89
CA SER B 646 42.73 15.91 -4.13
C SER B 646 43.49 15.07 -5.15
N VAL B 647 44.44 14.26 -4.70
CA VAL B 647 45.23 13.44 -5.63
C VAL B 647 44.36 12.36 -6.24
N VAL B 648 43.54 11.71 -5.41
CA VAL B 648 42.60 10.70 -5.89
C VAL B 648 41.56 11.33 -6.79
N TYR B 649 41.12 12.56 -6.46
CA TYR B 649 40.16 13.26 -7.31
C TYR B 649 40.75 13.65 -8.66
N LYS B 650 42.04 13.97 -8.70
CA LYS B 650 42.62 14.38 -9.98
C LYS B 650 42.92 13.17 -10.87
N LEU B 651 43.40 12.07 -10.27
CA LEU B 651 43.59 10.84 -11.03
C LEU B 651 42.26 10.26 -11.51
N HIS B 652 41.19 10.50 -10.75
CA HIS B 652 39.83 10.30 -11.20
C HIS B 652 39.42 11.19 -12.35
N LEU B 653 39.70 12.50 -12.25
CA LEU B 653 39.23 13.47 -13.23
C LEU B 653 39.90 13.30 -14.57
N GLU B 654 41.14 12.81 -14.59
CA GLU B 654 41.91 12.87 -15.82
C GLU B 654 41.72 11.67 -16.74
N CYS B 655 40.70 10.85 -16.53
CA CYS B 655 40.49 9.68 -17.38
C CYS B 655 39.03 9.55 -17.78
N GLY B 656 38.62 8.33 -18.13
CA GLY B 656 37.31 8.06 -18.68
C GLY B 656 36.28 7.72 -17.62
N ARG B 657 35.15 7.16 -18.08
CA ARG B 657 34.00 6.94 -17.23
C ARG B 657 34.20 5.77 -16.28
N MET B 658 34.11 4.54 -16.80
CA MET B 658 34.39 3.37 -15.97
C MET B 658 35.85 3.34 -15.58
N ILE B 659 36.11 3.08 -14.30
CA ILE B 659 37.43 3.19 -13.71
C ILE B 659 37.68 1.92 -12.92
N ASN B 660 38.71 1.16 -13.32
CA ASN B 660 39.17 0.07 -12.48
C ASN B 660 39.88 0.64 -11.26
N LEU B 661 39.64 0.02 -10.11
CA LEU B 661 40.25 0.49 -8.87
C LEU B 661 41.76 0.22 -8.82
N PHE B 662 42.22 -0.81 -9.53
CA PHE B 662 43.58 -1.31 -9.31
C PHE B 662 44.63 -0.40 -9.92
N ASP B 663 44.48 -0.02 -11.20
CA ASP B 663 45.44 0.90 -11.81
C ASP B 663 45.33 2.29 -11.22
N TRP B 664 44.15 2.65 -10.70
CA TRP B 664 43.98 3.86 -9.91
C TRP B 664 44.84 3.81 -8.65
N LEU B 665 44.87 2.65 -7.98
CA LEU B 665 45.71 2.47 -6.80
C LEU B 665 47.19 2.50 -7.16
N GLN B 666 47.56 1.94 -8.32
CA GLN B 666 48.97 1.98 -8.74
C GLN B 666 49.40 3.40 -9.07
N ALA B 667 48.52 4.19 -9.68
CA ALA B 667 48.86 5.58 -9.99
C ALA B 667 48.99 6.42 -8.72
N PHE B 668 48.08 6.21 -7.76
CA PHE B 668 48.17 6.93 -6.50
C PHE B 668 49.38 6.49 -5.68
N ARG B 669 49.73 5.21 -5.73
CA ARG B 669 50.95 4.73 -5.07
C ARG B 669 52.20 5.27 -5.74
N SER B 670 52.14 5.48 -7.07
CA SER B 670 53.24 6.12 -7.77
C SER B 670 53.37 7.60 -7.40
N VAL B 671 52.26 8.25 -7.05
CA VAL B 671 52.32 9.65 -6.67
C VAL B 671 52.97 9.81 -5.30
N VAL B 672 52.55 9.00 -4.33
CA VAL B 672 53.08 9.09 -2.98
C VAL B 672 53.92 7.86 -2.65
N PRO B 687 50.01 -1.89 3.40
CA PRO B 687 50.48 -0.72 4.14
C PRO B 687 49.35 0.25 4.48
N GLN B 688 49.70 1.39 5.08
CA GLN B 688 48.71 2.42 5.37
C GLN B 688 48.30 3.20 4.12
N ILE B 689 49.08 3.12 3.04
CA ILE B 689 48.74 3.83 1.81
C ILE B 689 47.49 3.24 1.17
N GLN B 690 47.28 1.93 1.30
CA GLN B 690 46.06 1.32 0.78
C GLN B 690 44.85 1.72 1.62
N ALA B 691 45.01 1.85 2.93
CA ALA B 691 43.93 2.34 3.77
C ALA B 691 43.63 3.82 3.50
N ARG B 692 44.65 4.61 3.16
CA ARG B 692 44.41 6.00 2.80
C ARG B 692 43.68 6.11 1.46
N PHE B 693 44.01 5.22 0.52
CA PHE B 693 43.29 5.19 -0.75
C PHE B 693 41.85 4.73 -0.55
N THR B 694 41.62 3.77 0.33
CA THR B 694 40.26 3.31 0.60
C THR B 694 39.45 4.41 1.30
N ARG B 695 40.08 5.16 2.20
CA ARG B 695 39.41 6.27 2.86
C ARG B 695 39.08 7.39 1.88
N ALA B 696 39.96 7.65 0.92
CA ALA B 696 39.70 8.69 -0.07
C ALA B 696 38.61 8.27 -1.04
N VAL B 697 38.61 7.01 -1.48
CA VAL B 697 37.55 6.50 -2.35
C VAL B 697 36.20 6.49 -1.62
N ALA B 698 36.20 6.20 -0.32
CA ALA B 698 34.96 6.22 0.45
C ALA B 698 34.43 7.64 0.65
N GLU B 699 35.31 8.61 0.89
CA GLU B 699 34.87 10.00 0.99
C GLU B 699 34.37 10.52 -0.35
N LEU B 700 35.05 10.16 -1.44
CA LEU B 700 34.66 10.61 -2.76
C LEU B 700 33.38 9.94 -3.23
N GLN B 701 33.07 8.75 -2.71
CA GLN B 701 31.76 8.17 -2.93
C GLN B 701 30.70 8.84 -2.07
N PHE B 702 31.07 9.24 -0.85
CA PHE B 702 30.15 9.92 0.05
C PHE B 702 29.72 11.28 -0.48
N LEU B 703 30.60 11.94 -1.25
CA LEU B 703 30.21 13.19 -1.90
C LEU B 703 29.39 12.98 -3.16
N GLY B 704 29.24 11.74 -3.62
CA GLY B 704 28.48 11.47 -4.83
C GLY B 704 29.26 11.59 -6.12
N TYR B 705 30.57 11.78 -6.06
CA TYR B 705 31.36 11.94 -7.28
C TYR B 705 31.54 10.63 -8.04
N ILE B 706 31.66 9.51 -7.34
CA ILE B 706 31.75 8.19 -7.94
C ILE B 706 30.62 7.33 -7.37
N LYS B 707 30.48 6.13 -7.92
CA LYS B 707 29.69 5.09 -7.26
C LYS B 707 30.29 3.74 -7.65
N MET B 708 30.18 2.80 -6.71
CA MET B 708 30.62 1.44 -6.97
C MET B 708 29.70 0.77 -7.98
N SER B 709 30.29 0.02 -8.90
CA SER B 709 29.50 -0.81 -9.79
C SER B 709 28.97 -2.03 -9.07
N LYS B 710 27.79 -2.48 -9.48
CA LYS B 710 27.19 -3.70 -8.95
C LYS B 710 27.36 -4.89 -9.87
N ARG B 711 27.15 -4.70 -11.17
CA ARG B 711 27.34 -5.77 -12.14
C ARG B 711 28.80 -6.18 -12.31
N LYS B 712 29.74 -5.28 -12.06
CA LYS B 712 31.16 -5.56 -12.21
C LYS B 712 31.87 -5.22 -10.90
N THR B 713 32.53 -6.20 -10.30
CA THR B 713 33.25 -5.97 -9.07
C THR B 713 34.55 -5.20 -9.32
N ASP B 714 35.01 -4.50 -8.27
CA ASP B 714 36.27 -3.75 -8.25
C ASP B 714 36.32 -2.67 -9.34
N HIS B 715 35.20 -1.99 -9.55
CA HIS B 715 35.11 -0.94 -10.55
C HIS B 715 34.25 0.19 -10.00
N ALA B 716 34.38 1.36 -10.61
CA ALA B 716 33.64 2.53 -10.18
C ALA B 716 33.27 3.39 -11.38
N THR B 717 32.07 3.95 -11.36
CA THR B 717 31.60 4.85 -12.42
C THR B 717 31.51 6.26 -11.88
N ARG B 718 31.95 7.24 -12.67
CA ARG B 718 31.86 8.62 -12.24
C ARG B 718 30.49 9.19 -12.57
N LEU B 719 29.87 9.83 -11.59
CA LEU B 719 28.56 10.45 -11.78
C LEU B 719 28.66 11.86 -12.36
N THR B 720 29.85 12.45 -12.41
CA THR B 720 30.01 13.79 -12.93
C THR B 720 30.51 13.75 -14.38
N TRP B 721 30.38 14.90 -15.05
CA TRP B 721 30.80 15.04 -16.42
C TRP B 721 31.60 16.32 -16.63
N PRO C 5 -65.27 -2.63 -10.43
CA PRO C 5 -65.02 -3.73 -11.37
C PRO C 5 -64.43 -4.96 -10.69
N GLU C 6 -65.07 -6.12 -10.86
CA GLU C 6 -64.54 -7.35 -10.28
C GLU C 6 -63.43 -7.94 -11.13
N ALA C 7 -63.53 -7.83 -12.45
CA ALA C 7 -62.52 -8.41 -13.33
C ALA C 7 -61.18 -7.69 -13.24
N ASP C 8 -61.20 -6.41 -12.85
CA ASP C 8 -59.96 -5.68 -12.65
C ASP C 8 -59.20 -6.19 -11.42
N ARG C 9 -59.91 -6.72 -10.42
CA ARG C 9 -59.29 -7.11 -9.17
C ARG C 9 -58.87 -8.56 -9.11
N GLU C 10 -59.56 -9.45 -9.84
CA GLU C 10 -59.12 -10.83 -9.93
C GLU C 10 -57.78 -10.96 -10.62
N LEU C 11 -57.49 -10.10 -11.61
CA LEU C 11 -56.19 -10.10 -12.24
C LEU C 11 -55.11 -9.59 -11.28
N VAL C 12 -55.45 -8.62 -10.43
CA VAL C 12 -54.48 -8.15 -9.45
C VAL C 12 -54.19 -9.24 -8.42
N SER C 13 -55.21 -10.01 -8.05
CA SER C 13 -54.97 -11.15 -7.15
C SER C 13 -54.13 -12.23 -7.81
N ILE C 14 -54.37 -12.49 -9.10
CA ILE C 14 -53.58 -13.48 -9.84
C ILE C 14 -52.14 -13.02 -9.99
N ARG C 15 -51.94 -11.73 -10.23
CA ARG C 15 -50.59 -11.22 -10.44
C ARG C 15 -49.79 -11.19 -9.15
N ARG C 16 -50.42 -10.77 -8.04
CA ARG C 16 -49.75 -10.80 -6.74
C ARG C 16 -49.48 -12.23 -6.29
N PHE C 17 -50.37 -13.17 -6.64
CA PHE C 17 -50.14 -14.58 -6.31
C PHE C 17 -48.96 -15.14 -7.06
N LEU C 18 -48.92 -14.92 -8.38
CA LEU C 18 -47.84 -15.46 -9.20
C LEU C 18 -46.50 -14.83 -8.86
N LYS C 19 -46.49 -13.53 -8.55
CA LYS C 19 -45.23 -12.89 -8.16
C LYS C 19 -44.75 -13.38 -6.81
N GLU C 20 -45.67 -13.55 -5.84
CA GLU C 20 -45.29 -14.07 -4.54
C GLU C 20 -44.85 -15.52 -4.60
N ARG C 21 -45.37 -16.29 -5.55
CA ARG C 21 -44.90 -17.66 -5.71
C ARG C 21 -43.52 -17.71 -6.37
N LEU C 22 -43.29 -16.85 -7.37
CA LEU C 22 -41.97 -16.85 -8.00
C LEU C 22 -40.90 -16.27 -7.09
N GLN C 23 -41.26 -15.43 -6.12
CA GLN C 23 -40.23 -14.84 -5.27
C GLN C 23 -40.10 -15.52 -3.91
N ARG C 24 -41.22 -15.78 -3.23
CA ARG C 24 -41.20 -16.29 -1.87
C ARG C 24 -41.82 -17.67 -1.73
N ASP C 25 -41.22 -18.69 -2.30
CA ASP C 25 -41.66 -20.07 -2.07
C ASP C 25 -40.45 -20.86 -1.60
N TYR C 26 -40.07 -20.63 -0.34
CA TYR C 26 -38.77 -21.04 0.13
C TYR C 26 -38.68 -22.54 0.45
N THR C 27 -39.81 -23.23 0.58
CA THR C 27 -39.78 -24.63 0.96
C THR C 27 -40.29 -25.60 -0.10
N THR C 28 -41.06 -25.15 -1.08
CA THR C 28 -41.52 -26.04 -2.13
C THR C 28 -40.34 -26.52 -2.98
N LEU C 29 -40.29 -27.82 -3.23
CA LEU C 29 -39.18 -28.44 -3.92
C LEU C 29 -39.72 -29.38 -4.98
N ARG C 30 -39.51 -29.04 -6.25
CA ARG C 30 -39.82 -29.94 -7.34
C ARG C 30 -38.62 -30.81 -7.64
N GLY C 31 -38.84 -32.10 -7.79
CA GLY C 31 -37.77 -33.01 -8.09
C GLY C 31 -36.94 -33.37 -6.87
N TYR C 32 -35.84 -34.08 -7.14
CA TYR C 32 -34.89 -34.62 -6.15
C TYR C 32 -35.61 -35.43 -5.08
N ALA C 33 -35.93 -36.67 -5.43
CA ALA C 33 -36.56 -37.55 -4.45
C ALA C 33 -35.53 -38.24 -3.59
N LYS C 34 -34.61 -38.99 -4.21
CA LYS C 34 -33.62 -39.75 -3.46
C LYS C 34 -32.62 -38.85 -2.74
N GLU C 35 -32.30 -37.69 -3.30
CA GLU C 35 -31.34 -36.80 -2.65
C GLU C 35 -31.94 -36.15 -1.41
N ARG C 36 -33.18 -35.68 -1.52
CA ARG C 36 -33.89 -35.16 -0.36
C ARG C 36 -34.14 -36.24 0.68
N SER C 37 -34.37 -37.48 0.25
CA SER C 37 -34.52 -38.58 1.19
C SER C 37 -33.22 -38.87 1.92
N ASN C 38 -32.07 -38.73 1.23
CA ASN C 38 -30.78 -38.92 1.89
C ASN C 38 -30.54 -37.85 2.95
N VAL C 39 -30.79 -36.59 2.60
CA VAL C 39 -30.58 -35.49 3.55
C VAL C 39 -31.54 -35.60 4.72
N ARG C 40 -32.77 -36.05 4.46
CA ARG C 40 -33.78 -36.12 5.52
C ARG C 40 -33.50 -37.27 6.48
N LEU C 41 -33.15 -38.46 5.95
CA LEU C 41 -32.80 -39.57 6.83
C LEU C 41 -31.51 -39.31 7.59
N LEU C 42 -30.58 -38.54 7.02
CA LEU C 42 -29.34 -38.23 7.72
C LEU C 42 -29.59 -37.28 8.90
N LEU C 43 -30.35 -36.20 8.67
CA LEU C 43 -30.70 -35.32 9.79
C LEU C 43 -31.59 -36.02 10.82
N GLN C 44 -32.45 -36.93 10.37
CA GLN C 44 -33.33 -37.65 11.29
C GLN C 44 -32.53 -38.62 12.17
N ARG C 45 -31.55 -39.31 11.60
CA ARG C 45 -30.68 -40.16 12.40
C ARG C 45 -29.81 -39.35 13.36
N THR C 46 -29.37 -38.15 12.96
CA THR C 46 -28.61 -37.31 13.87
C THR C 46 -29.47 -36.83 15.04
N ALA C 47 -30.74 -36.50 14.77
CA ALA C 47 -31.60 -36.02 15.85
C ALA C 47 -32.06 -37.13 16.77
N GLU C 48 -32.33 -38.31 16.23
CA GLU C 48 -32.88 -39.39 17.05
C GLU C 48 -31.77 -40.27 17.65
N MET C 49 -30.97 -40.90 16.80
CA MET C 49 -30.04 -41.91 17.28
C MET C 49 -28.77 -41.33 17.87
N GLY C 50 -28.54 -40.03 17.72
CA GLY C 50 -27.33 -39.44 18.25
C GLY C 50 -26.09 -39.70 17.43
N GLU C 51 -26.24 -40.12 16.18
CA GLU C 51 -25.09 -40.28 15.30
C GLU C 51 -24.54 -38.92 14.89
N SER C 52 -23.22 -38.84 14.80
CA SER C 52 -22.54 -37.63 14.36
C SER C 52 -22.17 -37.79 12.89
N ASN C 53 -22.88 -37.08 12.03
CA ASN C 53 -22.72 -37.21 10.58
C ASN C 53 -22.10 -35.95 10.00
N SER C 54 -21.88 -35.99 8.69
CA SER C 54 -21.46 -34.82 7.93
C SER C 54 -21.90 -35.04 6.49
N LEU C 55 -22.16 -33.94 5.80
CA LEU C 55 -22.73 -34.02 4.46
C LEU C 55 -22.27 -32.81 3.68
N LEU C 56 -22.31 -32.90 2.35
CA LEU C 56 -21.80 -31.84 1.50
C LEU C 56 -22.67 -31.75 0.24
N LEU C 57 -23.64 -30.85 0.27
CA LEU C 57 -24.45 -30.58 -0.93
C LEU C 57 -23.63 -29.89 -1.99
N LEU C 58 -23.80 -30.34 -3.23
CA LEU C 58 -22.99 -29.91 -4.36
C LEU C 58 -23.90 -29.75 -5.57
N GLY C 59 -23.49 -28.89 -6.49
CA GLY C 59 -24.23 -28.69 -7.71
C GLY C 59 -24.06 -27.31 -8.28
N PRO C 60 -24.56 -27.09 -9.49
CA PRO C 60 -24.48 -25.76 -10.10
C PRO C 60 -25.33 -24.74 -9.36
N ARG C 61 -24.90 -23.48 -9.44
CA ARG C 61 -25.69 -22.38 -8.91
C ARG C 61 -27.00 -22.27 -9.66
N GLY C 62 -28.08 -21.99 -8.92
CA GLY C 62 -29.41 -21.96 -9.47
C GLY C 62 -30.20 -23.23 -9.30
N SER C 63 -29.54 -24.35 -9.00
CA SER C 63 -30.22 -25.56 -8.57
C SER C 63 -30.66 -25.41 -7.12
N GLY C 64 -31.74 -26.10 -6.76
CA GLY C 64 -32.28 -25.96 -5.43
C GLY C 64 -31.50 -26.68 -4.36
N LYS C 65 -30.44 -26.07 -3.84
CA LYS C 65 -29.73 -26.60 -2.69
C LYS C 65 -30.26 -25.99 -1.40
N THR C 66 -30.33 -24.66 -1.34
CA THR C 66 -30.92 -23.97 -0.21
C THR C 66 -32.40 -24.30 -0.08
N THR C 67 -33.09 -24.46 -1.22
CA THR C 67 -34.50 -24.85 -1.17
C THR C 67 -34.67 -26.29 -0.69
N LEU C 68 -33.71 -27.16 -1.01
CA LEU C 68 -33.75 -28.53 -0.50
C LEU C 68 -33.53 -28.57 1.00
N ILE C 69 -32.59 -27.77 1.49
CA ILE C 69 -32.33 -27.72 2.93
C ILE C 69 -33.51 -27.13 3.68
N ASN C 70 -34.13 -26.09 3.12
CA ASN C 70 -35.31 -25.51 3.73
C ASN C 70 -36.50 -26.46 3.71
N SER C 71 -36.60 -27.29 2.66
CA SER C 71 -37.68 -28.27 2.62
C SER C 71 -37.49 -29.36 3.66
N VAL C 72 -36.26 -29.83 3.83
CA VAL C 72 -35.99 -30.87 4.82
C VAL C 72 -36.19 -30.34 6.24
N LEU C 73 -35.74 -29.11 6.51
CA LEU C 73 -35.95 -28.53 7.83
C LEU C 73 -37.41 -28.21 8.08
N ALA C 74 -38.15 -27.77 7.06
CA ALA C 74 -39.57 -27.48 7.23
C ALA C 74 -40.40 -28.73 7.46
N ASP C 75 -39.99 -29.87 6.91
CA ASP C 75 -40.72 -31.09 7.21
C ASP C 75 -40.21 -31.81 8.46
N LEU C 76 -39.03 -31.47 8.96
CA LEU C 76 -38.56 -32.11 10.19
C LEU C 76 -38.87 -31.33 11.45
N LEU C 77 -38.83 -29.99 11.39
CA LEU C 77 -38.97 -29.17 12.59
C LEU C 77 -40.29 -29.31 13.36
N PRO C 78 -41.51 -29.33 12.73
CA PRO C 78 -42.72 -29.45 13.57
C PRO C 78 -43.02 -30.85 14.10
N ASN C 79 -42.04 -31.75 14.17
CA ASN C 79 -42.29 -33.09 14.66
C ASN C 79 -42.36 -33.19 16.18
N LYS C 80 -41.98 -32.11 16.89
CA LYS C 80 -41.91 -32.06 18.36
C LYS C 80 -41.00 -33.14 18.93
N SER C 81 -39.93 -33.46 18.19
CA SER C 81 -38.87 -34.34 18.63
C SER C 81 -37.57 -33.82 18.04
N PHE C 82 -37.57 -33.62 16.72
CA PHE C 82 -36.52 -32.87 16.06
C PHE C 82 -36.47 -31.43 16.54
N GLY C 83 -37.62 -30.84 16.85
CA GLY C 83 -37.63 -29.48 17.33
C GLY C 83 -37.22 -29.30 18.77
N GLU C 84 -37.33 -30.35 19.59
CA GLU C 84 -36.98 -30.27 20.99
C GLU C 84 -35.63 -30.89 21.32
N ASN C 85 -35.11 -31.76 20.47
CA ASN C 85 -33.86 -32.45 20.73
C ASN C 85 -32.72 -32.00 19.82
N THR C 86 -32.89 -30.88 19.10
CA THR C 86 -31.91 -30.46 18.12
C THR C 86 -31.95 -28.95 17.96
N LEU C 87 -30.81 -28.30 18.14
CA LEU C 87 -30.65 -26.88 17.85
C LEU C 87 -29.86 -26.70 16.56
N ILE C 88 -30.26 -25.71 15.76
CA ILE C 88 -29.77 -25.54 14.40
C ILE C 88 -28.93 -24.27 14.32
N VAL C 89 -27.73 -24.38 13.77
CA VAL C 89 -26.79 -23.28 13.66
C VAL C 89 -26.52 -23.07 12.17
N HIS C 90 -27.17 -22.06 11.58
CA HIS C 90 -26.82 -21.62 10.24
C HIS C 90 -25.53 -20.83 10.26
N LEU C 91 -24.73 -20.98 9.22
CA LEU C 91 -23.55 -20.16 8.98
C LEU C 91 -23.44 -19.95 7.47
N ASP C 92 -22.94 -18.80 7.08
CA ASP C 92 -22.84 -18.43 5.67
C ASP C 92 -21.45 -17.90 5.39
N GLY C 93 -20.89 -18.30 4.26
CA GLY C 93 -19.53 -17.93 3.94
C GLY C 93 -19.34 -16.52 3.43
N ASN C 94 -20.42 -15.85 3.02
CA ASN C 94 -20.34 -14.47 2.60
C ASN C 94 -20.45 -13.49 3.76
N LEU C 95 -21.20 -13.84 4.80
CA LEU C 95 -21.34 -12.97 5.96
C LEU C 95 -20.29 -13.24 7.02
N HIS C 96 -19.90 -14.51 7.22
CA HIS C 96 -18.90 -14.88 8.22
C HIS C 96 -17.55 -14.97 7.52
N THR C 97 -16.97 -13.81 7.22
CA THR C 97 -15.75 -13.74 6.42
C THR C 97 -14.50 -14.10 7.20
N ASP C 98 -14.58 -14.23 8.52
CA ASP C 98 -13.44 -14.61 9.33
C ASP C 98 -13.89 -15.67 10.32
N ASP C 99 -12.92 -16.39 10.88
CA ASP C 99 -13.25 -17.46 11.82
C ASP C 99 -13.85 -16.92 13.12
N ARG C 100 -13.43 -15.74 13.57
CA ARG C 100 -13.96 -15.20 14.82
C ARG C 100 -15.39 -14.71 14.68
N VAL C 101 -15.77 -14.21 13.50
CA VAL C 101 -17.16 -13.81 13.27
C VAL C 101 -18.08 -15.02 13.27
N ALA C 102 -17.66 -16.09 12.59
CA ALA C 102 -18.41 -17.34 12.61
C ALA C 102 -18.44 -17.97 13.99
N LEU C 103 -17.40 -17.76 14.78
CA LEU C 103 -17.35 -18.36 16.10
C LEU C 103 -18.25 -17.61 17.09
N LYS C 104 -18.29 -16.27 17.00
CA LYS C 104 -19.25 -15.51 17.79
C LYS C 104 -20.68 -15.83 17.37
N SER C 105 -20.92 -16.06 16.07
CA SER C 105 -22.25 -16.47 15.64
C SER C 105 -22.63 -17.85 16.15
N ILE C 106 -21.65 -18.76 16.23
CA ILE C 106 -21.91 -20.08 16.80
C ILE C 106 -22.24 -19.97 18.29
N THR C 107 -21.49 -19.12 19.01
CA THR C 107 -21.71 -18.93 20.43
C THR C 107 -23.07 -18.27 20.71
N VAL C 108 -23.53 -17.39 19.82
CA VAL C 108 -24.85 -16.80 19.99
C VAL C 108 -25.94 -17.81 19.67
N GLN C 109 -25.83 -18.50 18.52
CA GLN C 109 -26.91 -19.35 18.06
C GLN C 109 -27.07 -20.61 18.90
N MET C 110 -26.01 -21.07 19.56
CA MET C 110 -26.14 -22.20 20.47
C MET C 110 -26.60 -21.79 21.86
N GLN C 111 -26.70 -20.48 22.12
CA GLN C 111 -27.12 -19.91 23.41
C GLN C 111 -26.22 -20.38 24.56
N LEU C 112 -24.92 -20.29 24.34
CA LEU C 112 -23.94 -20.64 25.36
C LEU C 112 -23.94 -19.61 26.49
N GLU C 113 -23.40 -20.03 27.64
CA GLU C 113 -23.46 -19.23 28.85
C GLU C 113 -22.71 -17.90 28.73
N ASN C 114 -21.67 -17.84 27.90
CA ASN C 114 -20.92 -16.61 27.71
C ASN C 114 -21.50 -15.71 26.64
N ALA C 115 -22.62 -16.08 26.01
CA ALA C 115 -23.22 -15.24 24.98
C ALA C 115 -23.86 -14.00 25.58
N ALA C 116 -24.93 -14.20 26.37
CA ALA C 116 -25.69 -13.16 27.06
C ALA C 116 -26.19 -12.05 26.14
N ASP C 117 -27.35 -12.28 25.51
CA ASP C 117 -28.09 -11.29 24.72
C ASP C 117 -27.28 -10.75 23.54
N GLY C 118 -26.61 -11.66 22.83
CA GLY C 118 -26.06 -11.37 21.52
C GLY C 118 -24.72 -10.68 21.49
N LYS C 119 -24.10 -10.42 22.63
CA LYS C 119 -22.79 -9.77 22.67
C LYS C 119 -21.83 -10.71 23.39
N VAL C 120 -21.12 -11.54 22.61
CA VAL C 120 -20.20 -12.52 23.18
C VAL C 120 -19.01 -11.80 23.83
N PHE C 121 -18.63 -12.28 25.01
CA PHE C 121 -17.47 -11.77 25.73
C PHE C 121 -16.27 -12.68 25.52
N GLY C 122 -15.09 -12.11 25.73
CA GLY C 122 -13.86 -12.85 25.62
C GLY C 122 -13.27 -12.82 24.22
N SER C 123 -12.04 -13.31 24.13
CA SER C 123 -11.26 -13.30 22.91
C SER C 123 -11.71 -14.42 21.97
N PHE C 124 -11.11 -14.42 20.78
CA PHE C 124 -11.31 -15.51 19.83
C PHE C 124 -10.78 -16.82 20.39
N ALA C 125 -9.68 -16.77 21.14
CA ALA C 125 -9.15 -17.99 21.74
C ALA C 125 -10.03 -18.48 22.89
N GLU C 126 -10.51 -17.57 23.73
CA GLU C 126 -11.43 -17.95 24.79
C GLU C 126 -12.77 -18.43 24.25
N ASN C 127 -13.23 -17.87 23.12
CA ASN C 127 -14.47 -18.35 22.52
C ASN C 127 -14.29 -19.75 21.95
N LEU C 128 -13.15 -20.02 21.30
CA LEU C 128 -12.90 -21.36 20.78
C LEU C 128 -12.73 -22.37 21.91
N ALA C 129 -12.07 -21.97 23.00
CA ALA C 129 -11.89 -22.90 24.11
C ALA C 129 -13.20 -23.19 24.82
N PHE C 130 -14.05 -22.18 25.02
CA PHE C 130 -15.34 -22.40 25.64
C PHE C 130 -16.28 -23.21 24.76
N LEU C 131 -16.21 -23.03 23.44
CA LEU C 131 -17.07 -23.81 22.54
C LEU C 131 -16.64 -25.28 22.51
N LEU C 132 -15.32 -25.52 22.39
CA LEU C 132 -14.84 -26.90 22.40
C LEU C 132 -15.03 -27.57 23.75
N GLN C 133 -14.99 -26.82 24.84
CA GLN C 133 -15.23 -27.41 26.15
C GLN C 133 -16.71 -27.71 26.36
N CYS C 134 -17.61 -26.86 25.86
CA CYS C 134 -19.03 -27.19 25.87
C CYS C 134 -19.37 -28.39 25.00
N LEU C 135 -18.67 -28.57 23.88
CA LEU C 135 -18.96 -29.72 23.04
C LEU C 135 -18.38 -31.00 23.61
N LYS C 136 -17.17 -30.93 24.20
CA LYS C 136 -16.59 -32.09 24.87
C LYS C 136 -17.35 -32.47 26.12
N ALA C 137 -18.00 -31.50 26.77
CA ALA C 137 -18.73 -31.80 28.01
C ALA C 137 -20.04 -32.53 27.77
N GLY C 138 -20.52 -32.58 26.53
CA GLY C 138 -21.77 -33.22 26.22
C GLY C 138 -21.63 -34.70 25.92
N GLY C 139 -22.70 -35.27 25.39
CA GLY C 139 -22.73 -36.68 25.09
C GLY C 139 -24.02 -37.01 24.37
N LYS C 140 -24.39 -38.30 24.41
CA LYS C 140 -25.65 -38.71 23.80
C LYS C 140 -26.86 -38.15 24.52
N HIS C 141 -26.74 -37.81 25.81
CA HIS C 141 -27.83 -37.15 26.53
C HIS C 141 -28.01 -35.70 26.12
N SER C 142 -27.01 -35.07 25.51
CA SER C 142 -27.08 -33.67 25.13
C SER C 142 -27.82 -33.49 23.80
N LYS C 143 -28.31 -32.27 23.58
CA LYS C 143 -29.01 -31.94 22.35
C LYS C 143 -28.08 -32.00 21.14
N SER C 144 -28.62 -32.46 20.01
CA SER C 144 -27.87 -32.50 18.77
C SER C 144 -27.82 -31.12 18.15
N VAL C 145 -26.63 -30.69 17.74
CA VAL C 145 -26.48 -29.49 16.95
C VAL C 145 -26.52 -29.89 15.48
N ILE C 146 -27.09 -29.04 14.64
CA ILE C 146 -27.01 -29.23 13.19
C ILE C 146 -26.42 -27.96 12.62
N PHE C 147 -25.13 -28.01 12.27
CA PHE C 147 -24.50 -26.90 11.57
C PHE C 147 -24.86 -26.97 10.10
N ILE C 148 -25.12 -25.80 9.50
CA ILE C 148 -25.44 -25.71 8.08
C ILE C 148 -24.56 -24.62 7.49
N LEU C 149 -23.51 -25.01 6.78
CA LEU C 149 -22.51 -24.06 6.29
C LEU C 149 -22.75 -23.79 4.81
N GLU C 150 -23.57 -22.78 4.54
CA GLU C 150 -23.74 -22.33 3.17
C GLU C 150 -22.51 -21.55 2.72
N GLU C 151 -22.20 -21.64 1.42
CA GLU C 151 -20.94 -21.22 0.83
C GLU C 151 -19.75 -21.80 1.58
N PHE C 152 -19.68 -23.15 1.56
CA PHE C 152 -18.65 -23.89 2.26
C PHE C 152 -17.26 -23.64 1.67
N ASP C 153 -17.19 -23.36 0.37
CA ASP C 153 -15.90 -23.14 -0.28
C ASP C 153 -15.22 -21.86 0.21
N LEU C 154 -15.98 -20.89 0.69
CA LEU C 154 -15.37 -19.74 1.35
C LEU C 154 -14.93 -20.06 2.77
N PHE C 155 -15.60 -20.99 3.45
CA PHE C 155 -15.11 -21.47 4.74
C PHE C 155 -13.82 -22.26 4.60
N CYS C 156 -13.58 -22.86 3.45
CA CYS C 156 -12.30 -23.54 3.21
C CYS C 156 -11.13 -22.57 3.12
N ALA C 157 -11.39 -21.29 2.84
CA ALA C 157 -10.34 -20.30 2.64
C ALA C 157 -9.82 -19.68 3.93
N HIS C 158 -10.41 -19.99 5.08
CA HIS C 158 -10.02 -19.39 6.34
C HIS C 158 -8.66 -19.92 6.80
N HIS C 159 -8.06 -19.21 7.75
CA HIS C 159 -6.73 -19.55 8.25
C HIS C 159 -6.72 -20.92 8.90
N ASN C 160 -5.73 -21.74 8.52
CA ASN C 160 -5.53 -23.14 8.92
C ASN C 160 -6.71 -24.07 8.67
N GLN C 161 -7.77 -23.56 8.01
CA GLN C 161 -9.11 -24.14 7.99
C GLN C 161 -9.60 -24.53 9.39
N THR C 162 -9.24 -23.69 10.38
CA THR C 162 -9.21 -24.16 11.76
C THR C 162 -10.60 -24.47 12.32
N LEU C 163 -11.59 -23.63 11.99
CA LEU C 163 -12.97 -23.90 12.42
C LEU C 163 -13.50 -25.17 11.80
N LEU C 164 -13.14 -25.41 10.52
CA LEU C 164 -13.56 -26.65 9.86
C LEU C 164 -12.96 -27.85 10.55
N TYR C 165 -11.69 -27.73 10.99
CA TYR C 165 -11.04 -28.85 11.66
C TYR C 165 -11.69 -29.12 13.00
N ASN C 166 -12.27 -28.09 13.63
CA ASN C 166 -12.98 -28.39 14.86
C ASN C 166 -14.32 -29.03 14.55
N LEU C 167 -15.03 -28.48 13.54
CA LEU C 167 -16.40 -28.92 13.30
C LEU C 167 -16.45 -30.36 12.81
N PHE C 168 -15.45 -30.78 12.06
CA PHE C 168 -15.39 -32.18 11.67
C PHE C 168 -14.96 -33.06 12.83
N ASP C 169 -14.05 -32.58 13.70
CA ASP C 169 -13.45 -33.46 14.69
C ASP C 169 -14.44 -33.88 15.78
N VAL C 170 -15.39 -33.00 16.12
CA VAL C 170 -16.45 -33.38 17.05
C VAL C 170 -17.32 -34.46 16.44
N SER C 171 -17.52 -34.39 15.12
CA SER C 171 -18.24 -35.43 14.40
C SER C 171 -17.46 -36.73 14.37
N GLN C 172 -16.14 -36.67 14.55
CA GLN C 172 -15.30 -37.84 14.63
C GLN C 172 -15.07 -38.30 16.06
N SER C 173 -15.70 -37.65 17.04
CA SER C 173 -15.38 -37.91 18.44
C SER C 173 -16.65 -38.22 19.22
N ALA C 174 -16.46 -38.87 20.37
CA ALA C 174 -17.57 -39.25 21.25
C ALA C 174 -17.92 -38.07 22.15
N GLN C 175 -18.49 -37.04 21.51
CA GLN C 175 -18.87 -35.81 22.21
C GLN C 175 -20.33 -35.51 21.91
N ALA C 176 -20.66 -34.25 21.69
CA ALA C 176 -22.00 -33.91 21.32
C ALA C 176 -22.29 -34.37 19.88
N PRO C 177 -23.46 -34.94 19.63
CA PRO C 177 -23.75 -35.41 18.27
C PRO C 177 -24.10 -34.29 17.31
N ILE C 178 -23.10 -33.68 16.69
CA ILE C 178 -23.33 -32.61 15.73
C ILE C 178 -23.36 -33.19 14.33
N CYS C 179 -23.87 -32.39 13.39
CA CYS C 179 -23.98 -32.79 11.98
C CYS C 179 -23.57 -31.61 11.12
N VAL C 180 -22.30 -31.59 10.73
CA VAL C 180 -21.84 -30.59 9.78
C VAL C 180 -22.45 -30.86 8.41
N LEU C 181 -22.91 -29.80 7.75
CA LEU C 181 -23.60 -29.94 6.47
C LEU C 181 -23.17 -28.76 5.60
N GLY C 182 -22.10 -28.95 4.82
CA GLY C 182 -21.71 -27.93 3.88
C GLY C 182 -22.65 -27.88 2.69
N VAL C 183 -22.78 -26.70 2.10
CA VAL C 183 -23.55 -26.49 0.87
C VAL C 183 -22.71 -25.58 -0.01
N THR C 184 -22.27 -26.08 -1.16
CA THR C 184 -21.42 -25.24 -1.99
C THR C 184 -21.56 -25.60 -3.46
N CYS C 185 -21.23 -24.64 -4.31
CA CYS C 185 -21.43 -24.77 -5.75
C CYS C 185 -20.25 -25.39 -6.48
N ARG C 186 -19.04 -25.30 -5.94
CA ARG C 186 -17.87 -25.88 -6.59
C ARG C 186 -17.94 -27.40 -6.57
N LEU C 187 -17.60 -28.02 -7.70
CA LEU C 187 -17.60 -29.48 -7.77
C LEU C 187 -16.31 -30.08 -7.22
N ASP C 188 -15.29 -29.27 -6.98
CA ASP C 188 -14.04 -29.76 -6.43
C ASP C 188 -13.70 -29.03 -5.14
N VAL C 189 -14.69 -28.90 -4.26
CA VAL C 189 -14.45 -28.26 -2.98
C VAL C 189 -13.59 -29.14 -2.07
N ILE C 190 -13.63 -30.46 -2.28
CA ILE C 190 -12.99 -31.37 -1.34
C ILE C 190 -11.47 -31.39 -1.49
N GLU C 191 -10.92 -30.94 -2.62
CA GLU C 191 -9.48 -30.83 -2.74
C GLU C 191 -8.95 -29.52 -2.18
N LEU C 192 -9.82 -28.57 -1.85
CA LEU C 192 -9.40 -27.39 -1.10
C LEU C 192 -9.05 -27.72 0.35
N LEU C 193 -9.60 -28.80 0.88
CA LEU C 193 -9.41 -29.15 2.28
C LEU C 193 -7.99 -29.63 2.55
N GLU C 194 -7.50 -29.32 3.75
CA GLU C 194 -6.25 -29.90 4.24
C GLU C 194 -6.45 -31.38 4.48
N LYS C 195 -5.35 -32.15 4.41
CA LYS C 195 -5.44 -33.60 4.45
C LYS C 195 -5.96 -34.12 5.79
N ARG C 196 -5.70 -33.40 6.88
CA ARG C 196 -6.31 -33.75 8.17
C ARG C 196 -7.81 -33.46 8.14
N VAL C 197 -8.19 -32.30 7.63
CA VAL C 197 -9.59 -31.92 7.54
C VAL C 197 -10.31 -32.80 6.52
N LYS C 198 -9.61 -33.18 5.44
CA LYS C 198 -10.19 -34.10 4.47
C LYS C 198 -10.33 -35.51 5.04
N SER C 199 -9.47 -35.91 5.98
CA SER C 199 -9.59 -37.23 6.56
C SER C 199 -10.80 -37.32 7.48
N ARG C 200 -11.04 -36.29 8.29
CA ARG C 200 -12.17 -36.25 9.20
C ARG C 200 -13.50 -36.02 8.51
N PHE C 201 -13.48 -35.52 7.28
CA PHE C 201 -14.72 -35.45 6.51
C PHE C 201 -15.18 -36.86 6.14
N SER C 202 -16.47 -37.11 6.29
CA SER C 202 -17.08 -38.32 5.75
C SER C 202 -17.44 -38.04 4.30
N HIS C 203 -16.93 -38.85 3.38
CA HIS C 203 -16.90 -38.44 1.98
C HIS C 203 -18.22 -38.61 1.26
N ARG C 204 -19.34 -38.83 1.96
CA ARG C 204 -20.62 -38.82 1.29
C ARG C 204 -20.93 -37.43 0.75
N GLN C 205 -21.42 -37.39 -0.49
CA GLN C 205 -21.62 -36.15 -1.23
C GLN C 205 -22.90 -36.29 -2.04
N VAL C 206 -23.67 -35.21 -2.11
CA VAL C 206 -24.96 -35.21 -2.77
C VAL C 206 -24.91 -34.17 -3.87
N PHE C 207 -24.89 -34.63 -5.12
CA PHE C 207 -24.88 -33.74 -6.27
C PHE C 207 -26.32 -33.41 -6.69
N LEU C 208 -26.60 -32.13 -6.88
CA LEU C 208 -27.94 -31.69 -7.26
C LEU C 208 -27.90 -31.06 -8.66
N PHE C 209 -27.69 -31.89 -9.64
CA PHE C 209 -27.86 -31.43 -11.00
C PHE C 209 -29.35 -31.34 -11.32
N PRO C 210 -29.79 -30.27 -11.99
CA PRO C 210 -31.22 -30.14 -12.33
C PRO C 210 -31.71 -31.23 -13.28
N SER C 211 -32.96 -31.63 -13.06
CA SER C 211 -33.56 -32.79 -13.73
C SER C 211 -34.31 -32.42 -15.00
N LEU C 212 -34.08 -31.22 -15.52
CA LEU C 212 -34.82 -30.68 -16.65
C LEU C 212 -33.89 -30.30 -17.79
N ARG C 213 -32.91 -31.16 -18.08
CA ARG C 213 -32.14 -31.04 -19.31
C ARG C 213 -33.00 -31.32 -20.53
N ARG C 214 -34.00 -32.20 -20.42
CA ARG C 214 -34.97 -32.39 -21.48
C ARG C 214 -35.83 -31.14 -21.62
N PHE C 215 -36.16 -30.78 -22.86
CA PHE C 215 -36.97 -29.59 -23.09
C PHE C 215 -38.40 -29.75 -22.60
N GLU C 216 -38.94 -30.97 -22.66
CA GLU C 216 -40.32 -31.17 -22.23
C GLU C 216 -40.46 -31.00 -20.72
N ASP C 217 -39.43 -31.34 -19.95
CA ASP C 217 -39.45 -31.02 -18.53
C ASP C 217 -39.40 -29.52 -18.27
N TYR C 218 -38.68 -28.78 -19.12
CA TYR C 218 -38.64 -27.32 -19.02
C TYR C 218 -40.00 -26.70 -19.33
N VAL C 219 -40.70 -27.25 -20.32
CA VAL C 219 -42.02 -26.74 -20.66
C VAL C 219 -43.04 -27.09 -19.57
N ASP C 220 -42.93 -28.30 -19.00
CA ASP C 220 -43.78 -28.66 -17.88
C ASP C 220 -43.50 -27.82 -16.64
N LEU C 221 -42.24 -27.43 -16.43
CA LEU C 221 -41.92 -26.57 -15.30
C LEU C 221 -42.47 -25.16 -15.50
N CYS C 222 -42.35 -24.62 -16.72
CA CYS C 222 -42.90 -23.30 -17.02
C CYS C 222 -44.43 -23.32 -16.97
N ARG C 223 -45.05 -24.45 -17.25
CA ARG C 223 -46.50 -24.56 -17.14
C ARG C 223 -46.95 -24.64 -15.69
N ASP C 224 -46.23 -25.43 -14.87
CA ASP C 224 -46.59 -25.54 -13.46
C ASP C 224 -46.28 -24.26 -12.68
N LEU C 225 -45.33 -23.45 -13.16
CA LEU C 225 -45.03 -22.21 -12.47
C LEU C 225 -46.03 -21.10 -12.75
N LEU C 226 -46.82 -21.20 -13.82
CA LEU C 226 -47.80 -20.17 -14.13
C LEU C 226 -49.23 -20.56 -13.82
N SER C 227 -49.52 -21.85 -13.66
CA SER C 227 -50.88 -22.31 -13.43
C SER C 227 -51.33 -22.00 -12.00
N LEU C 228 -52.62 -21.75 -11.85
CA LEU C 228 -53.20 -21.53 -10.53
C LEU C 228 -53.53 -22.87 -9.90
N PRO C 229 -53.03 -23.18 -8.71
CA PRO C 229 -53.31 -24.47 -8.08
C PRO C 229 -54.76 -24.58 -7.62
N THR C 230 -55.20 -25.84 -7.50
CA THR C 230 -56.53 -26.14 -6.98
C THR C 230 -56.62 -25.71 -5.53
N GLY C 231 -57.84 -25.29 -5.11
CA GLY C 231 -58.00 -24.67 -3.80
C GLY C 231 -57.75 -25.58 -2.63
N ASN C 232 -58.01 -26.89 -2.78
CA ASN C 232 -57.65 -27.82 -1.71
C ASN C 232 -56.14 -27.93 -1.54
N SER C 233 -55.38 -27.78 -2.62
CA SER C 233 -53.93 -27.67 -2.48
C SER C 233 -53.53 -26.39 -1.77
N LEU C 234 -54.29 -25.31 -1.95
CA LEU C 234 -54.04 -24.09 -1.18
C LEU C 234 -54.32 -24.30 0.30
N LEU C 235 -55.35 -25.12 0.62
CA LEU C 235 -55.61 -25.44 2.02
C LEU C 235 -54.50 -26.29 2.62
N LEU C 236 -54.03 -27.31 1.90
CA LEU C 236 -52.95 -28.14 2.45
C LEU C 236 -51.62 -27.38 2.53
N ALA C 237 -51.35 -26.49 1.58
CA ALA C 237 -50.14 -25.69 1.63
C ALA C 237 -50.19 -24.67 2.77
N ALA C 238 -51.35 -24.02 2.96
CA ALA C 238 -51.48 -23.10 4.07
C ALA C 238 -51.46 -23.83 5.42
N GLU C 239 -51.91 -25.08 5.44
CA GLU C 239 -51.81 -25.88 6.67
C GLU C 239 -50.36 -26.20 7.01
N LYS C 240 -49.57 -26.60 6.01
CA LYS C 240 -48.15 -26.89 6.26
C LYS C 240 -47.39 -25.62 6.64
N ILE C 241 -47.72 -24.49 6.02
CA ILE C 241 -47.02 -23.25 6.33
C ILE C 241 -47.41 -22.74 7.72
N TYR C 242 -48.67 -22.92 8.12
CA TYR C 242 -49.09 -22.61 9.49
C TYR C 242 -48.40 -23.51 10.51
N ASN C 243 -48.17 -24.78 10.15
CA ASN C 243 -47.45 -25.68 11.04
C ASN C 243 -45.98 -25.26 11.18
N LEU C 244 -45.37 -24.76 10.11
CA LEU C 244 -43.98 -24.31 10.25
C LEU C 244 -43.88 -22.90 10.81
N GLN C 245 -44.99 -22.15 10.87
CA GLN C 245 -44.98 -20.82 11.46
C GLN C 245 -45.37 -20.79 12.92
N ASN C 246 -46.04 -21.84 13.43
CA ASN C 246 -46.34 -21.87 14.86
C ASN C 246 -45.08 -22.00 15.71
N ILE C 247 -44.03 -22.63 15.19
CA ILE C 247 -42.82 -22.85 15.98
C ILE C 247 -42.02 -21.56 16.07
N TYR C 253 -34.87 -16.81 10.06
CA TYR C 253 -35.68 -17.88 9.50
C TYR C 253 -36.78 -17.29 8.63
N PHE C 254 -37.17 -18.02 7.58
CA PHE C 254 -37.97 -17.48 6.49
C PHE C 254 -39.46 -17.37 6.80
N SER C 255 -39.92 -17.99 7.89
CA SER C 255 -41.36 -18.15 8.14
C SER C 255 -42.09 -16.84 8.40
N ARG C 256 -41.38 -15.78 8.81
CA ARG C 256 -42.02 -14.49 8.98
C ARG C 256 -42.49 -13.90 7.66
N ASN C 257 -41.85 -14.26 6.53
CA ASN C 257 -42.22 -13.69 5.23
C ASN C 257 -42.11 -14.84 4.21
N HIS C 258 -43.10 -15.71 4.23
CA HIS C 258 -43.15 -16.84 3.34
C HIS C 258 -44.26 -16.59 2.31
N PHE C 259 -44.71 -17.65 1.65
CA PHE C 259 -45.74 -17.53 0.63
C PHE C 259 -47.08 -17.14 1.25
N ASP C 260 -47.55 -17.93 2.24
CA ASP C 260 -48.87 -17.88 2.85
C ASP C 260 -49.95 -17.86 1.78
N PRO C 261 -50.26 -19.00 1.16
CA PRO C 261 -51.17 -19.00 0.01
C PRO C 261 -52.64 -18.96 0.37
N GLY C 262 -52.98 -18.89 1.66
CA GLY C 262 -54.37 -18.79 2.04
C GLY C 262 -54.96 -17.40 1.92
N GLU C 263 -54.11 -16.40 1.67
CA GLU C 263 -54.62 -15.05 1.44
C GLU C 263 -55.39 -14.93 0.14
N TYR C 264 -55.13 -15.79 -0.82
CA TYR C 264 -55.71 -15.70 -2.16
C TYR C 264 -56.58 -16.91 -2.42
N GLY C 265 -57.83 -16.66 -2.81
CA GLY C 265 -58.76 -17.74 -3.07
C GLY C 265 -59.56 -17.53 -4.33
N PHE C 266 -59.09 -18.08 -5.44
CA PHE C 266 -59.70 -17.88 -6.74
C PHE C 266 -60.94 -18.73 -6.93
N SER C 267 -61.89 -18.20 -7.71
CA SER C 267 -63.08 -18.95 -8.08
C SER C 267 -62.72 -20.04 -9.08
N PRO C 268 -63.48 -21.15 -9.10
CA PRO C 268 -63.21 -22.22 -10.09
C PRO C 268 -63.27 -21.80 -11.55
N ARG C 269 -64.17 -20.88 -11.93
CA ARG C 269 -64.21 -20.42 -13.30
C ARG C 269 -62.96 -19.63 -13.67
N LEU C 270 -62.41 -18.87 -12.71
CA LEU C 270 -61.23 -18.07 -12.98
C LEU C 270 -59.99 -18.95 -13.10
N ARG C 271 -59.86 -19.94 -12.21
CA ARG C 271 -58.75 -20.89 -12.30
C ARG C 271 -58.84 -21.74 -13.57
N ASP C 272 -60.07 -22.08 -13.99
CA ASP C 272 -60.23 -22.87 -15.21
C ASP C 272 -59.87 -22.06 -16.45
N ALA C 273 -60.34 -20.81 -16.52
CA ALA C 273 -60.00 -19.96 -17.66
C ALA C 273 -58.51 -19.63 -17.71
N TRP C 274 -57.88 -19.48 -16.54
CA TRP C 274 -56.45 -19.16 -16.52
C TRP C 274 -55.62 -20.36 -16.94
N ASN C 275 -55.93 -21.56 -16.43
CA ASN C 275 -55.18 -22.73 -16.84
C ASN C 275 -55.44 -23.11 -18.29
N LYS C 276 -56.64 -22.81 -18.80
CA LYS C 276 -56.89 -23.01 -20.23
C LYS C 276 -56.05 -22.07 -21.08
N GLN C 277 -55.96 -20.80 -20.69
CA GLN C 277 -55.15 -19.86 -21.44
C GLN C 277 -53.66 -20.20 -21.35
N ILE C 278 -53.20 -20.71 -20.21
CA ILE C 278 -51.79 -21.06 -20.08
C ILE C 278 -51.44 -22.28 -20.93
N CYS C 279 -52.32 -23.29 -20.94
CA CYS C 279 -52.07 -24.45 -21.81
C CYS C 279 -52.17 -24.09 -23.29
N LYS C 280 -53.07 -23.18 -23.65
CA LYS C 280 -53.18 -22.76 -25.05
C LYS C 280 -51.98 -21.93 -25.49
N VAL C 281 -51.42 -21.11 -24.60
CA VAL C 281 -50.24 -20.33 -24.94
C VAL C 281 -49.01 -21.22 -25.04
N LEU C 282 -48.86 -22.17 -24.12
CA LEU C 282 -47.69 -23.03 -24.17
C LEU C 282 -47.80 -24.14 -25.19
N ALA C 283 -48.98 -24.35 -25.80
CA ALA C 283 -49.06 -25.23 -26.95
C ALA C 283 -48.61 -24.57 -28.26
N THR C 284 -48.47 -23.24 -28.30
CA THR C 284 -48.13 -22.55 -29.53
C THR C 284 -46.66 -22.75 -29.88
N GLN C 285 -46.37 -22.69 -31.18
CA GLN C 285 -44.98 -22.82 -31.64
C GLN C 285 -44.13 -21.61 -31.27
N GLN C 286 -44.73 -20.43 -31.12
CA GLN C 286 -43.94 -19.23 -30.84
C GLN C 286 -43.45 -19.21 -29.40
N ALA C 287 -44.34 -19.54 -28.45
CA ALA C 287 -43.93 -19.63 -27.06
C ALA C 287 -42.96 -20.79 -26.85
N ARG C 288 -43.15 -21.89 -27.57
CA ARG C 288 -42.20 -22.99 -27.48
C ARG C 288 -40.85 -22.62 -28.10
N SER C 289 -40.82 -21.76 -29.11
CA SER C 289 -39.54 -21.33 -29.68
C SER C 289 -38.81 -20.38 -28.72
N THR C 290 -39.57 -19.52 -28.03
CA THR C 290 -38.97 -18.65 -27.02
C THR C 290 -38.41 -19.45 -25.86
N LEU C 291 -39.18 -20.43 -25.36
CA LEU C 291 -38.67 -21.30 -24.31
C LEU C 291 -37.55 -22.20 -24.81
N GLN C 292 -37.51 -22.51 -26.10
CA GLN C 292 -36.42 -23.30 -26.65
C GLN C 292 -35.12 -22.52 -26.66
N ALA C 293 -35.17 -21.24 -27.05
CA ALA C 293 -33.96 -20.41 -26.99
C ALA C 293 -33.53 -20.16 -25.55
N LEU C 294 -34.51 -20.00 -24.65
CA LEU C 294 -34.22 -19.77 -23.25
C LEU C 294 -33.59 -21.00 -22.60
N HIS C 295 -34.09 -22.19 -22.94
CA HIS C 295 -33.52 -23.44 -22.47
C HIS C 295 -32.17 -23.71 -23.10
N ASP C 296 -31.97 -23.27 -24.35
CA ASP C 296 -30.68 -23.44 -24.99
C ASP C 296 -29.60 -22.61 -24.32
N PHE C 297 -29.94 -21.44 -23.80
CA PHE C 297 -28.93 -20.64 -23.11
C PHE C 297 -28.60 -21.22 -21.74
N ASP C 298 -29.53 -21.13 -20.80
CA ASP C 298 -29.29 -21.61 -19.43
C ASP C 298 -30.52 -22.34 -18.93
N ILE C 299 -30.34 -23.59 -18.48
CA ILE C 299 -31.48 -24.41 -18.07
C ILE C 299 -31.93 -24.17 -16.64
N SER C 300 -31.16 -23.45 -15.84
CA SER C 300 -31.41 -23.33 -14.40
C SER C 300 -32.71 -22.58 -14.12
N GLU C 301 -33.37 -23.00 -13.04
CA GLU C 301 -34.71 -22.52 -12.71
C GLU C 301 -34.74 -21.05 -12.31
N ALA C 302 -33.63 -20.49 -11.82
CA ALA C 302 -33.61 -19.07 -11.49
C ALA C 302 -33.72 -18.21 -12.74
N TYR C 303 -33.18 -18.69 -13.86
CA TYR C 303 -33.30 -17.97 -15.13
C TYR C 303 -34.73 -17.97 -15.63
N LEU C 304 -35.41 -19.12 -15.55
CA LEU C 304 -36.81 -19.19 -15.95
C LEU C 304 -37.70 -18.39 -15.01
N LYS C 305 -37.39 -18.36 -13.72
CA LYS C 305 -38.19 -17.55 -12.80
C LYS C 305 -37.96 -16.06 -13.02
N ASN C 306 -36.76 -15.66 -13.46
CA ASN C 306 -36.53 -14.27 -13.81
C ASN C 306 -37.31 -13.87 -15.06
N PHE C 307 -37.31 -14.75 -16.08
CA PHE C 307 -38.10 -14.50 -17.28
C PHE C 307 -39.59 -14.46 -16.99
N LEU C 308 -40.07 -15.36 -16.12
CA LEU C 308 -41.48 -15.38 -15.77
C LEU C 308 -41.86 -14.21 -14.88
N PHE C 309 -40.95 -13.68 -14.09
CA PHE C 309 -41.26 -12.48 -13.31
C PHE C 309 -41.39 -11.27 -14.22
N ARG C 310 -40.50 -11.16 -15.22
CA ARG C 310 -40.65 -10.08 -16.19
C ARG C 310 -41.90 -10.25 -17.04
N LEU C 311 -42.36 -11.49 -17.23
CA LEU C 311 -43.60 -11.73 -17.97
C LEU C 311 -44.84 -11.41 -17.15
N VAL C 312 -44.90 -11.88 -15.90
CA VAL C 312 -46.06 -11.68 -15.04
C VAL C 312 -46.18 -10.23 -14.59
N ALA C 313 -45.07 -9.49 -14.55
CA ALA C 313 -45.11 -8.09 -14.15
C ALA C 313 -45.85 -7.20 -15.15
N HIS C 314 -46.03 -7.66 -16.39
CA HIS C 314 -46.64 -6.87 -17.46
C HIS C 314 -48.15 -7.09 -17.60
N LEU C 315 -48.80 -7.74 -16.63
CA LEU C 315 -50.24 -7.99 -16.72
C LEU C 315 -51.01 -6.77 -16.23
N ARG C 316 -51.20 -5.81 -17.13
CA ARG C 316 -52.05 -4.67 -16.85
C ARG C 316 -53.52 -5.07 -16.91
N PRO C 317 -54.40 -4.36 -16.19
CA PRO C 317 -55.85 -4.68 -16.25
C PRO C 317 -56.46 -4.60 -17.64
N GLN C 318 -55.95 -3.72 -18.51
CA GLN C 318 -56.44 -3.65 -19.89
C GLN C 318 -56.10 -4.92 -20.68
N SER C 319 -55.04 -5.64 -20.32
CA SER C 319 -54.61 -6.85 -21.03
C SER C 319 -54.38 -7.97 -20.02
N PRO C 320 -55.45 -8.59 -19.52
CA PRO C 320 -55.30 -9.66 -18.50
C PRO C 320 -54.49 -10.88 -18.92
N HIS C 321 -54.54 -11.27 -20.19
CA HIS C 321 -54.04 -12.58 -20.59
C HIS C 321 -52.56 -12.56 -20.95
N ILE C 322 -51.87 -13.64 -20.58
CA ILE C 322 -50.58 -13.94 -21.19
C ILE C 322 -50.83 -14.40 -22.62
N THR C 323 -49.96 -13.98 -23.54
CA THR C 323 -50.04 -14.40 -24.93
C THR C 323 -48.64 -14.71 -25.41
N ALA C 324 -48.55 -15.42 -26.54
CA ALA C 324 -47.26 -15.84 -27.08
C ALA C 324 -46.42 -14.65 -27.54
N GLU C 325 -47.06 -13.57 -27.99
CA GLU C 325 -46.31 -12.38 -28.38
C GLU C 325 -45.68 -11.69 -27.17
N LYS C 326 -46.28 -11.80 -25.99
CA LYS C 326 -45.67 -11.23 -24.78
C LYS C 326 -44.42 -12.00 -24.39
N MET C 327 -44.48 -13.34 -24.44
CA MET C 327 -43.31 -14.16 -24.17
C MET C 327 -42.23 -13.93 -25.22
N ALA C 328 -42.63 -13.73 -26.48
CA ALA C 328 -41.67 -13.40 -27.52
C ALA C 328 -41.04 -12.03 -27.30
N ALA C 329 -41.78 -11.09 -26.73
CA ALA C 329 -41.23 -9.76 -26.46
C ALA C 329 -40.22 -9.79 -25.32
N VAL C 330 -40.55 -10.50 -24.24
CA VAL C 330 -39.58 -10.63 -23.15
C VAL C 330 -38.38 -11.47 -23.58
N GLY C 331 -38.57 -12.45 -24.46
CA GLY C 331 -37.43 -13.21 -24.96
C GLY C 331 -36.55 -12.41 -25.90
N SER C 332 -37.14 -11.52 -26.69
CA SER C 332 -36.35 -10.58 -27.48
C SER C 332 -35.61 -9.59 -26.59
N GLN C 333 -36.20 -9.24 -25.44
CA GLN C 333 -35.48 -8.43 -24.45
C GLN C 333 -34.29 -9.18 -23.87
N PHE C 334 -34.41 -10.50 -23.69
CA PHE C 334 -33.33 -11.26 -23.06
C PHE C 334 -32.14 -11.46 -23.99
N GLU C 335 -32.38 -11.72 -25.27
CA GLU C 335 -31.32 -12.19 -26.16
C GLU C 335 -30.49 -11.07 -26.78
N GLY C 336 -30.89 -9.81 -26.65
CA GLY C 336 -30.19 -8.73 -27.33
C GLY C 336 -28.84 -8.40 -26.71
N ASP C 337 -27.88 -8.11 -27.56
CA ASP C 337 -26.58 -7.64 -27.10
C ASP C 337 -26.71 -6.24 -26.50
N ASP C 338 -26.06 -6.04 -25.37
CA ASP C 338 -26.14 -4.79 -24.62
C ASP C 338 -24.94 -3.88 -24.83
N LYS C 339 -23.94 -4.29 -25.59
CA LYS C 339 -22.89 -3.37 -25.99
C LYS C 339 -23.20 -2.68 -27.31
N ILE C 340 -23.93 -3.35 -28.22
CA ILE C 340 -24.41 -2.68 -29.43
C ILE C 340 -25.40 -1.58 -29.07
N GLU C 341 -26.20 -1.80 -28.03
CA GLU C 341 -27.14 -0.78 -27.57
C GLU C 341 -26.43 0.39 -26.91
N LEU C 342 -25.21 0.19 -26.42
CA LEU C 342 -24.42 1.32 -25.98
C LEU C 342 -23.70 2.00 -27.13
N LEU C 343 -23.27 1.24 -28.14
CA LEU C 343 -22.61 1.84 -29.29
C LEU C 343 -23.57 2.69 -30.11
N CYS C 344 -24.85 2.31 -30.16
CA CYS C 344 -25.83 3.12 -30.88
C CYS C 344 -26.15 4.42 -30.16
N GLY C 345 -25.89 4.51 -28.87
CA GLY C 345 -26.12 5.75 -28.16
C GLY C 345 -25.01 6.76 -28.26
N LEU C 346 -23.87 6.40 -28.82
CA LEU C 346 -22.77 7.33 -28.98
C LEU C 346 -23.07 8.35 -30.07
N SER C 347 -22.52 9.55 -29.91
CA SER C 347 -22.60 10.55 -30.94
C SER C 347 -21.66 10.19 -32.09
N VAL C 348 -21.82 10.89 -33.21
CA VAL C 348 -21.14 10.54 -34.46
C VAL C 348 -19.62 10.71 -34.35
N LEU C 349 -19.13 11.59 -33.47
CA LEU C 349 -17.69 11.74 -33.30
C LEU C 349 -17.06 10.53 -32.63
N GLU C 350 -17.68 10.01 -31.56
CA GLU C 350 -17.19 8.80 -30.94
C GLU C 350 -17.34 7.58 -31.85
N LEU C 351 -18.37 7.57 -32.69
CA LEU C 351 -18.52 6.48 -33.64
C LEU C 351 -17.43 6.52 -34.71
N CYS C 352 -17.04 7.73 -35.13
CA CYS C 352 -15.91 7.87 -36.04
C CYS C 352 -14.60 7.47 -35.38
N LEU C 353 -14.48 7.73 -34.08
CA LEU C 353 -13.28 7.29 -33.37
C LEU C 353 -13.21 5.77 -33.28
N ILE C 354 -14.35 5.11 -33.02
CA ILE C 354 -14.39 3.65 -33.00
C ILE C 354 -14.15 3.06 -34.39
N ILE C 355 -14.59 3.74 -35.45
CA ILE C 355 -14.31 3.27 -36.80
C ILE C 355 -12.81 3.40 -37.12
N ALA C 356 -12.17 4.48 -36.65
CA ALA C 356 -10.73 4.61 -36.80
C ALA C 356 -9.98 3.55 -35.99
N ILE C 357 -10.50 3.19 -34.81
CA ILE C 357 -9.89 2.14 -34.01
C ILE C 357 -10.03 0.78 -34.69
N LYS C 358 -11.19 0.52 -35.30
CA LYS C 358 -11.41 -0.72 -36.03
C LYS C 358 -10.51 -0.81 -37.26
N HIS C 359 -10.24 0.33 -37.90
CA HIS C 359 -9.32 0.32 -39.04
C HIS C 359 -7.89 0.06 -38.58
N HIS C 360 -7.47 0.68 -37.49
CA HIS C 360 -6.13 0.43 -36.95
C HIS C 360 -5.98 -1.01 -36.46
N SER C 361 -7.06 -1.61 -35.97
CA SER C 361 -6.97 -2.99 -35.50
C SER C 361 -6.97 -3.97 -36.67
N GLN C 362 -7.77 -3.70 -37.70
CA GLN C 362 -7.79 -4.58 -38.87
C GLN C 362 -6.49 -4.49 -39.66
N ILE C 363 -5.82 -3.34 -39.67
CA ILE C 363 -4.60 -3.21 -40.45
C ILE C 363 -3.41 -3.82 -39.73
N TYR C 364 -3.26 -3.51 -38.44
CA TYR C 364 -2.07 -3.91 -37.69
C TYR C 364 -2.27 -5.19 -36.89
N ASP C 365 -3.38 -5.90 -37.12
CA ASP C 365 -3.70 -7.22 -36.54
C ASP C 365 -3.72 -7.15 -35.01
N ARG C 366 -4.68 -6.36 -34.51
CA ARG C 366 -4.99 -6.22 -33.08
C ARG C 366 -3.80 -5.72 -32.26
N ASP C 367 -2.95 -4.88 -32.84
CA ASP C 367 -1.93 -4.22 -32.04
C ASP C 367 -2.57 -3.14 -31.18
N SER C 368 -1.93 -2.86 -30.05
CA SER C 368 -2.38 -1.82 -29.14
C SER C 368 -2.24 -0.46 -29.79
N PHE C 369 -3.23 0.40 -29.58
CA PHE C 369 -3.21 1.70 -30.20
C PHE C 369 -2.93 2.77 -29.15
N ASN C 370 -3.29 4.01 -29.47
CA ASN C 370 -2.87 5.20 -28.74
C ASN C 370 -3.84 6.30 -29.15
N PHE C 371 -3.94 7.35 -28.33
CA PHE C 371 -4.80 8.46 -28.75
C PHE C 371 -4.24 9.18 -29.96
N GLU C 372 -2.91 9.26 -30.08
CA GLU C 372 -2.31 10.03 -31.17
C GLU C 372 -2.52 9.34 -32.51
N ILE C 373 -2.38 8.01 -32.54
CA ILE C 373 -2.56 7.26 -33.78
C ILE C 373 -4.01 7.31 -34.23
N ILE C 374 -4.95 7.21 -33.29
CA ILE C 374 -6.36 7.22 -33.63
C ILE C 374 -6.82 8.61 -34.03
N TYR C 375 -6.28 9.65 -33.38
CA TYR C 375 -6.59 11.01 -33.80
C TYR C 375 -6.01 11.33 -35.17
N ALA C 376 -4.84 10.78 -35.51
CA ALA C 376 -4.28 11.00 -36.84
C ALA C 376 -5.10 10.28 -37.91
N ARG C 377 -5.50 9.03 -37.64
CA ARG C 377 -6.35 8.30 -38.56
C ARG C 377 -7.73 8.93 -38.70
N PHE C 378 -8.22 9.58 -37.65
CA PHE C 378 -9.49 10.28 -37.75
C PHE C 378 -9.35 11.58 -38.52
N SER C 379 -8.26 12.33 -38.29
CA SER C 379 -8.07 13.60 -38.99
C SER C 379 -7.81 13.42 -40.47
N LYS C 380 -7.23 12.27 -40.87
CA LYS C 380 -7.07 11.99 -42.30
C LYS C 380 -8.42 11.82 -42.99
N PHE C 381 -9.45 11.37 -42.27
CA PHE C 381 -10.80 11.36 -42.80
C PHE C 381 -11.47 12.71 -42.65
N ALA C 382 -11.23 13.39 -41.52
CA ALA C 382 -11.89 14.65 -41.21
C ALA C 382 -11.49 15.78 -42.14
N LYS C 383 -10.30 15.71 -42.73
CA LYS C 383 -9.89 16.76 -43.67
C LYS C 383 -10.72 16.73 -44.96
N VAL C 384 -11.30 15.60 -45.33
CA VAL C 384 -12.13 15.49 -46.51
C VAL C 384 -13.57 15.07 -46.19
N SER C 385 -13.93 15.02 -44.90
CA SER C 385 -15.24 14.53 -44.50
C SER C 385 -16.37 15.47 -44.91
N THR C 386 -16.06 16.77 -45.01
CA THR C 386 -17.03 17.85 -45.29
C THR C 386 -18.19 17.89 -44.29
N THR C 387 -17.93 17.50 -43.04
CA THR C 387 -18.85 17.73 -41.93
C THR C 387 -18.11 17.69 -40.60
N MET C 388 -16.88 17.15 -40.60
CA MET C 388 -16.10 16.99 -39.38
C MET C 388 -14.87 17.90 -39.36
N GLN C 389 -14.87 18.92 -40.22
CA GLN C 389 -13.73 19.83 -40.31
C GLN C 389 -13.58 20.69 -39.06
N ALA C 390 -14.69 20.97 -38.37
CA ALA C 390 -14.73 21.99 -37.34
C ALA C 390 -14.28 21.52 -35.96
N VAL C 391 -14.07 20.21 -35.76
CA VAL C 391 -13.77 19.71 -34.42
C VAL C 391 -12.37 20.12 -33.97
N GLU C 392 -12.24 20.47 -32.70
CA GLU C 392 -10.97 20.70 -32.06
C GLU C 392 -10.36 19.37 -31.65
N ARG C 393 -9.04 19.34 -31.46
CA ARG C 393 -8.37 18.19 -30.88
C ARG C 393 -8.87 17.88 -29.48
N SER C 394 -9.24 18.91 -28.70
CA SER C 394 -9.74 18.69 -27.35
C SER C 394 -11.09 17.98 -27.33
N ILE C 395 -11.94 18.22 -28.33
CA ILE C 395 -13.23 17.53 -28.39
C ILE C 395 -13.04 16.06 -28.73
N VAL C 396 -12.09 15.76 -29.63
CA VAL C 396 -11.77 14.38 -29.94
C VAL C 396 -11.13 13.69 -28.73
N LEU C 397 -10.37 14.43 -27.93
CA LEU C 397 -9.77 13.86 -26.73
C LEU C 397 -10.82 13.55 -25.67
N LYS C 398 -11.79 14.45 -25.48
CA LYS C 398 -12.88 14.16 -24.56
C LYS C 398 -13.77 13.04 -25.06
N ALA C 399 -13.92 12.90 -26.39
CA ALA C 399 -14.62 11.75 -26.94
C ALA C 399 -13.86 10.45 -26.71
N PHE C 400 -12.53 10.49 -26.75
CA PHE C 400 -11.73 9.30 -26.46
C PHE C 400 -11.84 8.91 -24.99
N GLU C 401 -11.89 9.90 -24.09
CA GLU C 401 -12.12 9.60 -22.68
C GLU C 401 -13.54 9.09 -22.44
N HIS C 402 -14.52 9.56 -23.21
CA HIS C 402 -15.87 9.02 -23.12
C HIS C 402 -15.94 7.58 -23.61
N LEU C 403 -15.12 7.22 -24.59
CA LEU C 403 -14.99 5.82 -24.96
C LEU C 403 -14.33 5.02 -23.85
N ARG C 404 -13.36 5.63 -23.16
CA ARG C 404 -12.61 4.90 -22.14
C ARG C 404 -13.44 4.63 -20.88
N ILE C 405 -14.34 5.55 -20.51
CA ILE C 405 -15.12 5.32 -19.29
C ILE C 405 -16.28 4.36 -19.47
N ALA C 406 -16.65 4.04 -20.70
CA ALA C 406 -17.66 3.02 -20.96
C ALA C 406 -17.06 1.63 -21.04
N GLU C 407 -15.74 1.53 -20.90
CA GLU C 407 -14.95 0.30 -21.07
C GLU C 407 -15.16 -0.34 -22.43
N LEU C 408 -15.34 0.50 -23.46
CA LEU C 408 -15.15 0.10 -24.85
C LEU C 408 -13.69 0.11 -25.25
N ILE C 409 -12.84 0.68 -24.40
CA ILE C 409 -11.39 0.75 -24.61
C ILE C 409 -10.74 0.49 -23.26
N MET C 410 -9.82 -0.47 -23.20
CA MET C 410 -9.27 -0.78 -21.90
C MET C 410 -7.75 -0.63 -21.90
N PRO C 411 -7.18 -0.06 -20.84
CA PRO C 411 -5.73 0.08 -20.76
C PRO C 411 -5.01 -1.25 -20.64
N LEU C 412 -3.76 -1.26 -21.12
CA LEU C 412 -2.88 -2.42 -21.00
C LEU C 412 -2.36 -2.49 -19.58
N THR C 413 -2.99 -3.31 -18.75
CA THR C 413 -2.53 -3.56 -17.39
C THR C 413 -2.50 -5.05 -17.09
N VAL C 423 3.02 7.51 -17.72
CA VAL C 423 2.67 7.68 -19.12
C VAL C 423 1.53 8.70 -19.20
N GLN C 424 1.61 9.62 -20.15
CA GLN C 424 0.61 10.66 -20.31
C GLN C 424 -0.72 10.07 -20.78
N LYS C 425 -1.80 10.79 -20.48
CA LYS C 425 -3.14 10.32 -20.85
C LYS C 425 -3.34 10.32 -22.36
N GLU C 426 -2.62 11.16 -23.09
CA GLU C 426 -2.70 11.19 -24.54
C GLU C 426 -1.81 10.16 -25.20
N PHE C 427 -0.91 9.51 -24.46
CA PHE C 427 0.01 8.53 -25.02
C PHE C 427 -0.12 7.13 -24.43
N GLU C 428 -1.09 6.90 -23.54
CA GLU C 428 -1.26 5.58 -22.96
C GLU C 428 -1.77 4.59 -24.00
N MET C 429 -1.19 3.39 -23.98
CA MET C 429 -1.61 2.34 -24.88
C MET C 429 -2.91 1.70 -24.42
N HIS C 430 -3.64 1.13 -25.37
CA HIS C 430 -5.02 0.74 -25.15
C HIS C 430 -5.36 -0.50 -25.98
N LYS C 431 -6.52 -1.09 -25.68
CA LYS C 431 -7.03 -2.22 -26.44
C LYS C 431 -8.51 -2.00 -26.72
N LEU C 432 -8.93 -2.32 -27.94
CA LEU C 432 -10.36 -2.37 -28.24
C LEU C 432 -11.01 -3.53 -27.52
N ALA C 433 -12.18 -3.28 -26.93
CA ALA C 433 -12.92 -4.29 -26.18
C ALA C 433 -14.06 -4.89 -26.97
N LEU C 434 -14.05 -4.75 -28.29
CA LEU C 434 -15.15 -5.16 -29.14
C LEU C 434 -14.68 -6.12 -30.23
N THR C 435 -15.55 -7.05 -30.58
CA THR C 435 -15.38 -7.77 -31.83
C THR C 435 -15.77 -6.87 -32.99
N TYR C 436 -15.21 -7.15 -34.16
CA TYR C 436 -15.53 -6.35 -35.34
C TYR C 436 -16.98 -6.52 -35.77
N SER C 437 -17.59 -7.67 -35.49
CA SER C 437 -18.98 -7.89 -35.84
C SER C 437 -19.93 -7.01 -35.02
N GLN C 438 -19.55 -6.67 -33.79
CA GLN C 438 -20.38 -5.77 -33.00
C GLN C 438 -20.38 -4.36 -33.57
N ILE C 439 -19.22 -3.88 -34.05
CA ILE C 439 -19.15 -2.58 -34.69
C ILE C 439 -19.87 -2.62 -36.03
N HIS C 440 -19.81 -3.75 -36.74
CA HIS C 440 -20.52 -3.88 -38.00
C HIS C 440 -22.03 -3.89 -37.82
N HIS C 441 -22.53 -4.45 -36.71
CA HIS C 441 -23.96 -4.40 -36.46
C HIS C 441 -24.39 -3.05 -35.90
N CYS C 442 -23.48 -2.35 -35.21
CA CYS C 442 -23.73 -0.95 -34.86
C CYS C 442 -23.85 -0.07 -36.10
N MET C 443 -23.10 -0.39 -37.15
CA MET C 443 -23.18 0.41 -38.38
C MET C 443 -24.54 0.30 -39.05
N GLN C 444 -25.24 -0.82 -38.86
CA GLN C 444 -26.58 -0.99 -39.41
C GLN C 444 -27.67 -0.53 -38.46
N ARG C 445 -27.46 -0.66 -37.15
CA ARG C 445 -28.48 -0.27 -36.18
C ARG C 445 -28.46 1.22 -35.85
N TYR C 446 -27.46 1.96 -36.30
CA TYR C 446 -27.33 3.37 -35.94
C TYR C 446 -28.40 4.21 -36.63
N GLN C 447 -28.90 5.21 -35.90
CA GLN C 447 -29.94 6.12 -36.40
C GLN C 447 -29.31 7.39 -36.95
N ALA C 448 -29.76 7.79 -38.14
CA ALA C 448 -29.34 9.02 -38.82
C ALA C 448 -27.84 9.10 -39.01
N LEU C 449 -27.24 8.00 -39.43
CA LEU C 449 -25.81 7.97 -39.73
C LEU C 449 -25.55 8.76 -41.01
N PRO C 450 -24.65 9.73 -40.99
CA PRO C 450 -24.25 10.41 -42.23
C PRO C 450 -23.59 9.45 -43.21
N THR C 451 -23.85 9.67 -44.50
CA THR C 451 -23.40 8.74 -45.53
C THR C 451 -21.88 8.74 -45.69
N GLU C 452 -21.22 9.84 -45.34
CA GLU C 452 -19.76 9.89 -45.44
C GLU C 452 -19.09 8.94 -44.45
N VAL C 453 -19.64 8.85 -43.24
CA VAL C 453 -19.12 7.90 -42.25
C VAL C 453 -19.45 6.47 -42.65
N ALA C 454 -20.63 6.26 -43.25
CA ALA C 454 -21.00 4.92 -43.71
C ALA C 454 -20.15 4.47 -44.88
N GLN C 455 -19.66 5.40 -45.70
CA GLN C 455 -18.73 5.03 -46.76
C GLN C 455 -17.32 4.83 -46.23
N TRP C 456 -16.90 5.66 -45.27
CA TRP C 456 -15.57 5.51 -44.68
C TRP C 456 -15.44 4.22 -43.87
N ALA C 457 -16.54 3.73 -43.29
CA ALA C 457 -16.49 2.49 -42.53
C ALA C 457 -16.22 1.27 -43.40
N GLN C 458 -16.69 1.29 -44.66
CA GLN C 458 -16.47 0.17 -45.55
C GLN C 458 -15.02 0.07 -46.02
N SER C 459 -14.28 1.17 -46.00
CA SER C 459 -12.90 1.17 -46.46
C SER C 459 -12.03 2.10 -45.64
N MET D 1 -49.14 2.01 -8.24
CA MET D 1 -48.11 2.03 -9.27
C MET D 1 -48.49 2.96 -10.41
N GLU D 2 -49.78 3.29 -10.51
CA GLU D 2 -50.23 4.22 -11.53
C GLU D 2 -49.93 5.67 -11.14
N ALA D 3 -50.11 6.00 -9.86
CA ALA D 3 -49.90 7.37 -9.40
C ALA D 3 -48.44 7.78 -9.49
N ILE D 4 -47.51 6.84 -9.31
CA ILE D 4 -46.09 7.18 -9.35
C ILE D 4 -45.65 7.49 -10.78
N CYS D 5 -46.07 6.65 -11.74
CA CYS D 5 -45.77 6.92 -13.14
C CYS D 5 -46.50 8.16 -13.64
N SER D 6 -47.71 8.42 -13.13
CA SER D 6 -48.40 9.65 -13.50
C SER D 6 -47.72 10.88 -12.91
N SER D 7 -47.06 10.74 -11.76
CA SER D 7 -46.37 11.86 -11.14
C SER D 7 -44.95 12.07 -11.66
N LEU D 8 -44.35 11.06 -12.29
CA LEU D 8 -43.00 11.21 -12.80
C LEU D 8 -42.94 11.59 -14.28
N GLU D 9 -43.96 11.24 -15.05
CA GLU D 9 -43.94 11.53 -16.49
C GLU D 9 -43.86 13.02 -16.85
N PRO D 10 -44.58 13.97 -16.23
CA PRO D 10 -44.30 15.39 -16.53
C PRO D 10 -42.88 15.84 -16.25
N LEU D 11 -42.23 15.29 -15.22
CA LEU D 11 -40.85 15.67 -14.92
C LEU D 11 -39.88 15.08 -15.95
N PHE D 12 -40.24 13.98 -16.59
CA PHE D 12 -39.32 13.23 -17.45
C PHE D 12 -39.97 12.92 -18.80
N PRO D 13 -39.93 13.88 -19.73
CA PRO D 13 -40.36 13.58 -21.10
C PRO D 13 -39.46 12.56 -21.77
N CYS D 14 -40.06 11.77 -22.66
CA CYS D 14 -39.44 10.68 -23.42
C CYS D 14 -38.83 9.60 -22.53
N ARG D 15 -39.42 9.34 -21.37
CA ARG D 15 -39.05 8.23 -20.51
C ARG D 15 -40.26 7.43 -20.07
N GLU D 16 -41.32 7.42 -20.87
CA GLU D 16 -42.53 6.70 -20.48
C GLU D 16 -42.32 5.20 -20.42
N ALA D 17 -41.43 4.66 -21.26
CA ALA D 17 -41.18 3.22 -21.24
C ALA D 17 -40.36 2.80 -20.02
N ALA D 18 -39.33 3.57 -19.69
CA ALA D 18 -38.51 3.23 -18.52
C ALA D 18 -39.27 3.46 -17.22
N ILE D 19 -40.06 4.53 -17.14
CA ILE D 19 -40.90 4.77 -15.98
C ILE D 19 -41.98 3.70 -15.87
N GLU D 20 -42.49 3.23 -17.02
CA GLU D 20 -43.48 2.15 -17.00
C GLU D 20 -42.87 0.84 -16.50
N THR D 21 -41.63 0.54 -16.92
CA THR D 21 -40.99 -0.68 -16.47
C THR D 21 -40.62 -0.62 -14.99
N LEU D 22 -40.14 0.53 -14.52
CA LEU D 22 -39.84 0.69 -13.10
C LEU D 22 -41.11 0.65 -12.25
N GLY D 23 -42.22 1.20 -12.76
CA GLY D 23 -43.45 1.15 -12.01
C GLY D 23 -44.15 -0.19 -12.08
N GLU D 24 -43.78 -1.03 -13.04
CA GLU D 24 -44.26 -2.41 -13.03
C GLU D 24 -43.44 -3.29 -12.10
N LEU D 25 -42.12 -3.09 -12.07
CA LEU D 25 -41.28 -3.95 -11.23
C LEU D 25 -41.36 -3.56 -9.77
N ILE D 26 -41.20 -2.29 -9.44
CA ILE D 26 -41.12 -1.86 -8.04
C ILE D 26 -42.05 -0.69 -7.78
N GLY D 27 -43.21 -0.69 -8.42
CA GLY D 27 -44.18 0.37 -8.20
C GLY D 27 -44.95 0.18 -6.91
N ASP D 28 -45.91 -0.74 -6.93
CA ASP D 28 -46.69 -1.05 -5.73
C ASP D 28 -45.82 -1.74 -4.68
N SER D 29 -45.99 -1.34 -3.43
CA SER D 29 -45.27 -1.94 -2.32
C SER D 29 -45.91 -3.22 -1.80
N SER D 30 -47.22 -3.39 -2.00
CA SER D 30 -47.89 -4.62 -1.60
C SER D 30 -47.44 -5.81 -2.44
N GLU D 31 -47.12 -5.59 -3.70
CA GLU D 31 -46.59 -6.64 -4.55
C GLU D 31 -45.12 -6.88 -4.21
N THR D 32 -44.68 -8.13 -4.34
CA THR D 32 -43.29 -8.44 -4.04
C THR D 32 -42.37 -7.91 -5.12
N TYR D 33 -41.23 -7.49 -4.72
CA TYR D 33 -40.18 -6.87 -5.50
C TYR D 33 -39.27 -7.92 -6.12
N PRO D 34 -38.71 -7.63 -7.30
CA PRO D 34 -37.58 -8.42 -7.80
C PRO D 34 -36.38 -8.22 -6.90
N SER D 35 -35.54 -9.27 -6.81
CA SER D 35 -34.44 -9.27 -5.85
C SER D 35 -33.38 -8.22 -6.17
N ALA D 36 -33.20 -7.87 -7.44
CA ALA D 36 -32.28 -6.81 -7.84
C ALA D 36 -32.63 -6.31 -9.23
N ILE D 37 -32.45 -5.01 -9.45
CA ILE D 37 -32.65 -4.35 -10.73
C ILE D 37 -31.38 -3.59 -11.07
N TYR D 38 -30.96 -3.64 -12.33
CA TYR D 38 -29.75 -2.97 -12.79
C TYR D 38 -30.11 -2.18 -14.06
N LEU D 39 -30.41 -0.90 -13.92
CA LEU D 39 -30.60 -0.06 -15.10
C LEU D 39 -29.31 0.71 -15.39
N PHE D 40 -29.04 0.88 -16.69
CA PHE D 40 -27.75 1.41 -17.11
C PHE D 40 -27.92 2.22 -18.39
N GLY D 41 -26.96 3.09 -18.64
CA GLY D 41 -26.98 3.97 -19.79
C GLY D 41 -25.78 4.88 -19.75
N HIS D 42 -25.73 5.80 -20.71
CA HIS D 42 -24.59 6.68 -20.86
C HIS D 42 -24.62 7.80 -19.82
N SER D 43 -23.64 8.69 -19.89
CA SER D 43 -23.73 9.94 -19.13
C SER D 43 -24.88 10.78 -19.67
N GLY D 44 -25.57 11.47 -18.78
CA GLY D 44 -26.62 12.37 -19.19
C GLY D 44 -27.94 11.71 -19.49
N THR D 45 -28.06 10.40 -19.32
CA THR D 45 -29.27 9.67 -19.67
C THR D 45 -30.37 9.87 -18.64
N GLY D 46 -30.05 10.40 -17.47
CA GLY D 46 -31.05 10.66 -16.46
C GLY D 46 -31.45 9.41 -15.69
N LYS D 47 -30.49 8.77 -15.04
CA LYS D 47 -30.77 7.64 -14.16
C LYS D 47 -30.67 7.97 -12.69
N THR D 48 -29.75 8.86 -12.29
CA THR D 48 -29.67 9.29 -10.90
C THR D 48 -30.89 10.11 -10.53
N ALA D 49 -31.25 11.07 -11.38
CA ALA D 49 -32.44 11.89 -11.15
C ALA D 49 -33.71 11.06 -11.22
N LEU D 50 -33.74 10.03 -12.08
CA LEU D 50 -34.94 9.20 -12.19
C LEU D 50 -35.12 8.33 -10.97
N THR D 51 -34.04 7.67 -10.50
CA THR D 51 -34.17 6.88 -9.28
C THR D 51 -34.39 7.75 -8.05
N ARG D 52 -33.86 8.97 -8.02
CA ARG D 52 -34.14 9.84 -6.88
C ARG D 52 -35.59 10.28 -6.85
N ALA D 53 -36.14 10.71 -8.00
CA ALA D 53 -37.55 11.10 -8.03
C ALA D 53 -38.48 9.91 -7.81
N PHE D 54 -38.07 8.72 -8.27
CA PHE D 54 -38.89 7.52 -8.06
C PHE D 54 -38.88 7.09 -6.60
N LEU D 55 -37.70 7.08 -5.97
CA LEU D 55 -37.63 6.72 -4.55
C LEU D 55 -38.32 7.74 -3.68
N LYS D 56 -38.26 9.03 -4.05
CA LYS D 56 -38.95 10.05 -3.27
C LYS D 56 -40.46 9.93 -3.40
N GLU D 57 -40.96 9.67 -4.62
CA GLU D 57 -42.40 9.53 -4.79
C GLU D 57 -42.93 8.24 -4.16
N CYS D 58 -42.15 7.15 -4.21
CA CYS D 58 -42.56 5.93 -3.53
C CYS D 58 -42.51 6.07 -2.01
N GLY D 59 -41.54 6.82 -1.48
CA GLY D 59 -41.48 7.01 -0.04
C GLY D 59 -42.53 7.96 0.49
N LYS D 60 -42.92 8.94 -0.31
CA LYS D 60 -43.97 9.86 0.11
C LYS D 60 -45.35 9.22 -0.04
N ARG D 61 -45.58 8.52 -1.16
CA ARG D 61 -46.91 7.98 -1.43
C ARG D 61 -47.20 6.71 -0.65
N GLN D 62 -46.17 5.92 -0.34
CA GLN D 62 -46.37 4.57 0.17
C GLN D 62 -45.56 4.35 1.44
N ASN D 63 -45.43 3.08 1.83
CA ASN D 63 -44.81 2.65 3.07
C ASN D 63 -43.32 2.36 2.95
N VAL D 64 -42.72 2.56 1.78
CA VAL D 64 -41.37 2.06 1.56
C VAL D 64 -40.35 2.90 2.30
N ARG D 65 -39.23 2.28 2.63
CA ARG D 65 -38.07 2.95 3.20
C ARG D 65 -36.97 2.96 2.14
N THR D 66 -36.59 4.15 1.70
CA THR D 66 -35.63 4.29 0.60
C THR D 66 -34.24 4.61 1.12
N ALA D 67 -33.24 4.21 0.34
CA ALA D 67 -31.85 4.48 0.69
C ALA D 67 -31.06 4.70 -0.58
N HIS D 68 -30.63 5.93 -0.85
CA HIS D 68 -29.81 6.23 -2.00
C HIS D 68 -28.35 6.28 -1.58
N LEU D 69 -27.45 5.79 -2.43
CA LEU D 69 -26.03 5.72 -2.15
C LEU D 69 -25.23 6.15 -3.36
N ASN D 70 -24.00 6.57 -3.10
CA ASN D 70 -22.97 6.70 -4.13
C ASN D 70 -21.82 5.81 -3.71
N ALA D 71 -21.47 4.83 -4.54
CA ALA D 71 -20.52 3.82 -4.13
C ALA D 71 -19.08 4.31 -4.16
N ILE D 72 -18.81 5.48 -4.73
CA ILE D 72 -17.49 6.09 -4.61
C ILE D 72 -17.23 6.51 -3.17
N GLU D 73 -18.28 6.87 -2.43
CA GLU D 73 -18.16 7.30 -1.04
C GLU D 73 -17.74 6.16 -0.13
N CYS D 74 -18.05 4.92 -0.51
CA CYS D 74 -17.84 3.75 0.35
C CYS D 74 -16.47 3.15 0.06
N TYR D 75 -15.43 3.82 0.56
CA TYR D 75 -14.08 3.26 0.44
C TYR D 75 -13.90 2.01 1.28
N THR D 76 -14.61 1.91 2.41
CA THR D 76 -14.72 0.68 3.17
C THR D 76 -16.20 0.29 3.22
N THR D 77 -16.45 -1.00 3.43
CA THR D 77 -17.82 -1.50 3.45
C THR D 77 -18.61 -0.99 4.65
N LYS D 78 -17.93 -0.65 5.75
CA LYS D 78 -18.60 -0.19 6.96
C LYS D 78 -19.30 1.14 6.75
N ILE D 79 -18.76 2.00 5.88
CA ILE D 79 -19.42 3.25 5.53
C ILE D 79 -20.73 2.99 4.81
N MET D 80 -20.72 2.02 3.88
CA MET D 80 -21.93 1.71 3.13
C MET D 80 -23.00 1.10 4.03
N LEU D 81 -22.60 0.19 4.93
CA LEU D 81 -23.56 -0.42 5.83
C LEU D 81 -24.12 0.59 6.83
N GLU D 82 -23.30 1.54 7.29
CA GLU D 82 -23.80 2.53 8.23
C GLU D 82 -24.76 3.51 7.57
N ILE D 83 -24.49 3.92 6.33
CA ILE D 83 -25.43 4.82 5.66
C ILE D 83 -26.71 4.07 5.27
N LEU D 84 -26.58 2.82 4.83
CA LEU D 84 -27.73 2.02 4.43
C LEU D 84 -28.64 1.73 5.61
N LEU D 85 -28.08 1.53 6.80
CA LEU D 85 -28.93 1.28 7.95
C LEU D 85 -29.35 2.57 8.64
N ASP D 86 -28.65 3.68 8.40
CA ASP D 86 -29.17 4.97 8.82
C ASP D 86 -30.42 5.34 8.03
N SER D 87 -30.51 4.93 6.78
CA SER D 87 -31.72 5.25 6.03
C SER D 87 -32.83 4.22 6.18
N LEU D 88 -32.49 2.93 6.24
CA LEU D 88 -33.49 1.88 6.32
C LEU D 88 -33.97 1.60 7.75
N ALA D 89 -33.33 2.17 8.75
CA ALA D 89 -33.75 2.04 10.15
C ALA D 89 -33.78 3.46 10.73
N PRO D 90 -34.82 4.22 10.42
CA PRO D 90 -34.83 5.65 10.75
C PRO D 90 -34.87 5.94 12.24
N ASP D 91 -34.29 7.09 12.61
CA ASP D 91 -34.30 7.67 13.96
C ASP D 91 -33.63 6.74 14.96
N GLN D 92 -32.56 6.07 14.53
CA GLN D 92 -31.73 5.33 15.46
C GLN D 92 -30.72 6.23 16.16
N GLY D 93 -30.52 7.46 15.69
CA GLY D 93 -29.61 8.39 16.34
C GLY D 93 -28.15 8.01 16.17
N ASP D 94 -27.35 8.48 17.12
CA ASP D 94 -25.93 8.14 17.18
C ASP D 94 -25.70 6.77 17.81
N ALA D 95 -26.74 6.14 18.35
CA ALA D 95 -26.63 4.81 18.92
C ALA D 95 -26.46 3.71 17.87
N LEU D 96 -26.69 4.03 16.59
CA LEU D 96 -26.50 3.07 15.51
C LEU D 96 -25.03 2.66 15.40
N LYS D 97 -24.82 1.37 15.17
CA LYS D 97 -23.46 0.82 15.05
C LYS D 97 -23.54 -0.47 14.24
N VAL D 98 -22.74 -0.56 13.17
CA VAL D 98 -22.68 -1.75 12.33
C VAL D 98 -21.21 -2.17 12.23
N ASP D 99 -20.93 -3.41 12.63
CA ASP D 99 -19.57 -3.94 12.58
C ASP D 99 -19.17 -4.44 11.20
N ASN D 100 -20.03 -5.24 10.57
CA ASN D 100 -19.68 -5.98 9.36
C ASN D 100 -20.96 -6.30 8.60
N MET D 101 -20.84 -7.15 7.56
CA MET D 101 -21.99 -7.51 6.75
C MET D 101 -23.02 -8.32 7.52
N LEU D 102 -22.58 -9.08 8.53
CA LEU D 102 -23.50 -9.93 9.28
C LEU D 102 -24.41 -9.11 10.19
N ASP D 103 -23.86 -8.08 10.83
CA ASP D 103 -24.67 -7.22 11.69
C ASP D 103 -25.70 -6.44 10.89
N PHE D 104 -25.38 -6.08 9.65
CA PHE D 104 -26.33 -5.41 8.77
C PHE D 104 -27.49 -6.33 8.43
N VAL D 105 -27.21 -7.60 8.14
CA VAL D 105 -28.25 -8.57 7.81
C VAL D 105 -29.12 -8.87 9.03
N GLU D 106 -28.52 -8.91 10.22
CA GLU D 106 -29.31 -9.20 11.42
C GLU D 106 -30.19 -8.01 11.80
N GLN D 107 -29.65 -6.79 11.74
CA GLN D 107 -30.46 -5.63 12.08
C GLN D 107 -31.51 -5.34 11.02
N LEU D 108 -31.29 -5.76 9.77
CA LEU D 108 -32.36 -5.67 8.79
C LEU D 108 -33.39 -6.79 8.97
N ARG D 109 -32.97 -7.94 9.49
CA ARG D 109 -33.93 -8.99 9.82
C ARG D 109 -34.83 -8.58 10.98
N ARG D 110 -34.34 -7.74 11.87
CA ARG D 110 -35.18 -7.24 12.96
C ARG D 110 -36.28 -6.30 12.47
N GLN D 111 -36.14 -5.69 11.30
CA GLN D 111 -37.09 -4.70 10.79
C GLN D 111 -38.32 -5.31 10.16
N ALA D 112 -38.40 -6.63 10.03
CA ALA D 112 -39.56 -7.26 9.43
C ALA D 112 -40.80 -7.08 10.30
N ALA D 113 -41.94 -6.88 9.65
CA ALA D 113 -43.19 -6.60 10.35
C ALA D 113 -44.29 -7.48 9.76
N THR D 114 -45.51 -7.24 10.19
CA THR D 114 -46.66 -8.02 9.74
C THR D 114 -46.98 -7.72 8.28
N ARG D 115 -47.62 -8.69 7.62
CA ARG D 115 -47.94 -8.57 6.20
C ARG D 115 -49.12 -7.65 5.93
N VAL D 116 -49.88 -7.27 6.96
CA VAL D 116 -51.06 -6.43 6.77
C VAL D 116 -50.64 -5.01 6.35
N GLU D 117 -49.54 -4.51 6.91
CA GLU D 117 -49.14 -3.14 6.65
C GLU D 117 -48.47 -2.95 5.30
N ASP D 118 -48.00 -4.04 4.66
CA ASP D 118 -47.46 -4.06 3.30
C ASP D 118 -46.27 -3.11 3.13
N GLN D 119 -45.33 -3.16 4.06
CA GLN D 119 -44.14 -2.33 3.98
C GLN D 119 -43.18 -2.86 2.92
N GLY D 120 -42.34 -1.97 2.41
CA GLY D 120 -41.31 -2.33 1.47
C GLY D 120 -40.06 -1.50 1.70
N PHE D 121 -38.96 -1.96 1.12
CA PHE D 121 -37.69 -1.26 1.23
C PHE D 121 -37.11 -1.13 -0.17
N LEU D 122 -36.31 -0.09 -0.38
CA LEU D 122 -35.69 0.15 -1.68
C LEU D 122 -34.30 0.73 -1.46
N ILE D 123 -33.34 0.24 -2.23
CA ILE D 123 -31.96 0.65 -2.13
C ILE D 123 -31.46 0.96 -3.54
N ALA D 124 -31.06 2.20 -3.77
CA ALA D 124 -30.42 2.58 -5.02
C ALA D 124 -28.95 2.85 -4.75
N VAL D 125 -28.08 2.31 -5.58
CA VAL D 125 -26.63 2.47 -5.43
C VAL D 125 -26.13 3.06 -6.75
N ASP D 126 -26.00 4.38 -6.79
CA ASP D 126 -25.37 5.03 -7.93
C ASP D 126 -23.87 4.76 -7.94
N ASN D 127 -23.29 4.83 -9.14
CA ASN D 127 -21.89 4.48 -9.42
C ASN D 127 -21.57 3.07 -8.95
N ALA D 128 -22.40 2.11 -9.39
CA ALA D 128 -22.28 0.73 -8.94
C ALA D 128 -21.08 0.01 -9.52
N GLU D 129 -20.38 0.62 -10.49
CA GLU D 129 -19.14 0.08 -11.03
C GLU D 129 -18.04 -0.04 -10.00
N ARG D 130 -18.08 0.76 -8.94
CA ARG D 130 -17.10 0.69 -7.87
C ARG D 130 -17.33 -0.47 -6.92
N LEU D 131 -18.51 -1.12 -6.99
CA LEU D 131 -18.80 -2.25 -6.10
C LEU D 131 -17.92 -3.46 -6.39
N ARG D 132 -17.41 -3.58 -7.61
CA ARG D 132 -16.56 -4.71 -7.93
C ARG D 132 -15.10 -4.47 -7.56
N ASP D 133 -14.75 -3.27 -7.11
CA ASP D 133 -13.39 -2.93 -6.72
C ASP D 133 -13.14 -3.03 -5.22
N MET D 134 -14.12 -3.42 -4.42
CA MET D 134 -14.00 -3.39 -2.96
C MET D 134 -13.91 -4.82 -2.44
N ASP D 135 -14.71 -5.22 -1.44
CA ASP D 135 -14.39 -6.35 -0.57
C ASP D 135 -14.71 -7.71 -1.17
N ALA D 136 -15.34 -7.74 -2.36
CA ALA D 136 -15.71 -8.95 -3.10
C ALA D 136 -16.63 -9.89 -2.33
N ASN D 137 -17.34 -9.36 -1.35
CA ASN D 137 -18.50 -10.00 -0.76
C ASN D 137 -19.64 -9.01 -0.59
N VAL D 138 -19.46 -7.78 -1.09
CA VAL D 138 -20.51 -6.79 -1.02
C VAL D 138 -21.51 -6.98 -2.14
N LEU D 139 -21.01 -7.09 -3.37
CA LEU D 139 -21.89 -7.31 -4.53
C LEU D 139 -22.70 -8.60 -4.49
N PRO D 140 -22.14 -9.81 -4.21
CA PRO D 140 -23.01 -10.99 -4.11
C PRO D 140 -24.05 -10.91 -3.01
N VAL D 141 -23.76 -10.26 -1.89
CA VAL D 141 -24.76 -10.13 -0.83
C VAL D 141 -25.84 -9.12 -1.25
N LEU D 142 -25.45 -8.05 -1.93
CA LEU D 142 -26.42 -7.07 -2.40
C LEU D 142 -27.34 -7.63 -3.47
N LEU D 143 -26.89 -8.61 -4.25
CA LEU D 143 -27.81 -9.21 -5.22
C LEU D 143 -28.76 -10.24 -4.62
N ARG D 144 -28.58 -10.64 -3.34
CA ARG D 144 -29.55 -11.52 -2.70
C ARG D 144 -29.86 -11.04 -1.29
N LEU D 145 -29.95 -9.72 -1.11
CA LEU D 145 -30.33 -9.18 0.18
C LEU D 145 -31.77 -9.48 0.54
N GLN D 146 -32.65 -9.65 -0.45
CA GLN D 146 -34.03 -9.98 -0.16
C GLN D 146 -34.18 -11.38 0.42
N GLU D 147 -33.47 -12.36 -0.17
CA GLU D 147 -33.50 -13.72 0.36
C GLU D 147 -32.82 -13.81 1.73
N LEU D 148 -31.78 -13.01 1.95
CA LEU D 148 -31.03 -13.07 3.19
C LEU D 148 -31.81 -12.43 4.34
N THR D 149 -32.38 -11.24 4.11
CA THR D 149 -33.07 -10.53 5.17
C THR D 149 -34.52 -10.98 5.36
N ASN D 150 -35.04 -11.85 4.48
CA ASN D 150 -36.43 -12.31 4.46
C ASN D 150 -37.39 -11.12 4.41
N LEU D 151 -37.16 -10.22 3.46
CA LEU D 151 -37.74 -8.90 3.56
C LEU D 151 -37.98 -8.33 2.17
N ASN D 152 -39.07 -7.58 2.03
CA ASN D 152 -39.54 -7.12 0.72
C ASN D 152 -38.71 -5.91 0.30
N LEU D 153 -37.52 -6.19 -0.23
CA LEU D 153 -36.62 -5.14 -0.65
C LEU D 153 -35.99 -5.46 -2.00
N CYS D 154 -35.82 -4.43 -2.81
CA CYS D 154 -35.12 -4.51 -4.07
C CYS D 154 -33.88 -3.63 -4.02
N VAL D 155 -32.79 -4.11 -4.57
CA VAL D 155 -31.53 -3.38 -4.57
C VAL D 155 -31.27 -2.89 -5.99
N ILE D 156 -31.63 -1.65 -6.26
CA ILE D 156 -31.34 -1.04 -7.54
C ILE D 156 -29.86 -0.73 -7.63
N LEU D 157 -29.27 -0.90 -8.82
CA LEU D 157 -27.88 -0.56 -9.09
C LEU D 157 -27.82 0.30 -10.34
N LEU D 158 -26.87 1.23 -10.36
CA LEU D 158 -26.80 2.28 -11.36
C LEU D 158 -25.37 2.41 -11.84
N SER D 159 -25.15 2.23 -13.14
CA SER D 159 -23.80 2.33 -13.68
C SER D 159 -23.86 2.65 -15.15
N GLN D 160 -22.71 3.07 -15.69
CA GLN D 160 -22.56 3.34 -17.12
C GLN D 160 -22.13 2.12 -17.91
N LEU D 161 -22.07 0.95 -17.29
CA LEU D 161 -21.50 -0.24 -17.87
C LEU D 161 -22.53 -1.36 -17.93
N PRO D 162 -22.43 -2.27 -18.89
CA PRO D 162 -23.30 -3.45 -18.89
C PRO D 162 -22.95 -4.38 -17.75
N PHE D 163 -23.90 -5.25 -17.41
CA PHE D 163 -23.69 -6.19 -16.32
C PHE D 163 -22.73 -7.31 -16.66
N GLU D 164 -22.33 -7.45 -17.93
CA GLU D 164 -21.31 -8.42 -18.31
C GLU D 164 -19.94 -8.10 -17.70
N LYS D 165 -19.70 -6.85 -17.32
CA LYS D 165 -18.48 -6.47 -16.62
C LYS D 165 -18.48 -6.90 -15.16
N PHE D 166 -19.62 -7.28 -14.60
CA PHE D 166 -19.77 -7.42 -13.17
C PHE D 166 -19.62 -8.83 -12.64
N TYR D 167 -19.52 -9.83 -13.52
CA TYR D 167 -19.38 -11.20 -13.05
C TYR D 167 -18.02 -11.44 -12.43
N ASN D 168 -17.99 -12.22 -11.36
CA ASN D 168 -16.77 -12.57 -10.67
C ASN D 168 -16.52 -14.07 -10.80
N LYS D 169 -15.45 -14.54 -10.13
CA LYS D 169 -15.07 -15.94 -10.23
C LYS D 169 -16.10 -16.86 -9.58
N THR D 170 -16.79 -16.39 -8.55
CA THR D 170 -17.74 -17.20 -7.80
C THR D 170 -19.15 -17.19 -8.38
N GLY D 171 -19.42 -16.37 -9.38
CA GLY D 171 -20.75 -16.25 -9.94
C GLY D 171 -21.62 -15.27 -9.18
N LEU D 172 -22.81 -15.01 -9.74
CA LEU D 172 -23.72 -14.03 -9.18
C LEU D 172 -25.15 -14.52 -9.31
N SER D 173 -26.02 -13.98 -8.47
CA SER D 173 -27.44 -14.25 -8.52
C SER D 173 -28.09 -13.46 -9.65
N GLU D 174 -29.36 -13.77 -9.92
CA GLU D 174 -30.07 -13.17 -11.04
C GLU D 174 -30.40 -11.70 -10.77
N ILE D 175 -30.47 -10.93 -11.85
CA ILE D 175 -30.73 -9.50 -11.80
C ILE D 175 -31.62 -9.13 -12.98
N VAL D 176 -32.46 -8.12 -12.77
CA VAL D 176 -33.35 -7.64 -13.83
C VAL D 176 -32.64 -6.47 -14.51
N CYS D 177 -32.04 -6.73 -15.66
CA CYS D 177 -31.36 -5.68 -16.41
C CYS D 177 -32.37 -4.76 -17.07
N LEU D 178 -32.01 -3.49 -17.16
CA LEU D 178 -32.86 -2.46 -17.78
C LEU D 178 -31.95 -1.43 -18.42
N HIS D 179 -32.31 -1.00 -19.62
CA HIS D 179 -31.45 -0.15 -20.44
C HIS D 179 -32.13 1.19 -20.63
N LEU D 180 -31.43 2.26 -20.26
CA LEU D 180 -31.87 3.62 -20.55
C LEU D 180 -31.17 4.05 -21.83
N ALA D 181 -31.88 3.98 -22.94
CA ALA D 181 -31.31 4.39 -24.22
C ALA D 181 -31.14 5.89 -24.27
N GLN D 182 -30.05 6.36 -24.87
CA GLN D 182 -29.89 7.78 -25.09
C GLN D 182 -30.79 8.24 -26.23
N TYR D 183 -31.22 9.48 -26.15
CA TYR D 183 -32.23 10.00 -27.05
C TYR D 183 -31.68 10.24 -28.44
N ASN D 184 -32.55 10.11 -29.44
CA ASN D 184 -32.28 10.60 -30.78
C ASN D 184 -32.51 12.11 -30.84
N LYS D 185 -32.31 12.69 -32.03
CA LYS D 185 -32.37 14.14 -32.19
C LYS D 185 -33.77 14.71 -31.93
N ALA D 186 -34.82 13.95 -32.25
CA ALA D 186 -36.17 14.46 -32.08
C ALA D 186 -36.58 14.49 -30.60
N GLU D 187 -36.29 13.41 -29.87
CA GLU D 187 -36.56 13.39 -28.44
C GLU D 187 -35.68 14.37 -27.69
N THR D 188 -34.45 14.58 -28.14
CA THR D 188 -33.61 15.61 -27.52
C THR D 188 -34.16 17.00 -27.77
N GLN D 189 -34.74 17.22 -28.96
CA GLN D 189 -35.38 18.51 -29.23
C GLN D 189 -36.63 18.70 -28.37
N ARG D 190 -37.39 17.62 -28.14
CA ARG D 190 -38.54 17.69 -27.26
C ARG D 190 -38.14 17.92 -25.80
N ILE D 191 -36.97 17.41 -25.40
CA ILE D 191 -36.51 17.60 -24.03
C ILE D 191 -35.97 19.02 -23.82
N LEU D 192 -35.19 19.52 -24.78
CA LEU D 192 -34.70 20.90 -24.68
C LEU D 192 -35.84 21.91 -24.81
N GLY D 193 -36.88 21.58 -25.56
CA GLY D 193 -38.04 22.43 -25.71
C GLY D 193 -39.09 22.29 -24.64
N SER D 194 -38.90 21.37 -23.70
CA SER D 194 -39.87 21.17 -22.63
C SER D 194 -39.75 22.20 -21.51
N ASP D 195 -38.67 22.98 -21.48
CA ASP D 195 -38.48 24.04 -20.49
C ASP D 195 -38.76 25.42 -21.06
N PHE D 196 -39.70 25.50 -22.01
CA PHE D 196 -39.92 26.75 -22.75
C PHE D 196 -40.51 27.84 -21.87
N GLN D 197 -41.42 27.47 -20.95
CA GLN D 197 -42.07 28.47 -20.11
C GLN D 197 -41.09 29.09 -19.12
N GLN D 198 -40.05 28.34 -18.72
CA GLN D 198 -39.06 28.88 -17.81
C GLN D 198 -38.20 29.94 -18.49
N VAL D 199 -37.72 29.69 -19.70
CA VAL D 199 -36.92 30.69 -20.38
C VAL D 199 -37.80 31.86 -20.84
N ARG D 200 -39.09 31.61 -21.13
CA ARG D 200 -39.99 32.72 -21.49
C ARG D 200 -40.25 33.61 -20.29
N ASN D 201 -40.44 33.03 -19.09
CA ASN D 201 -40.58 33.84 -17.89
C ASN D 201 -39.28 34.56 -17.56
N GLN D 202 -38.13 33.91 -17.80
CA GLN D 202 -36.84 34.54 -17.52
C GLN D 202 -36.57 35.71 -18.45
N LEU D 203 -37.11 35.68 -19.68
CA LEU D 203 -37.01 36.86 -20.52
C LEU D 203 -38.04 37.91 -20.15
N LEU D 204 -39.25 37.50 -19.75
CA LEU D 204 -40.29 38.48 -19.41
C LEU D 204 -40.01 39.22 -18.10
N GLU D 205 -39.21 38.65 -17.19
CA GLU D 205 -38.77 39.45 -16.05
C GLU D 205 -37.59 40.35 -16.39
N GLN D 206 -36.99 40.19 -17.57
CA GLN D 206 -35.91 41.04 -18.01
C GLN D 206 -36.29 41.76 -19.31
N LYS D 211 -38.73 49.95 -22.26
CA LYS D 211 -39.32 48.62 -22.14
C LYS D 211 -40.08 48.22 -23.41
N LYS D 212 -39.65 48.76 -24.55
CA LYS D 212 -40.13 48.29 -25.84
C LYS D 212 -39.68 46.86 -26.13
N ARG D 213 -38.51 46.49 -25.59
CA ARG D 213 -37.97 45.14 -25.78
C ARG D 213 -38.86 44.08 -25.15
N LEU D 214 -39.57 44.42 -24.07
CA LEU D 214 -40.43 43.45 -23.41
C LEU D 214 -41.64 43.10 -24.27
N GLU D 215 -42.30 44.10 -24.87
CA GLU D 215 -43.44 43.77 -25.72
C GLU D 215 -42.98 43.16 -27.05
N ILE D 216 -41.84 43.62 -27.59
CA ILE D 216 -41.38 43.08 -28.85
C ILE D 216 -40.82 41.66 -28.67
N CYS D 217 -40.47 41.28 -27.43
CA CYS D 217 -40.11 39.90 -27.20
C CYS D 217 -41.34 39.05 -26.95
N GLN D 218 -42.29 39.54 -26.12
CA GLN D 218 -43.42 38.71 -25.75
C GLN D 218 -44.39 38.50 -26.91
N GLU D 219 -44.35 39.39 -27.91
CA GLU D 219 -45.18 39.16 -29.10
C GLU D 219 -44.50 38.22 -30.09
N ALA D 220 -43.23 37.89 -29.86
CA ALA D 220 -42.45 37.08 -30.79
C ALA D 220 -41.43 36.18 -30.09
N VAL D 221 -41.88 35.36 -29.14
CA VAL D 221 -41.01 34.38 -28.48
C VAL D 221 -41.83 33.10 -28.31
N THR D 222 -42.86 32.94 -29.13
CA THR D 222 -43.81 31.84 -29.07
C THR D 222 -43.15 30.49 -29.37
N GLU D 223 -43.92 29.41 -29.17
CA GLU D 223 -43.37 28.06 -29.12
C GLU D 223 -42.68 27.62 -30.41
N ASP D 224 -43.16 28.09 -31.56
CA ASP D 224 -42.51 27.76 -32.82
C ASP D 224 -41.14 28.42 -32.95
N PHE D 225 -40.94 29.58 -32.32
CA PHE D 225 -39.66 30.27 -32.40
C PHE D 225 -38.58 29.52 -31.64
N TYR D 226 -38.91 29.06 -30.43
CA TYR D 226 -37.95 28.27 -29.65
C TYR D 226 -37.69 26.91 -30.30
N ASN D 227 -38.69 26.32 -30.95
CA ASN D 227 -38.48 25.04 -31.62
C ASN D 227 -37.59 25.20 -32.85
N ASN D 228 -37.80 26.27 -33.63
CA ASN D 228 -36.93 26.52 -34.78
C ASN D 228 -35.51 26.88 -34.34
N TYR D 229 -35.36 27.58 -33.21
CA TYR D 229 -34.02 27.86 -32.71
C TYR D 229 -33.34 26.59 -32.24
N LEU D 230 -34.07 25.70 -31.58
CA LEU D 230 -33.48 24.44 -31.15
C LEU D 230 -33.16 23.53 -32.33
N ASN D 231 -33.91 23.65 -33.43
CA ASN D 231 -33.55 22.93 -34.65
C ASN D 231 -32.24 23.47 -35.23
N LEU D 232 -32.08 24.80 -35.25
CA LEU D 232 -30.84 25.40 -35.72
C LEU D 232 -29.67 25.08 -34.80
N PHE D 233 -29.93 24.88 -33.51
CA PHE D 233 -28.87 24.56 -32.57
C PHE D 233 -28.46 23.10 -32.67
N LEU D 234 -29.42 22.20 -32.78
CA LEU D 234 -29.13 20.78 -32.87
C LEU D 234 -28.67 20.36 -34.26
N SER D 235 -28.86 21.20 -35.28
CA SER D 235 -28.29 20.87 -36.58
C SER D 235 -26.78 20.93 -36.59
N VAL D 236 -26.16 21.68 -35.69
CA VAL D 236 -24.72 21.79 -35.61
C VAL D 236 -24.16 21.09 -34.36
N PHE D 237 -24.90 21.12 -33.25
CA PHE D 237 -24.32 20.61 -32.00
C PHE D 237 -24.56 19.14 -31.73
N TYR D 238 -25.49 18.49 -32.44
CA TYR D 238 -25.75 17.08 -32.16
C TYR D 238 -24.64 16.17 -32.65
N LYS D 239 -23.82 16.63 -33.60
CA LYS D 239 -22.70 15.85 -34.09
C LYS D 239 -21.63 15.66 -33.01
N ALA D 240 -21.46 16.64 -32.13
CA ALA D 240 -20.41 16.57 -31.12
C ALA D 240 -20.86 15.89 -29.84
N CYS D 241 -22.12 16.02 -29.45
CA CYS D 241 -22.58 15.45 -28.19
C CYS D 241 -24.07 15.20 -28.24
N ARG D 242 -24.49 14.11 -27.59
CA ARG D 242 -25.90 13.84 -27.32
C ARG D 242 -26.23 14.09 -25.86
N ASP D 243 -25.30 14.69 -25.11
CA ASP D 243 -25.44 14.86 -23.67
C ASP D 243 -26.42 15.98 -23.39
N VAL D 244 -27.57 15.64 -22.81
CA VAL D 244 -28.66 16.60 -22.63
C VAL D 244 -28.31 17.79 -21.72
N PRO D 245 -27.73 17.61 -20.51
CA PRO D 245 -27.33 18.82 -19.73
C PRO D 245 -26.33 19.74 -20.41
N GLU D 246 -25.40 19.19 -21.20
CA GLU D 246 -24.46 20.04 -21.92
C GLU D 246 -25.16 20.81 -23.03
N LEU D 247 -26.12 20.17 -23.69
CA LEU D 247 -26.91 20.85 -24.70
C LEU D 247 -27.78 21.95 -24.10
N GLN D 248 -28.28 21.76 -22.87
CA GLN D 248 -29.04 22.79 -22.19
C GLN D 248 -28.16 23.99 -21.83
N LEU D 249 -27.01 23.71 -21.21
CA LEU D 249 -26.15 24.79 -20.74
C LEU D 249 -25.43 25.51 -21.87
N THR D 250 -25.35 24.90 -23.05
CA THR D 250 -24.86 25.66 -24.19
C THR D 250 -25.99 26.37 -24.94
N ALA D 251 -27.16 25.73 -25.03
CA ALA D 251 -28.29 26.30 -25.77
C ALA D 251 -28.83 27.56 -25.12
N ARG D 252 -28.71 27.69 -23.78
CA ARG D 252 -29.18 28.92 -23.17
C ARG D 252 -28.30 30.12 -23.54
N LYS D 253 -26.97 29.94 -23.51
CA LYS D 253 -26.06 30.99 -23.92
C LYS D 253 -26.18 31.30 -25.40
N CYS D 254 -26.39 30.26 -26.22
CA CYS D 254 -26.57 30.49 -27.65
C CYS D 254 -27.88 31.19 -27.95
N LEU D 255 -28.94 30.97 -27.15
CA LEU D 255 -30.16 31.76 -27.31
C LEU D 255 -29.94 33.20 -26.89
N SER D 256 -29.13 33.42 -25.84
CA SER D 256 -28.82 34.77 -25.40
C SER D 256 -28.06 35.55 -26.46
N THR D 257 -27.25 34.86 -27.26
CA THR D 257 -26.62 35.52 -28.41
C THR D 257 -27.58 35.63 -29.60
N TYR D 258 -28.41 34.60 -29.82
CA TYR D 258 -29.30 34.51 -30.98
C TYR D 258 -30.42 35.55 -30.96
N LEU D 259 -30.85 35.99 -29.77
CA LEU D 259 -32.09 36.75 -29.67
C LEU D 259 -31.97 38.20 -30.10
N GLU D 260 -30.74 38.71 -30.29
CA GLU D 260 -30.51 40.15 -30.47
C GLU D 260 -31.18 40.82 -31.69
N PRO D 261 -31.13 40.27 -32.93
CA PRO D 261 -31.84 40.95 -34.04
C PRO D 261 -33.34 41.07 -33.86
N VAL D 262 -33.97 40.12 -33.17
CA VAL D 262 -35.40 40.23 -32.91
C VAL D 262 -35.69 41.39 -31.96
N LEU D 263 -34.87 41.53 -30.92
CA LEU D 263 -35.05 42.62 -29.97
C LEU D 263 -34.68 43.98 -30.56
N ASP D 264 -33.78 44.00 -31.56
CA ASP D 264 -33.31 45.24 -32.16
C ASP D 264 -33.91 45.48 -33.54
N GLY D 265 -34.95 44.75 -33.91
CA GLY D 265 -35.58 44.93 -35.21
C GLY D 265 -34.76 44.40 -36.37
N SER D 273 -36.22 32.30 -41.20
CA SER D 273 -34.80 32.54 -41.44
C SER D 273 -34.39 33.91 -40.89
N ARG D 274 -33.57 34.63 -41.68
CA ARG D 274 -33.05 35.99 -41.42
C ARG D 274 -32.42 36.14 -40.03
N LEU D 275 -31.88 35.02 -39.50
CA LEU D 275 -31.32 34.95 -38.16
C LEU D 275 -30.17 33.95 -38.13
N TRP D 276 -30.18 33.00 -39.07
CA TRP D 276 -29.31 31.84 -39.00
C TRP D 276 -27.83 32.19 -39.21
N ARG D 277 -27.53 33.18 -40.06
CA ARG D 277 -26.12 33.50 -40.28
C ARG D 277 -25.53 34.27 -39.10
N HIS D 278 -26.32 35.17 -38.52
CA HIS D 278 -25.88 35.96 -37.38
C HIS D 278 -25.59 35.10 -36.16
N ILE D 279 -26.33 34.01 -35.98
CA ILE D 279 -26.01 33.09 -34.90
C ILE D 279 -24.97 32.06 -35.32
N ALA D 280 -24.92 31.71 -36.62
CA ALA D 280 -24.02 30.66 -37.09
C ALA D 280 -22.58 31.13 -37.11
N GLY D 281 -22.35 32.43 -37.04
CA GLY D 281 -21.06 32.94 -36.64
C GLY D 281 -20.66 32.42 -35.26
N PRO D 282 -21.30 32.95 -34.20
CA PRO D 282 -21.04 32.44 -32.84
C PRO D 282 -21.32 30.96 -32.59
N LEU D 283 -22.29 30.35 -33.28
CA LEU D 283 -22.62 28.95 -33.01
C LEU D 283 -21.48 28.01 -33.34
N ARG D 284 -20.69 28.32 -34.36
CA ARG D 284 -19.51 27.52 -34.63
C ARG D 284 -18.33 27.91 -33.76
N SER D 285 -18.43 29.02 -33.01
CA SER D 285 -17.44 29.33 -31.99
C SER D 285 -17.75 28.63 -30.68
N ALA D 286 -19.04 28.47 -30.35
CA ALA D 286 -19.41 27.73 -29.16
C ALA D 286 -19.18 26.23 -29.31
N LEU D 287 -19.15 25.74 -30.56
CA LEU D 287 -18.87 24.32 -30.81
C LEU D 287 -17.44 23.96 -30.45
N THR D 288 -16.51 24.91 -30.56
CA THR D 288 -15.13 24.65 -30.18
C THR D 288 -14.91 24.75 -28.68
N GLN D 289 -15.89 25.28 -27.94
CA GLN D 289 -15.76 25.45 -26.50
C GLN D 289 -16.66 24.45 -25.76
N ILE D 290 -17.09 23.40 -26.47
CA ILE D 290 -17.91 22.36 -25.86
C ILE D 290 -17.07 21.57 -24.85
N TYR D 291 -17.75 21.06 -23.81
CA TYR D 291 -17.25 20.33 -22.64
C TYR D 291 -16.45 21.20 -21.67
N MET D 292 -15.73 22.20 -22.16
CA MET D 292 -15.15 23.22 -21.29
C MET D 292 -16.29 24.00 -20.65
N ARG D 293 -16.36 23.99 -19.33
CA ARG D 293 -17.53 24.45 -18.60
C ARG D 293 -17.40 25.88 -18.12
N ILE D 294 -16.49 26.65 -18.72
CA ILE D 294 -16.12 27.98 -18.22
C ILE D 294 -17.28 28.95 -18.36
N GLU D 295 -17.49 29.76 -17.31
CA GLU D 295 -18.38 30.90 -17.38
C GLU D 295 -17.59 32.19 -17.30
N SER D 318 0.04 31.21 -21.79
CA SER D 318 -0.26 32.18 -20.76
C SER D 318 0.43 31.83 -19.45
N LEU D 319 1.32 30.85 -19.50
CA LEU D 319 2.09 30.40 -18.34
C LEU D 319 3.35 31.25 -18.26
N GLU D 320 3.33 32.28 -17.41
CA GLU D 320 4.51 33.09 -17.18
C GLU D 320 5.55 32.30 -16.39
N LEU D 321 6.81 32.44 -16.77
CA LEU D 321 7.88 31.64 -16.21
C LEU D 321 9.10 32.51 -15.94
N PRO D 322 9.97 32.09 -15.03
CA PRO D 322 11.31 32.67 -14.95
C PRO D 322 12.14 32.31 -16.17
N TYR D 323 13.16 33.13 -16.42
CA TYR D 323 13.99 33.00 -17.62
C TYR D 323 14.73 31.67 -17.68
N TYR D 324 15.44 31.33 -16.59
CA TYR D 324 16.16 30.06 -16.58
C TYR D 324 15.22 28.87 -16.50
N ALA D 325 14.03 29.06 -15.93
CA ALA D 325 13.02 28.01 -16.02
C ALA D 325 12.53 27.80 -17.44
N LYS D 326 12.48 28.88 -18.23
CA LYS D 326 12.12 28.74 -19.65
C LYS D 326 13.18 27.98 -20.42
N PHE D 327 14.46 28.28 -20.15
CA PHE D 327 15.53 27.53 -20.83
C PHE D 327 15.58 26.08 -20.37
N LEU D 328 15.32 25.82 -19.09
CA LEU D 328 15.24 24.44 -18.61
C LEU D 328 14.08 23.69 -19.23
N LEU D 329 12.97 24.37 -19.48
CA LEU D 329 11.80 23.69 -20.02
C LEU D 329 11.98 23.38 -21.50
N ILE D 330 12.55 24.31 -22.27
CA ILE D 330 12.82 23.99 -23.67
C ILE D 330 13.96 22.99 -23.80
N ALA D 331 14.91 22.97 -22.87
CA ALA D 331 15.95 21.94 -22.90
C ALA D 331 15.38 20.56 -22.58
N ALA D 332 14.42 20.50 -21.66
CA ALA D 332 13.74 19.23 -21.40
C ALA D 332 12.89 18.79 -22.58
N PHE D 333 12.31 19.74 -23.32
CA PHE D 333 11.56 19.38 -24.51
C PHE D 333 12.48 18.83 -25.60
N LEU D 334 13.66 19.44 -25.79
CA LEU D 334 14.63 18.90 -26.74
C LEU D 334 15.18 17.55 -26.30
N ALA D 335 15.32 17.34 -24.98
CA ALA D 335 15.79 16.05 -24.47
C ALA D 335 14.76 14.95 -24.69
N SER D 336 13.48 15.28 -24.56
CA SER D 336 12.43 14.29 -24.79
C SER D 336 12.02 14.17 -26.25
N HIS D 337 12.44 15.09 -27.11
CA HIS D 337 12.00 15.08 -28.50
C HIS D 337 13.10 14.79 -29.51
N ASN D 338 14.38 14.82 -29.12
CA ASN D 338 15.46 14.75 -30.09
C ASN D 338 16.22 13.44 -30.10
N ALA D 339 15.87 12.47 -29.23
CA ALA D 339 16.53 11.18 -29.01
C ALA D 339 17.99 11.29 -28.56
N ALA D 340 18.51 10.19 -27.99
CA ALA D 340 19.81 10.24 -27.33
C ALA D 340 20.97 10.40 -28.30
N LYS D 341 20.81 9.93 -29.55
CA LYS D 341 21.95 9.87 -30.45
C LYS D 341 22.23 11.22 -31.12
N GLN D 342 21.21 12.06 -31.27
CA GLN D 342 21.36 13.28 -32.04
C GLN D 342 21.99 14.42 -31.25
N ASP D 343 22.16 14.27 -29.93
CA ASP D 343 22.78 15.32 -29.14
C ASP D 343 24.24 15.53 -29.50
N LYS D 344 24.95 14.45 -29.87
CA LYS D 344 26.35 14.53 -30.23
C LYS D 344 26.55 15.33 -31.52
N ARG D 345 25.58 15.29 -32.43
CA ARG D 345 25.66 16.06 -33.66
C ARG D 345 25.05 17.45 -33.53
N LEU D 346 24.13 17.66 -32.59
CA LEU D 346 23.50 18.96 -32.45
C LEU D 346 24.15 19.89 -31.45
N PHE D 347 24.96 19.38 -30.51
CA PHE D 347 25.34 20.19 -29.36
C PHE D 347 26.84 20.28 -29.06
N VAL D 348 27.69 19.49 -29.72
CA VAL D 348 29.13 19.63 -29.47
C VAL D 348 29.68 20.94 -30.06
N LYS D 349 29.00 21.48 -31.09
CA LYS D 349 29.39 22.69 -31.83
C LYS D 349 30.82 22.67 -32.34
N LEU D 375 4.89 4.89 -29.73
CA LEU D 375 5.98 5.79 -29.36
C LEU D 375 5.51 6.79 -28.31
N GLY D 376 6.41 7.70 -27.94
CA GLY D 376 6.09 8.74 -26.99
C GLY D 376 7.27 9.67 -26.79
N PRO D 377 7.14 10.62 -25.86
CA PRO D 377 8.32 11.41 -25.45
C PRO D 377 9.38 10.51 -24.82
N LYS D 378 10.63 10.82 -25.10
CA LYS D 378 11.74 10.00 -24.62
C LYS D 378 12.03 10.29 -23.15
N SER D 379 12.55 9.27 -22.47
CA SER D 379 13.10 9.48 -21.14
C SER D 379 14.42 10.23 -21.23
N PHE D 380 14.75 10.98 -20.18
CA PHE D 380 16.04 11.63 -20.12
C PHE D 380 16.49 11.72 -18.66
N SER D 381 17.77 11.49 -18.43
CA SER D 381 18.33 11.71 -17.11
C SER D 381 18.61 13.20 -16.90
N ILE D 382 18.70 13.59 -15.63
CA ILE D 382 18.85 15.00 -15.24
C ILE D 382 20.16 15.58 -15.75
N ASP D 383 21.23 14.78 -15.79
CA ASP D 383 22.49 15.28 -16.32
C ASP D 383 22.43 15.52 -17.83
N ARG D 384 21.62 14.74 -18.55
CA ARG D 384 21.37 15.02 -19.96
C ARG D 384 20.62 16.34 -20.14
N LEU D 385 19.70 16.64 -19.20
CA LEU D 385 18.99 17.91 -19.23
C LEU D 385 19.91 19.08 -18.96
N LEU D 386 20.82 18.93 -17.99
CA LEU D 386 21.79 20.00 -17.72
C LEU D 386 22.77 20.17 -18.86
N ALA D 387 23.13 19.09 -19.55
CA ALA D 387 24.05 19.20 -20.68
C ALA D 387 23.40 19.91 -21.86
N ILE D 388 22.15 19.56 -22.18
CA ILE D 388 21.44 20.27 -23.25
C ILE D 388 21.15 21.72 -22.86
N PHE D 389 20.91 21.98 -21.56
CA PHE D 389 20.66 23.34 -21.10
C PHE D 389 21.91 24.20 -21.22
N TYR D 390 23.07 23.65 -20.84
CA TYR D 390 24.32 24.39 -21.03
C TYR D 390 24.71 24.51 -22.49
N ALA D 391 24.28 23.57 -23.33
CA ALA D 391 24.59 23.67 -24.75
C ALA D 391 23.75 24.76 -25.42
N ILE D 392 22.47 24.87 -25.06
CA ILE D 392 21.61 25.88 -25.65
C ILE D 392 21.66 27.23 -24.94
N LEU D 393 22.31 27.33 -23.78
CA LEU D 393 22.24 28.57 -23.00
C LEU D 393 23.09 29.67 -23.61
N GLU D 394 24.34 29.34 -24.00
CA GLU D 394 25.31 30.25 -24.61
C GLU D 394 25.55 31.49 -23.73
N GLU D 395 25.65 31.26 -22.41
CA GLU D 395 25.83 32.32 -21.44
C GLU D 395 26.58 31.78 -20.24
N LYS D 396 26.34 30.50 -19.93
CA LYS D 396 26.99 29.71 -18.88
C LYS D 396 26.84 30.35 -17.50
N VAL D 397 25.67 30.16 -16.89
CA VAL D 397 25.50 30.50 -15.48
C VAL D 397 26.03 29.36 -14.63
N GLY D 398 26.39 29.66 -13.38
CA GLY D 398 26.89 28.64 -12.48
C GLY D 398 25.79 27.72 -11.98
N LEU D 399 26.19 26.55 -11.48
CA LEU D 399 25.26 25.59 -10.89
C LEU D 399 25.02 25.97 -9.43
N THR D 400 24.08 26.89 -9.24
CA THR D 400 23.66 27.28 -7.90
C THR D 400 22.55 26.35 -7.42
N CYS D 401 22.13 26.55 -6.18
CA CYS D 401 20.98 25.82 -5.64
C CYS D 401 19.69 26.17 -6.38
N ASN D 402 19.58 27.40 -6.87
CA ASN D 402 18.33 27.88 -7.45
C ASN D 402 18.00 27.19 -8.78
N LEU D 403 19.02 26.73 -9.51
CA LEU D 403 18.76 26.12 -10.81
C LEU D 403 18.20 24.70 -10.65
N LEU D 404 18.81 23.89 -9.79
CA LEU D 404 18.25 22.58 -9.51
C LEU D 404 16.93 22.67 -8.74
N SER D 405 16.75 23.74 -7.96
CA SER D 405 15.43 24.01 -7.39
C SER D 405 14.40 24.32 -8.46
N GLN D 406 14.82 24.99 -9.54
CA GLN D 406 13.91 25.19 -10.67
C GLN D 406 13.57 23.89 -11.36
N ILE D 407 14.52 22.94 -11.40
CA ILE D 407 14.23 21.63 -11.96
C ILE D 407 13.15 20.91 -11.14
N SER D 408 13.33 20.90 -9.82
CA SER D 408 12.35 20.23 -8.95
C SER D 408 10.99 20.94 -8.95
N THR D 409 10.95 22.27 -9.04
CA THR D 409 9.65 22.92 -9.05
C THR D 409 9.00 22.93 -10.43
N LEU D 410 9.75 22.69 -11.51
CA LEU D 410 9.11 22.35 -12.77
C LEU D 410 8.52 20.95 -12.71
N VAL D 411 9.16 20.04 -11.97
CA VAL D 411 8.58 18.71 -11.78
C VAL D 411 7.29 18.78 -10.97
N HIS D 412 7.25 19.65 -9.95
CA HIS D 412 6.07 19.73 -9.09
C HIS D 412 4.85 20.35 -9.77
N LEU D 413 5.02 21.13 -10.83
CA LEU D 413 3.91 21.76 -11.54
C LEU D 413 3.33 20.90 -12.63
N ASN D 414 3.77 19.64 -12.75
CA ASN D 414 3.46 18.72 -13.85
C ASN D 414 3.85 19.30 -15.20
N LEU D 415 4.91 20.11 -15.25
CA LEU D 415 5.51 20.48 -16.52
C LEU D 415 6.53 19.44 -16.95
N LEU D 416 7.18 18.80 -15.99
CA LEU D 416 7.97 17.59 -16.20
C LEU D 416 7.30 16.48 -15.41
N SER D 417 7.89 15.28 -15.46
CA SER D 417 7.29 14.14 -14.78
C SER D 417 8.40 13.19 -14.37
N PHE D 418 8.05 12.27 -13.49
CA PHE D 418 8.95 11.21 -13.04
C PHE D 418 8.44 9.89 -13.61
N VAL D 419 8.89 9.55 -14.82
CA VAL D 419 8.50 8.28 -15.44
C VAL D 419 9.11 7.09 -14.71
N SER D 420 10.24 7.28 -14.03
CA SER D 420 10.85 6.23 -13.21
C SER D 420 11.64 6.93 -12.10
N GLY D 421 12.62 6.22 -11.54
CA GLY D 421 13.50 6.80 -10.55
C GLY D 421 12.85 7.08 -9.21
N GLU D 422 12.43 8.33 -9.00
CA GLU D 422 11.65 8.80 -7.86
C GLU D 422 12.36 8.62 -6.51
N GLN D 423 12.59 7.36 -6.13
CA GLN D 423 13.24 7.03 -4.86
C GLN D 423 14.70 7.47 -4.80
N ASN D 424 15.35 7.66 -5.94
CA ASN D 424 16.78 8.01 -5.99
C ASN D 424 17.03 9.11 -7.04
N ILE D 425 16.51 10.31 -6.77
CA ILE D 425 16.75 11.46 -7.63
C ILE D 425 18.22 11.85 -7.61
N MET D 426 18.87 11.71 -6.45
CA MET D 426 20.24 12.16 -6.29
C MET D 426 21.28 11.16 -6.78
N GLU D 427 20.92 9.90 -6.94
CA GLU D 427 21.89 8.88 -7.32
C GLU D 427 22.12 8.82 -8.82
N GLY D 428 21.37 9.59 -9.61
CA GLY D 428 21.53 9.60 -11.05
C GLY D 428 20.76 8.53 -11.79
N SER D 429 20.03 7.68 -11.07
CA SER D 429 19.17 6.67 -11.69
C SER D 429 17.79 7.19 -12.04
N ALA D 430 17.48 8.44 -11.70
CA ALA D 430 16.16 9.00 -12.01
C ALA D 430 16.03 9.28 -13.50
N ARG D 431 14.81 9.04 -14.00
CA ARG D 431 14.47 9.31 -15.41
C ARG D 431 13.27 10.26 -15.44
N LEU D 432 13.43 11.42 -16.08
CA LEU D 432 12.37 12.39 -16.26
C LEU D 432 11.80 12.31 -17.67
N GLN D 433 10.61 12.90 -17.85
CA GLN D 433 9.94 12.92 -19.14
C GLN D 433 9.19 14.24 -19.26
N CYS D 434 9.54 15.03 -20.27
CA CYS D 434 8.85 16.29 -20.52
C CYS D 434 7.43 16.04 -21.01
N THR D 435 6.46 16.80 -20.49
CA THR D 435 5.03 16.59 -20.77
C THR D 435 4.36 17.90 -21.19
N ILE D 436 4.86 18.53 -22.26
CA ILE D 436 4.20 19.70 -22.85
C ILE D 436 4.22 19.56 -24.37
N GLY D 437 3.33 20.32 -25.02
CA GLY D 437 3.25 20.34 -26.46
C GLY D 437 4.26 21.26 -27.11
N LEU D 438 4.38 21.13 -28.44
CA LEU D 438 5.37 21.89 -29.20
C LEU D 438 5.03 23.37 -29.27
N GLU D 439 3.74 23.74 -29.33
CA GLU D 439 3.37 25.13 -29.53
C GLU D 439 3.71 26.01 -28.32
N PHE D 440 3.63 25.45 -27.11
CA PHE D 440 4.09 26.18 -25.93
C PHE D 440 5.60 26.39 -25.95
N VAL D 441 6.34 25.45 -26.51
CA VAL D 441 7.78 25.59 -26.63
C VAL D 441 8.13 26.66 -27.66
N LEU D 442 7.38 26.71 -28.76
CA LEU D 442 7.60 27.78 -29.74
C LEU D 442 7.22 29.15 -29.19
N GLN D 443 6.19 29.21 -28.32
CA GLN D 443 5.85 30.49 -27.69
C GLN D 443 6.93 30.93 -26.71
N ILE D 444 7.47 29.99 -25.94
CA ILE D 444 8.57 30.30 -25.02
C ILE D 444 9.82 30.72 -25.79
N GLY D 445 10.06 30.10 -26.95
CA GLY D 445 11.18 30.50 -27.77
C GLY D 445 10.98 31.83 -28.47
N LYS D 446 9.73 32.25 -28.63
CA LYS D 446 9.47 33.60 -29.12
C LYS D 446 9.76 34.63 -28.03
N VAL D 447 9.30 34.37 -26.80
CA VAL D 447 9.54 35.33 -25.71
C VAL D 447 11.02 35.39 -25.35
N VAL D 448 11.71 34.26 -25.39
CA VAL D 448 13.13 34.21 -25.06
C VAL D 448 13.98 34.75 -26.19
N GLY D 449 13.69 34.35 -27.43
CA GLY D 449 14.56 34.59 -28.54
C GLY D 449 15.43 33.43 -28.95
N PHE D 450 15.18 32.24 -28.41
CA PHE D 450 15.89 31.02 -28.79
C PHE D 450 15.03 30.26 -29.80
N ASN D 451 15.55 30.11 -31.01
CA ASN D 451 14.79 29.44 -32.08
C ASN D 451 14.92 27.93 -31.93
N VAL D 452 13.86 27.32 -31.39
CA VAL D 452 13.86 25.89 -31.04
C VAL D 452 13.96 25.00 -32.27
N ARG D 453 13.41 25.44 -33.41
CA ARG D 453 13.26 24.57 -34.57
C ARG D 453 14.58 24.25 -35.25
N GLN D 454 15.63 25.01 -34.97
CA GLN D 454 16.95 24.70 -35.50
C GLN D 454 17.49 23.38 -34.95
N TYR D 455 17.11 23.02 -33.72
CA TYR D 455 17.65 21.83 -33.06
C TYR D 455 16.72 20.62 -33.15
N LEU D 456 15.60 20.74 -33.83
CA LEU D 456 14.68 19.61 -33.98
C LEU D 456 14.98 18.81 -35.24
N GLU E 223 45.69 51.86 0.13
CA GLU E 223 46.28 52.58 1.26
C GLU E 223 45.55 52.25 2.55
N ASP E 224 46.28 51.76 3.54
CA ASP E 224 45.70 51.45 4.84
C ASP E 224 45.28 52.73 5.55
N TYR E 225 44.21 52.62 6.34
CA TYR E 225 43.63 53.78 7.02
C TYR E 225 44.58 54.39 8.05
N GLU E 226 45.38 53.55 8.73
CA GLU E 226 46.25 54.07 9.79
C GLU E 226 47.40 54.87 9.22
N ILE E 227 48.08 54.34 8.20
CA ILE E 227 49.18 55.08 7.60
C ILE E 227 48.67 56.28 6.80
N TRP E 228 47.44 56.23 6.28
CA TRP E 228 46.88 57.39 5.61
C TRP E 228 46.54 58.49 6.60
N LYS E 229 45.94 58.13 7.74
CA LYS E 229 45.61 59.09 8.77
C LYS E 229 46.88 59.70 9.36
N ALA E 230 47.93 58.89 9.51
CA ALA E 230 49.20 59.40 10.03
C ALA E 230 49.87 60.33 9.04
N ARG E 231 49.86 59.97 7.74
CA ARG E 231 50.46 60.84 6.74
C ARG E 231 49.67 62.13 6.54
N MET E 232 48.35 62.07 6.69
CA MET E 232 47.56 63.31 6.60
C MET E 232 47.78 64.20 7.81
N LEU E 233 47.94 63.60 9.00
CA LEU E 233 48.29 64.40 10.17
C LEU E 233 49.69 64.98 10.04
N ALA E 234 50.61 64.27 9.39
CA ALA E 234 51.94 64.82 9.14
C ALA E 234 51.89 65.96 8.13
N LYS E 235 51.03 65.85 7.11
CA LYS E 235 50.86 66.93 6.16
C LYS E 235 50.19 68.14 6.79
N ALA E 236 49.34 67.92 7.80
CA ALA E 236 48.75 69.05 8.51
C ALA E 236 49.76 69.72 9.43
N GLN E 237 50.51 68.91 10.19
CA GLN E 237 51.49 69.46 11.13
C GLN E 237 52.70 70.06 10.43
N ALA E 238 53.01 69.63 9.20
CA ALA E 238 54.07 70.24 8.42
C ALA E 238 53.59 71.48 7.65
N LYS E 239 52.30 71.77 7.67
CA LYS E 239 51.77 72.91 6.93
C LYS E 239 51.90 74.19 7.74
N THR F 83 -24.60 -8.88 36.40
CA THR F 83 -23.63 -8.29 35.49
C THR F 83 -22.76 -9.35 34.82
N PRO F 84 -22.48 -9.14 33.52
CA PRO F 84 -21.66 -10.11 32.77
C PRO F 84 -20.27 -10.36 33.32
N SER F 85 -19.66 -9.35 33.96
CA SER F 85 -18.27 -9.47 34.41
C SER F 85 -18.10 -10.53 35.49
N GLN F 86 -19.12 -10.75 36.33
CA GLN F 86 -19.05 -11.85 37.27
C GLN F 86 -19.09 -13.21 36.58
N LYS F 87 -19.84 -13.31 35.47
CA LYS F 87 -19.85 -14.55 34.69
C LYS F 87 -18.51 -14.80 34.03
N MET F 88 -17.91 -13.76 33.45
CA MET F 88 -16.60 -13.92 32.83
C MET F 88 -15.51 -14.20 33.85
N LYS F 89 -15.63 -13.65 35.07
CA LYS F 89 -14.64 -13.94 36.09
C LYS F 89 -14.78 -15.37 36.61
N LYS F 90 -16.02 -15.86 36.74
CA LYS F 90 -16.21 -17.25 37.13
C LYS F 90 -15.82 -18.22 36.03
N ILE F 91 -15.87 -17.78 34.77
CA ILE F 91 -15.40 -18.62 33.67
C ILE F 91 -13.87 -18.67 33.64
N ARG F 92 -13.23 -17.50 33.75
CA ARG F 92 -11.77 -17.44 33.69
C ARG F 92 -11.14 -18.04 34.94
N ALA F 93 -11.84 -18.04 36.07
CA ALA F 93 -11.33 -18.74 37.24
C ALA F 93 -11.64 -20.23 37.20
N GLY F 94 -12.47 -20.68 36.26
CA GLY F 94 -12.80 -22.08 36.15
C GLY F 94 -13.86 -22.58 37.09
N GLU F 95 -14.50 -21.68 37.84
CA GLU F 95 -15.41 -22.09 38.90
C GLU F 95 -16.80 -22.44 38.40
N LEU F 96 -17.14 -22.19 37.14
CA LEU F 96 -18.35 -22.73 36.54
C LEU F 96 -17.97 -23.63 35.37
N SER F 97 -18.42 -24.87 35.41
CA SER F 97 -18.15 -25.79 34.33
C SER F 97 -19.03 -25.44 33.13
N PRO F 98 -18.47 -25.49 31.91
CA PRO F 98 -19.27 -25.16 30.73
C PRO F 98 -20.25 -26.28 30.35
N SER F 99 -21.46 -26.20 30.89
CA SER F 99 -22.49 -27.20 30.59
C SER F 99 -23.12 -26.96 29.23
N MET F 100 -23.61 -28.04 28.64
CA MET F 100 -24.37 -28.01 27.39
C MET F 100 -25.78 -28.50 27.68
N GLN F 101 -26.74 -27.99 26.91
CA GLN F 101 -28.16 -28.30 27.13
C GLN F 101 -28.46 -29.77 26.90
N GLN F 102 -29.29 -30.33 27.76
CA GLN F 102 -29.68 -31.74 27.68
C GLN F 102 -30.98 -31.90 26.90
N ARG F 103 -31.17 -33.10 26.35
CA ARG F 103 -32.35 -33.41 25.57
C ARG F 103 -33.60 -33.41 26.44
N THR F 104 -34.71 -32.95 25.85
CA THR F 104 -36.00 -33.05 26.53
C THR F 104 -36.44 -34.51 26.65
N ASP F 105 -36.21 -35.30 25.61
CA ASP F 105 -36.62 -36.69 25.57
C ASP F 105 -35.44 -37.61 25.83
N LEU F 106 -35.71 -38.75 26.46
CA LEU F 106 -34.67 -39.70 26.77
C LEU F 106 -34.16 -40.40 25.51
N PRO F 107 -32.86 -40.71 25.43
CA PRO F 107 -32.36 -41.55 24.34
C PRO F 107 -32.97 -42.95 24.38
N ALA F 108 -33.16 -43.52 23.18
CA ALA F 108 -33.80 -44.81 23.03
C ALA F 108 -32.96 -45.94 23.63
N LYS F 109 -33.64 -46.97 24.11
CA LYS F 109 -32.99 -48.11 24.73
C LYS F 109 -32.26 -48.97 23.70
N ASP F 110 -31.20 -49.65 24.15
CA ASP F 110 -30.36 -50.45 23.27
C ASP F 110 -31.09 -51.66 22.71
N SER F 111 -32.04 -52.22 23.45
CA SER F 111 -32.67 -53.47 23.03
C SER F 111 -33.68 -53.28 21.90
N SER F 112 -34.12 -52.05 21.64
CA SER F 112 -35.03 -51.79 20.53
C SER F 112 -34.32 -51.72 19.18
N LYS F 113 -32.99 -51.67 19.18
CA LYS F 113 -32.23 -51.51 17.95
C LYS F 113 -32.24 -52.78 17.12
N SER F 114 -32.26 -52.61 15.80
CA SER F 114 -32.04 -53.70 14.87
C SER F 114 -30.56 -54.09 14.86
N GLU F 115 -30.29 -55.32 14.42
CA GLU F 115 -28.90 -55.78 14.30
C GLU F 115 -28.11 -54.94 13.30
N LEU F 116 -28.75 -54.48 12.24
CA LEU F 116 -28.08 -53.64 11.26
C LEU F 116 -27.77 -52.26 11.85
N GLN F 117 -28.66 -51.75 12.70
CA GLN F 117 -28.37 -50.53 13.46
C GLN F 117 -27.26 -50.76 14.47
N LEU F 118 -27.17 -51.95 15.04
CA LEU F 118 -26.08 -52.26 15.96
C LEU F 118 -24.73 -52.27 15.24
N ALA F 119 -24.70 -52.80 14.01
CA ALA F 119 -23.49 -52.70 13.22
C ALA F 119 -23.20 -51.27 12.78
N ARG F 120 -24.25 -50.48 12.50
CA ARG F 120 -24.07 -49.09 12.11
C ARG F 120 -23.49 -48.24 13.24
N GLU F 121 -23.80 -48.59 14.48
CA GLU F 121 -23.25 -47.84 15.61
C GLU F 121 -21.94 -48.41 16.13
N GLN F 122 -21.69 -49.71 15.96
CA GLN F 122 -20.34 -50.22 16.21
C GLN F 122 -19.33 -49.76 15.16
N LEU F 123 -19.80 -49.45 13.95
CA LEU F 123 -18.92 -49.04 12.86
C LEU F 123 -18.63 -47.54 12.85
N HIS F 124 -19.19 -46.78 13.79
CA HIS F 124 -18.88 -45.35 13.87
C HIS F 124 -17.42 -45.14 14.23
N VAL F 125 -16.81 -44.13 13.62
CA VAL F 125 -15.39 -43.87 13.81
C VAL F 125 -15.08 -43.36 15.22
N SER F 126 -16.05 -42.74 15.89
CA SER F 126 -15.86 -42.23 17.25
C SER F 126 -15.74 -43.33 18.29
N VAL F 127 -16.23 -44.54 18.01
CA VAL F 127 -16.17 -45.63 18.95
C VAL F 127 -14.79 -46.27 18.86
N VAL F 128 -13.84 -45.76 19.64
CA VAL F 128 -12.50 -46.36 19.65
C VAL F 128 -12.55 -47.70 20.37
N PRO F 129 -11.96 -48.77 19.82
CA PRO F 129 -11.87 -50.02 20.57
C PRO F 129 -10.95 -49.90 21.78
N LYS F 130 -11.23 -50.72 22.78
CA LYS F 130 -10.41 -50.75 23.99
C LYS F 130 -9.00 -51.24 23.72
N SER F 131 -8.82 -52.08 22.71
CA SER F 131 -7.49 -52.54 22.29
C SER F 131 -7.46 -52.54 20.78
N LEU F 132 -6.58 -51.73 20.20
CA LEU F 132 -6.60 -51.53 18.75
C LEU F 132 -6.02 -52.74 18.02
N PRO F 133 -6.73 -53.30 17.06
CA PRO F 133 -6.13 -54.30 16.18
C PRO F 133 -5.02 -53.71 15.33
N CYS F 134 -4.03 -54.56 15.04
CA CYS F 134 -2.96 -54.33 14.06
C CYS F 134 -2.05 -53.15 14.42
N ARG F 135 -2.04 -52.71 15.66
CA ARG F 135 -1.11 -51.69 16.15
C ARG F 135 -0.49 -52.15 17.46
N GLU F 136 -0.01 -53.39 17.49
CA GLU F 136 0.59 -53.91 18.71
C GLU F 136 2.06 -53.51 18.84
N ARG F 137 2.78 -53.46 17.71
CA ARG F 137 4.21 -53.12 17.74
C ARG F 137 4.42 -51.67 18.15
N GLU F 138 3.62 -50.76 17.60
CA GLU F 138 3.70 -49.36 18.00
C GLU F 138 3.24 -49.16 19.44
N PHE F 139 2.30 -49.98 19.90
CA PHE F 139 1.88 -49.93 21.29
C PHE F 139 3.01 -50.32 22.23
N GLU F 140 3.74 -51.40 21.89
CA GLU F 140 4.89 -51.78 22.69
C GLU F 140 5.99 -50.74 22.64
N ASN F 141 6.16 -50.07 21.50
CA ASN F 141 7.21 -49.06 21.39
C ASN F 141 6.92 -47.83 22.25
N ILE F 142 5.72 -47.26 22.12
CA ILE F 142 5.36 -46.08 22.91
C ILE F 142 5.23 -46.45 24.38
N TYR F 143 4.80 -47.67 24.69
CA TYR F 143 4.66 -48.09 26.08
C TYR F 143 6.02 -48.27 26.74
N ALA F 144 6.99 -48.86 26.03
CA ALA F 144 8.32 -49.01 26.60
C ALA F 144 9.01 -47.67 26.79
N PHE F 145 8.81 -46.74 25.84
CA PHE F 145 9.40 -45.41 25.97
C PHE F 145 8.81 -44.66 27.16
N LEU F 146 7.47 -44.64 27.26
CA LEU F 146 6.83 -43.86 28.32
C LEU F 146 7.03 -44.50 29.68
N GLU F 147 7.03 -45.83 29.77
CA GLU F 147 7.27 -46.48 31.05
C GLU F 147 8.71 -46.29 31.51
N GLY F 148 9.67 -46.29 30.58
CA GLY F 148 11.04 -46.03 30.99
C GLY F 148 11.26 -44.59 31.39
N LYS F 149 10.61 -43.65 30.69
CA LYS F 149 10.74 -42.24 31.07
C LYS F 149 10.02 -41.93 32.37
N ILE F 150 8.97 -42.66 32.71
CA ILE F 150 8.28 -42.43 33.96
C ILE F 150 9.04 -43.04 35.13
N GLN F 151 9.46 -44.31 34.98
CA GLN F 151 10.18 -44.97 36.07
C GLN F 151 11.57 -44.40 36.30
N ASP F 152 12.24 -43.91 35.26
CA ASP F 152 13.55 -43.32 35.48
C ASP F 152 13.50 -41.89 35.99
N GLN F 153 12.32 -41.24 35.93
CA GLN F 153 12.10 -39.88 36.42
C GLN F 153 13.05 -38.86 35.78
N CYS F 154 13.33 -39.03 34.49
CA CYS F 154 14.32 -38.20 33.81
C CYS F 154 13.72 -37.19 32.85
N GLY F 155 12.69 -37.56 32.11
CA GLY F 155 12.14 -36.67 31.10
C GLY F 155 12.80 -36.84 29.75
N GLY F 156 12.16 -36.29 28.73
CA GLY F 156 12.66 -36.46 27.38
C GLY F 156 11.58 -36.14 26.37
N CYS F 157 11.79 -36.63 25.14
CA CYS F 157 10.88 -36.28 24.07
C CYS F 157 10.84 -37.38 23.02
N MET F 158 9.72 -37.44 22.30
CA MET F 158 9.51 -38.41 21.23
C MET F 158 8.71 -37.76 20.12
N TYR F 159 8.90 -38.25 18.90
CA TYR F 159 8.22 -37.73 17.72
C TYR F 159 7.62 -38.89 16.94
N VAL F 160 6.30 -39.06 17.01
CA VAL F 160 5.59 -40.05 16.21
C VAL F 160 4.93 -39.34 15.03
N SER F 161 4.86 -40.03 13.90
CA SER F 161 4.43 -39.40 12.66
C SER F 161 3.80 -40.42 11.74
N GLY F 162 2.91 -39.93 10.88
CA GLY F 162 2.29 -40.77 9.89
C GLY F 162 1.09 -40.16 9.22
N VAL F 163 0.64 -40.74 8.11
CA VAL F 163 -0.46 -40.22 7.30
C VAL F 163 -1.76 -40.33 8.10
N PRO F 164 -2.73 -39.43 7.90
CA PRO F 164 -3.93 -39.40 8.76
C PRO F 164 -4.77 -40.66 8.69
N GLY F 165 -5.38 -40.99 9.82
CA GLY F 165 -6.21 -42.16 9.96
C GLY F 165 -5.48 -43.46 10.26
N THR F 166 -4.20 -43.40 10.59
CA THR F 166 -3.38 -44.59 10.78
C THR F 166 -3.22 -44.98 12.23
N GLY F 167 -4.10 -44.53 13.12
CA GLY F 167 -4.06 -44.98 14.49
C GLY F 167 -2.96 -44.37 15.34
N LYS F 168 -2.61 -43.11 15.12
CA LYS F 168 -1.56 -42.46 15.92
C LYS F 168 -2.08 -42.03 17.28
N THR F 169 -3.01 -41.06 17.30
CA THR F 169 -3.51 -40.49 18.54
C THR F 169 -4.28 -41.52 19.37
N ALA F 170 -4.96 -42.46 18.71
CA ALA F 170 -5.65 -43.52 19.44
C ALA F 170 -4.67 -44.43 20.16
N THR F 171 -3.53 -44.74 19.53
CA THR F 171 -2.52 -45.57 20.18
C THR F 171 -1.84 -44.83 21.32
N VAL F 172 -1.57 -43.53 21.13
CA VAL F 172 -0.88 -42.78 22.19
C VAL F 172 -1.78 -42.59 23.40
N THR F 173 -3.06 -42.26 23.17
CA THR F 173 -3.99 -42.18 24.30
C THR F 173 -4.29 -43.54 24.90
N GLY F 174 -4.20 -44.63 24.13
CA GLY F 174 -4.37 -45.95 24.71
C GLY F 174 -3.21 -46.35 25.60
N VAL F 175 -1.99 -45.96 25.20
CA VAL F 175 -0.82 -46.20 26.04
C VAL F 175 -0.91 -45.38 27.32
N ILE F 176 -1.35 -44.13 27.21
CA ILE F 176 -1.46 -43.28 28.39
C ILE F 176 -2.59 -43.74 29.31
N ARG F 177 -3.70 -44.25 28.77
CA ARG F 177 -4.74 -44.82 29.62
C ARG F 177 -4.29 -46.10 30.29
N THR F 178 -3.47 -46.91 29.61
CA THR F 178 -2.91 -48.10 30.25
C THR F 178 -1.94 -47.74 31.37
N LEU F 179 -1.14 -46.68 31.16
CA LEU F 179 -0.23 -46.23 32.21
C LEU F 179 -0.99 -45.64 33.39
N GLN F 180 -2.12 -44.96 33.14
CA GLN F 180 -2.91 -44.44 34.24
C GLN F 180 -3.61 -45.54 35.01
N ARG F 181 -4.05 -46.59 34.31
CA ARG F 181 -4.62 -47.76 34.99
C ARG F 181 -3.58 -48.49 35.82
N MET F 182 -2.32 -48.49 35.35
CA MET F 182 -1.26 -49.14 36.12
C MET F 182 -0.82 -48.28 37.30
N ALA F 183 -0.78 -46.96 37.13
CA ALA F 183 -0.43 -46.07 38.24
C ALA F 183 -1.54 -46.02 39.29
N LYS F 184 -2.78 -46.29 38.89
CA LYS F 184 -3.88 -46.36 39.86
C LYS F 184 -3.73 -47.54 40.80
N GLN F 185 -3.12 -48.62 40.35
CA GLN F 185 -2.92 -49.82 41.16
C GLN F 185 -1.54 -49.86 41.82
N ASN F 186 -0.80 -48.75 41.76
CA ASN F 186 0.53 -48.58 42.35
C ASN F 186 1.55 -49.59 41.84
N GLU F 187 1.39 -50.05 40.60
CA GLU F 187 2.45 -50.77 39.90
C GLU F 187 3.44 -49.84 39.22
N LEU F 188 3.11 -48.56 39.11
CA LEU F 188 3.91 -47.54 38.44
C LEU F 188 3.87 -46.28 39.29
N PRO F 189 4.90 -45.44 39.22
CA PRO F 189 4.78 -44.10 39.83
C PRO F 189 3.70 -43.28 39.15
N ALA F 190 3.03 -42.45 39.94
CA ALA F 190 1.95 -41.61 39.43
C ALA F 190 2.52 -40.51 38.54
N PHE F 191 1.69 -40.01 37.63
CA PHE F 191 2.13 -38.98 36.70
C PHE F 191 0.94 -38.15 36.24
N GLU F 192 1.20 -36.88 35.96
CA GLU F 192 0.22 -35.98 35.36
C GLU F 192 0.21 -36.15 33.85
N TYR F 193 -0.95 -35.93 33.24
CA TYR F 193 -1.12 -36.06 31.79
C TYR F 193 -1.75 -34.79 31.24
N LEU F 194 -0.91 -33.85 30.81
CA LEU F 194 -1.36 -32.73 30.01
C LEU F 194 -1.50 -33.15 28.56
N GLU F 195 -2.38 -32.47 27.84
CA GLU F 195 -2.48 -32.67 26.40
C GLU F 195 -2.92 -31.37 25.74
N ILE F 196 -2.40 -31.12 24.54
CA ILE F 196 -2.83 -30.02 23.69
C ILE F 196 -2.96 -30.54 22.26
N ASN F 197 -3.40 -29.66 21.38
CA ASN F 197 -3.54 -29.94 19.97
C ASN F 197 -3.28 -28.62 19.25
N GLY F 198 -2.50 -28.66 18.19
CA GLY F 198 -2.07 -27.42 17.57
C GLY F 198 -3.11 -26.75 16.72
N MET F 199 -4.16 -27.47 16.32
CA MET F 199 -5.23 -26.88 15.53
C MET F 199 -6.41 -26.40 16.35
N ARG F 200 -6.44 -26.67 17.65
CA ARG F 200 -7.43 -26.07 18.52
C ARG F 200 -7.00 -24.72 19.05
N LEU F 201 -5.80 -24.28 18.72
CA LEU F 201 -5.26 -23.01 19.15
C LEU F 201 -5.31 -22.01 17.99
N THR F 202 -5.83 -20.82 18.26
CA THR F 202 -5.84 -19.77 17.26
C THR F 202 -4.44 -19.24 16.97
N GLU F 203 -3.55 -19.29 17.95
CA GLU F 203 -2.19 -18.79 17.89
C GLU F 203 -1.27 -19.85 18.46
N PRO F 204 -0.02 -19.95 17.99
CA PRO F 204 0.94 -20.86 18.62
C PRO F 204 1.21 -20.58 20.09
N ARG F 205 1.17 -19.32 20.52
CA ARG F 205 1.45 -19.00 21.91
C ARG F 205 0.31 -19.36 22.86
N GLN F 206 -0.89 -19.58 22.34
CA GLN F 206 -2.04 -19.94 23.15
C GLN F 206 -1.90 -21.31 23.81
N ALA F 207 -0.95 -22.13 23.35
CA ALA F 207 -0.63 -23.37 24.04
C ALA F 207 -0.18 -23.12 25.47
N TYR F 208 0.51 -21.99 25.71
CA TYR F 208 0.84 -21.62 27.09
C TYR F 208 -0.40 -21.38 27.91
N VAL F 209 -1.46 -20.83 27.30
CA VAL F 209 -2.73 -20.66 28.01
C VAL F 209 -3.35 -22.01 28.32
N GLN F 210 -3.15 -23.01 27.46
CA GLN F 210 -3.91 -24.23 27.62
C GLN F 210 -3.26 -25.22 28.56
N ILE F 211 -1.92 -25.35 28.50
CA ILE F 211 -1.20 -26.27 29.37
C ILE F 211 -1.39 -25.88 30.82
N TYR F 212 -1.29 -24.58 31.12
CA TYR F 212 -1.60 -24.07 32.44
C TYR F 212 -3.06 -24.30 32.81
N LYS F 213 -3.96 -24.26 31.82
CA LYS F 213 -5.35 -24.57 32.08
C LYS F 213 -5.56 -26.05 32.38
N GLN F 214 -4.66 -26.94 31.92
CA GLN F 214 -4.75 -28.31 32.41
C GLN F 214 -4.08 -28.50 33.76
N LEU F 215 -3.38 -27.50 34.27
CA LEU F 215 -2.76 -27.63 35.58
C LEU F 215 -3.64 -27.01 36.66
N THR F 216 -3.70 -25.68 36.71
CA THR F 216 -4.47 -25.02 37.74
C THR F 216 -5.94 -24.89 37.37
N GLY F 217 -6.25 -24.80 36.08
CA GLY F 217 -7.60 -24.55 35.63
C GLY F 217 -7.95 -23.09 35.43
N LYS F 218 -7.11 -22.18 35.88
CA LYS F 218 -7.30 -20.77 35.61
C LYS F 218 -6.99 -20.45 34.15
N THR F 219 -7.75 -19.52 33.58
CA THR F 219 -7.44 -18.93 32.29
C THR F 219 -6.74 -17.61 32.51
N VAL F 220 -5.53 -17.46 31.97
CA VAL F 220 -4.71 -16.26 32.13
C VAL F 220 -4.13 -15.92 30.76
N SER F 221 -3.48 -14.75 30.70
CA SER F 221 -2.80 -14.33 29.48
C SER F 221 -1.58 -15.21 29.23
N TRP F 222 -1.19 -15.29 27.95
CA TRP F 222 -0.12 -16.21 27.56
C TRP F 222 1.23 -15.81 28.12
N GLU F 223 1.44 -14.51 28.40
CA GLU F 223 2.72 -14.09 28.99
C GLU F 223 2.83 -14.54 30.44
N GLN F 224 1.77 -14.31 31.23
CA GLN F 224 1.76 -14.78 32.62
C GLN F 224 1.75 -16.29 32.69
N ALA F 225 1.10 -16.96 31.72
CA ALA F 225 1.10 -18.41 31.71
C ALA F 225 2.47 -18.97 31.36
N HIS F 226 3.17 -18.34 30.42
CA HIS F 226 4.53 -18.76 30.10
C HIS F 226 5.49 -18.53 31.25
N ALA F 227 5.30 -17.42 31.98
CA ALA F 227 6.16 -17.16 33.14
C ALA F 227 5.88 -18.15 34.27
N LEU F 228 4.61 -18.47 34.52
CA LEU F 228 4.28 -19.46 35.55
C LEU F 228 4.73 -20.86 35.15
N LEU F 229 4.69 -21.19 33.85
CA LEU F 229 5.18 -22.49 33.41
C LEU F 229 6.70 -22.58 33.53
N GLU F 230 7.41 -21.49 33.28
CA GLU F 230 8.85 -21.50 33.51
C GLU F 230 9.19 -21.58 34.99
N LYS F 231 8.38 -20.93 35.85
CA LYS F 231 8.58 -21.08 37.29
C LYS F 231 8.27 -22.48 37.76
N ARG F 232 7.36 -23.18 37.09
CA ARG F 232 7.06 -24.55 37.48
C ARG F 232 8.16 -25.52 37.02
N PHE F 233 8.65 -25.34 35.80
CA PHE F 233 9.54 -26.35 35.24
C PHE F 233 11.02 -26.10 35.53
N THR F 234 11.48 -24.84 35.48
CA THR F 234 12.89 -24.56 35.74
C THR F 234 13.30 -24.74 37.20
N THR F 235 12.36 -24.60 38.14
CA THR F 235 12.71 -24.60 39.55
C THR F 235 12.42 -25.95 40.18
N PRO F 236 13.43 -26.63 40.77
CA PRO F 236 13.17 -27.92 41.41
C PRO F 236 12.35 -27.79 42.68
N ALA F 237 11.16 -28.39 42.67
CA ALA F 237 10.21 -28.30 43.78
C ALA F 237 9.70 -29.68 44.14
N PRO F 238 10.46 -30.44 44.94
CA PRO F 238 9.93 -31.71 45.45
C PRO F 238 8.70 -31.50 46.33
N ARG F 239 7.75 -32.45 46.27
CA ARG F 239 7.78 -33.62 45.40
C ARG F 239 7.14 -33.36 44.03
N ARG F 240 7.97 -33.00 43.07
CA ARG F 240 7.54 -32.87 41.69
C ARG F 240 7.16 -34.23 41.13
N VAL F 241 6.04 -34.28 40.44
CA VAL F 241 5.56 -35.50 39.81
C VAL F 241 5.92 -35.44 38.33
N THR F 242 6.07 -36.60 37.71
CA THR F 242 6.35 -36.67 36.29
C THR F 242 5.13 -36.18 35.50
N THR F 243 5.36 -35.46 34.42
CA THR F 243 4.28 -34.92 33.60
C THR F 243 4.52 -35.24 32.13
N VAL F 244 3.53 -35.86 31.50
CA VAL F 244 3.59 -36.26 30.09
C VAL F 244 2.75 -35.29 29.28
N LEU F 245 3.39 -34.53 28.41
CA LEU F 245 2.73 -33.51 27.60
C LEU F 245 2.61 -34.05 26.18
N LEU F 246 1.49 -34.71 25.89
CA LEU F 246 1.18 -35.05 24.51
C LEU F 246 0.90 -33.79 23.70
N VAL F 247 1.47 -33.70 22.50
CA VAL F 247 1.29 -32.54 21.62
C VAL F 247 0.91 -33.08 20.25
N ASP F 248 -0.37 -33.09 19.93
CA ASP F 248 -0.80 -33.34 18.56
C ASP F 248 -0.55 -32.10 17.71
N GLU F 249 -0.47 -32.31 16.40
CA GLU F 249 -0.50 -31.26 15.37
C GLU F 249 0.67 -30.28 15.52
N LEU F 250 1.87 -30.87 15.56
CA LEU F 250 3.08 -30.11 15.87
C LEU F 250 3.43 -29.08 14.80
N ASP F 251 3.07 -29.34 13.53
CA ASP F 251 3.41 -28.42 12.47
C ASP F 251 2.64 -27.11 12.50
N ILE F 252 1.49 -27.05 13.17
CA ILE F 252 0.78 -25.78 13.31
C ILE F 252 1.45 -24.86 14.33
N LEU F 253 2.18 -25.43 15.30
CA LEU F 253 2.81 -24.65 16.36
C LEU F 253 4.12 -24.01 15.94
N CYS F 254 4.59 -24.22 14.76
CA CYS F 254 5.92 -23.83 14.31
C CYS F 254 6.13 -22.31 14.24
N ASN F 255 5.54 -21.67 13.24
CA ASN F 255 5.74 -20.29 12.77
C ASN F 255 7.21 -19.97 12.47
N ARG F 256 7.53 -18.69 12.31
CA ARG F 256 8.86 -18.33 11.83
C ARG F 256 9.88 -18.26 12.97
N ARG F 257 9.46 -17.63 14.08
CA ARG F 257 10.39 -17.56 15.20
C ARG F 257 10.64 -18.90 15.85
N GLN F 258 9.65 -19.80 15.82
CA GLN F 258 9.68 -21.12 16.48
C GLN F 258 10.03 -21.02 17.95
N ASP F 259 9.43 -20.06 18.64
CA ASP F 259 9.70 -19.90 20.07
C ASP F 259 8.91 -20.89 20.91
N VAL F 260 7.68 -21.21 20.50
CA VAL F 260 6.81 -22.06 21.31
C VAL F 260 7.31 -23.50 21.30
N VAL F 261 7.66 -24.01 20.11
CA VAL F 261 8.17 -25.37 20.00
C VAL F 261 9.56 -25.47 20.63
N TYR F 262 10.34 -24.38 20.61
CA TYR F 262 11.63 -24.39 21.29
C TYR F 262 11.46 -24.47 22.80
N ASN F 263 10.45 -23.77 23.35
CA ASN F 263 10.21 -23.86 24.78
C ASN F 263 9.70 -25.23 25.17
N LEU F 264 8.78 -25.80 24.37
CA LEU F 264 8.22 -27.10 24.68
C LEU F 264 9.25 -28.22 24.56
N LEU F 265 10.24 -28.08 23.68
CA LEU F 265 11.29 -29.09 23.60
C LEU F 265 12.51 -28.76 24.47
N ASP F 266 12.60 -27.54 25.00
CA ASP F 266 13.72 -27.16 25.85
C ASP F 266 13.45 -27.40 27.33
N TRP F 267 12.18 -27.33 27.73
CA TRP F 267 11.83 -27.66 29.12
C TRP F 267 12.21 -29.07 29.58
N PRO F 268 12.02 -30.16 28.81
CA PRO F 268 12.54 -31.47 29.28
C PRO F 268 14.03 -31.54 29.54
N THR F 269 14.84 -30.77 28.80
CA THR F 269 16.30 -30.85 28.94
C THR F 269 16.79 -30.38 30.31
N LYS F 270 16.04 -29.50 30.95
CA LYS F 270 16.37 -29.08 32.30
C LYS F 270 16.11 -30.22 33.28
N SER F 271 17.02 -30.37 34.25
CA SER F 271 16.91 -31.46 35.21
C SER F 271 15.72 -31.29 36.16
N ALA F 272 15.35 -30.04 36.45
CA ALA F 272 14.28 -29.79 37.41
C ALA F 272 12.92 -30.21 36.87
N ALA F 273 12.73 -30.17 35.56
CA ALA F 273 11.47 -30.56 34.95
C ALA F 273 11.54 -32.02 34.55
N LYS F 274 10.51 -32.78 34.93
CA LYS F 274 10.43 -34.20 34.61
C LYS F 274 9.55 -34.45 33.40
N LEU F 275 9.40 -33.41 32.57
CA LEU F 275 8.53 -33.44 31.41
C LEU F 275 8.95 -34.50 30.39
N VAL F 276 7.98 -35.23 29.87
CA VAL F 276 8.17 -36.23 28.82
C VAL F 276 7.20 -35.85 27.71
N VAL F 277 7.66 -35.09 26.73
CA VAL F 277 6.78 -34.59 25.69
C VAL F 277 6.78 -35.54 24.49
N VAL F 278 5.59 -35.93 24.06
CA VAL F 278 5.37 -36.72 22.85
C VAL F 278 4.73 -35.81 21.82
N THR F 279 5.21 -35.86 20.58
CA THR F 279 4.74 -34.96 19.52
C THR F 279 4.25 -35.79 18.36
N ILE F 280 2.97 -35.64 18.02
CA ILE F 280 2.36 -36.34 16.89
C ILE F 280 2.33 -35.41 15.69
N ALA F 281 2.70 -35.94 14.52
CA ALA F 281 2.61 -35.15 13.29
C ALA F 281 2.46 -36.07 12.10
N ASN F 282 2.23 -35.47 10.93
CA ASN F 282 1.95 -36.24 9.73
C ASN F 282 3.21 -36.52 8.91
N THR F 283 3.94 -35.47 8.54
CA THR F 283 5.11 -35.64 7.70
C THR F 283 6.24 -36.33 8.45
N MET F 284 6.89 -37.27 7.77
CA MET F 284 8.03 -37.99 8.34
C MET F 284 9.24 -37.07 8.53
N ASP F 285 9.41 -36.10 7.63
CA ASP F 285 10.64 -35.33 7.55
C ASP F 285 10.52 -33.94 8.18
N LEU F 286 9.53 -33.75 9.06
CA LEU F 286 9.27 -32.44 9.67
C LEU F 286 10.45 -31.80 10.41
N PRO F 287 11.21 -32.48 11.31
CA PRO F 287 12.34 -31.80 11.96
C PRO F 287 13.43 -31.32 11.02
N GLU F 288 13.65 -32.02 9.91
CA GLU F 288 14.63 -31.56 8.94
C GLU F 288 14.03 -30.58 7.94
N ARG F 289 12.72 -30.67 7.66
CA ARG F 289 12.13 -29.83 6.63
C ARG F 289 11.88 -28.40 7.14
N LEU F 290 11.28 -28.25 8.32
CA LEU F 290 10.89 -26.90 8.73
C LEU F 290 11.31 -26.49 10.13
N LEU F 291 11.72 -27.42 11.00
CA LEU F 291 12.26 -27.02 12.29
C LEU F 291 13.69 -26.51 12.14
N MET F 292 14.08 -25.64 13.06
CA MET F 292 15.44 -25.10 13.12
C MET F 292 16.40 -26.19 13.58
N GLY F 293 17.70 -25.91 13.41
CA GLY F 293 18.71 -26.91 13.72
C GLY F 293 18.83 -27.22 15.20
N LYS F 294 18.68 -26.19 16.06
CA LYS F 294 18.69 -26.46 17.49
C LYS F 294 17.39 -27.13 17.94
N VAL F 295 16.26 -26.80 17.31
CA VAL F 295 15.01 -27.44 17.66
C VAL F 295 15.01 -28.90 17.22
N THR F 296 15.60 -29.19 16.05
CA THR F 296 15.77 -30.57 15.60
C THR F 296 16.75 -31.31 16.50
N SER F 297 17.79 -30.62 16.99
CA SER F 297 18.73 -31.25 17.92
C SER F 297 18.08 -31.57 19.25
N ARG F 298 17.13 -30.73 19.69
CA ARG F 298 16.42 -31.02 20.93
C ARG F 298 15.36 -32.09 20.74
N LEU F 299 14.80 -32.21 19.54
CA LEU F 299 13.76 -33.19 19.28
C LEU F 299 14.30 -34.62 19.33
N GLY F 300 15.58 -34.80 19.08
CA GLY F 300 16.21 -36.09 19.27
C GLY F 300 16.05 -37.03 18.11
N LEU F 301 16.61 -38.23 18.28
CA LEU F 301 16.62 -39.25 17.25
C LEU F 301 15.71 -40.43 17.55
N THR F 302 14.99 -40.41 18.67
CA THR F 302 13.97 -41.43 18.94
C THR F 302 12.70 -41.04 18.19
N ARG F 303 12.20 -41.94 17.36
CA ARG F 303 11.13 -41.64 16.42
C ARG F 303 10.37 -42.91 16.09
N LEU F 304 9.13 -42.74 15.64
CA LEU F 304 8.29 -43.86 15.27
C LEU F 304 7.40 -43.41 14.11
N THR F 305 7.20 -44.31 13.15
CA THR F 305 6.42 -44.00 11.96
C THR F 305 5.28 -45.00 11.84
N PHE F 306 4.06 -44.48 11.72
CA PHE F 306 2.87 -45.31 11.54
C PHE F 306 2.63 -45.49 10.05
N GLN F 307 2.92 -46.70 9.56
CA GLN F 307 2.72 -47.01 8.15
C GLN F 307 1.24 -47.10 7.83
N PRO F 308 0.85 -46.84 6.57
CA PRO F 308 -0.56 -46.99 6.18
C PRO F 308 -1.04 -48.43 6.30
N TYR F 309 -2.33 -48.56 6.64
CA TYR F 309 -2.94 -49.87 6.75
C TYR F 309 -2.98 -50.57 5.39
N SER F 310 -2.72 -51.87 5.40
CA SER F 310 -2.60 -52.62 4.17
C SER F 310 -3.96 -53.17 3.75
N HIS F 311 -3.96 -54.10 2.81
CA HIS F 311 -5.17 -54.78 2.38
C HIS F 311 -5.79 -55.59 3.51
N LYS F 312 -4.96 -56.20 4.35
CA LYS F 312 -5.42 -57.16 5.35
C LYS F 312 -5.77 -56.50 6.69
N GLN F 313 -4.98 -55.52 7.12
CA GLN F 313 -5.22 -54.86 8.40
C GLN F 313 -6.52 -54.07 8.39
N LEU F 314 -6.89 -53.48 7.26
CA LEU F 314 -8.18 -52.80 7.15
C LEU F 314 -9.35 -53.78 7.23
N GLN F 315 -9.16 -55.02 6.79
CA GLN F 315 -10.18 -56.03 6.96
C GLN F 315 -10.27 -56.48 8.42
N GLU F 316 -9.12 -56.63 9.09
CA GLU F 316 -9.12 -57.00 10.49
C GLU F 316 -9.76 -55.94 11.37
N ILE F 317 -9.61 -54.65 11.01
CA ILE F 317 -10.20 -53.58 11.79
C ILE F 317 -11.72 -53.62 11.70
N VAL F 318 -12.25 -53.74 10.48
CA VAL F 318 -13.71 -53.72 10.29
C VAL F 318 -14.35 -55.00 10.84
N THR F 319 -13.71 -56.16 10.67
CA THR F 319 -14.27 -57.36 11.28
C THR F 319 -14.11 -57.40 12.79
N ALA F 320 -13.19 -56.62 13.36
CA ALA F 320 -13.21 -56.45 14.80
C ALA F 320 -14.32 -55.51 15.25
N ARG F 321 -14.60 -54.47 14.46
CA ARG F 321 -15.70 -53.57 14.79
C ARG F 321 -17.06 -54.24 14.70
N LEU F 322 -17.24 -55.17 13.77
CA LEU F 322 -18.54 -55.81 13.60
C LEU F 322 -18.83 -56.87 14.66
N GLY F 323 -17.83 -57.31 15.40
CA GLY F 323 -18.06 -58.39 16.36
C GLY F 323 -18.29 -59.71 15.65
N GLY F 324 -19.12 -60.54 16.26
CA GLY F 324 -19.51 -61.81 15.70
C GLY F 324 -20.68 -61.75 14.74
N SER F 325 -21.20 -60.56 14.47
CA SER F 325 -22.33 -60.40 13.56
C SER F 325 -21.96 -60.76 12.13
N GLU F 326 -22.91 -61.38 11.43
CA GLU F 326 -22.78 -61.71 10.02
C GLU F 326 -23.56 -60.75 9.13
N THR F 327 -23.83 -59.54 9.62
CA THR F 327 -24.56 -58.55 8.81
C THR F 327 -23.76 -58.09 7.61
N PHE F 328 -22.44 -58.13 7.68
CA PHE F 328 -21.60 -57.86 6.53
C PHE F 328 -21.13 -59.17 5.92
N LYS F 329 -21.23 -59.26 4.60
CA LYS F 329 -20.57 -60.35 3.89
C LYS F 329 -19.06 -60.15 3.95
N GLY F 330 -18.33 -61.26 4.00
CA GLY F 330 -16.88 -61.17 4.09
C GLY F 330 -16.25 -60.64 2.83
N GLU F 331 -16.83 -60.96 1.67
CA GLU F 331 -16.37 -60.37 0.41
C GLU F 331 -16.67 -58.89 0.33
N ALA F 332 -17.72 -58.42 1.01
CA ALA F 332 -18.03 -56.99 1.03
C ALA F 332 -17.00 -56.21 1.82
N VAL F 333 -16.62 -56.71 3.00
CA VAL F 333 -15.54 -56.10 3.78
C VAL F 333 -14.22 -56.21 3.04
N GLN F 334 -14.01 -57.32 2.33
CA GLN F 334 -12.79 -57.49 1.56
C GLN F 334 -12.70 -56.49 0.40
N LEU F 335 -13.84 -56.16 -0.22
CA LEU F 335 -13.84 -55.18 -1.30
C LEU F 335 -13.67 -53.77 -0.76
N VAL F 336 -14.26 -53.47 0.41
CA VAL F 336 -14.07 -52.17 1.05
C VAL F 336 -12.60 -51.96 1.39
N ALA F 337 -11.97 -52.98 2.01
CA ALA F 337 -10.58 -52.88 2.39
C ALA F 337 -9.66 -52.82 1.17
N ARG F 338 -9.97 -53.60 0.13
CA ARG F 338 -9.15 -53.63 -1.07
C ARG F 338 -9.20 -52.31 -1.83
N LYS F 339 -10.36 -51.65 -1.85
CA LYS F 339 -10.45 -50.39 -2.58
C LYS F 339 -10.19 -49.16 -1.72
N VAL F 340 -10.09 -49.31 -0.40
CA VAL F 340 -9.66 -48.18 0.43
C VAL F 340 -8.16 -48.19 0.63
N ALA F 341 -7.55 -49.36 0.83
CA ALA F 341 -6.11 -49.46 1.03
C ALA F 341 -5.33 -49.09 -0.22
N ALA F 342 -5.94 -49.23 -1.40
CA ALA F 342 -5.28 -48.85 -2.63
C ALA F 342 -5.20 -47.35 -2.83
N VAL F 343 -5.99 -46.58 -2.09
CA VAL F 343 -6.04 -45.13 -2.26
C VAL F 343 -5.18 -44.41 -1.24
N SER F 344 -5.35 -44.73 0.04
CA SER F 344 -4.78 -43.91 1.10
C SER F 344 -4.24 -44.74 2.27
N GLY F 345 -4.93 -45.81 2.64
CA GLY F 345 -4.63 -46.51 3.86
C GLY F 345 -5.30 -45.94 5.08
N ASP F 346 -6.15 -44.93 4.92
CA ASP F 346 -6.95 -44.37 5.99
C ASP F 346 -7.94 -45.41 6.50
N ALA F 347 -8.10 -45.48 7.82
CA ALA F 347 -9.10 -46.35 8.42
C ALA F 347 -10.46 -45.68 8.53
N ARG F 348 -10.49 -44.35 8.61
CA ARG F 348 -11.75 -43.62 8.65
C ARG F 348 -12.53 -43.78 7.36
N ARG F 349 -11.83 -43.91 6.22
CA ARG F 349 -12.52 -44.13 4.96
C ARG F 349 -13.21 -45.48 4.92
N ALA F 350 -12.58 -46.51 5.48
CA ALA F 350 -13.22 -47.82 5.52
C ALA F 350 -14.39 -47.83 6.50
N LEU F 351 -14.23 -47.20 7.66
CA LEU F 351 -15.33 -47.17 8.62
C LEU F 351 -16.46 -46.23 8.21
N ASP F 352 -16.22 -45.32 7.27
CA ASP F 352 -17.31 -44.52 6.72
C ASP F 352 -18.00 -45.20 5.55
N ILE F 353 -17.23 -45.87 4.68
CA ILE F 353 -17.82 -46.61 3.56
C ILE F 353 -18.64 -47.80 4.06
N CYS F 354 -18.22 -48.44 5.15
CA CYS F 354 -19.05 -49.52 5.71
C CYS F 354 -20.34 -49.00 6.33
N ARG F 355 -20.31 -47.81 6.93
CA ARG F 355 -21.53 -47.22 7.45
C ARG F 355 -22.49 -46.82 6.34
N ARG F 356 -21.95 -46.27 5.26
CA ARG F 356 -22.78 -45.94 4.10
C ARG F 356 -23.34 -47.20 3.44
N ALA F 357 -22.57 -48.29 3.43
CA ALA F 357 -23.09 -49.55 2.93
C ALA F 357 -24.19 -50.11 3.81
N THR F 358 -24.10 -49.89 5.13
CA THR F 358 -25.17 -50.29 6.03
C THR F 358 -26.43 -49.47 5.80
N GLU F 359 -26.27 -48.16 5.57
CA GLU F 359 -27.43 -47.30 5.26
C GLU F 359 -28.04 -47.63 3.90
N ILE F 360 -27.23 -48.09 2.95
CA ILE F 360 -27.76 -48.51 1.65
C ILE F 360 -28.51 -49.82 1.78
N ALA F 361 -27.98 -50.77 2.56
CA ALA F 361 -28.67 -52.03 2.79
C ALA F 361 -29.94 -51.85 3.60
N ASP F 362 -30.01 -50.79 4.42
CA ASP F 362 -31.21 -50.56 5.22
C ASP F 362 -32.40 -50.14 4.35
N THR F 363 -32.17 -49.35 3.30
CA THR F 363 -33.28 -48.89 2.49
C THR F 363 -33.73 -49.91 1.46
N ALA F 364 -32.96 -50.98 1.23
CA ALA F 364 -33.37 -52.08 0.36
C ALA F 364 -34.18 -53.13 1.11
N ALA F 365 -34.39 -52.95 2.41
CA ALA F 365 -35.09 -53.88 3.31
C ALA F 365 -34.43 -55.25 3.35
N VAL F 366 -33.13 -55.32 3.13
CA VAL F 366 -32.34 -56.51 3.39
C VAL F 366 -31.62 -56.34 4.71
N LYS F 367 -31.26 -57.46 5.33
CA LYS F 367 -30.58 -57.45 6.61
C LYS F 367 -29.13 -57.92 6.52
N CYS F 368 -28.61 -58.12 5.32
CA CYS F 368 -27.20 -58.43 5.12
C CYS F 368 -26.65 -57.50 4.06
N VAL F 369 -25.46 -56.95 4.31
CA VAL F 369 -24.87 -56.00 3.38
C VAL F 369 -24.16 -56.75 2.27
N THR F 370 -24.91 -57.09 1.22
CA THR F 370 -24.38 -57.80 0.08
C THR F 370 -23.49 -56.89 -0.76
N MET F 371 -22.68 -57.52 -1.62
CA MET F 371 -21.52 -56.85 -2.24
C MET F 371 -21.91 -55.71 -3.17
N LEU F 372 -23.09 -55.77 -3.79
CA LEU F 372 -23.49 -54.65 -4.63
C LEU F 372 -23.85 -53.40 -3.82
N HIS F 373 -24.28 -53.55 -2.56
CA HIS F 373 -24.44 -52.37 -1.71
C HIS F 373 -23.11 -51.73 -1.40
N VAL F 374 -22.07 -52.54 -1.21
CA VAL F 374 -20.71 -52.01 -1.04
C VAL F 374 -20.21 -51.35 -2.31
N GLN F 375 -20.56 -51.91 -3.47
CA GLN F 375 -20.15 -51.29 -4.74
C GLN F 375 -20.85 -49.95 -4.96
N GLN F 376 -22.12 -49.85 -4.55
CA GLN F 376 -22.83 -48.58 -4.66
C GLN F 376 -22.28 -47.54 -3.69
N ALA F 377 -21.98 -47.95 -2.45
CA ALA F 377 -21.40 -47.03 -1.48
C ALA F 377 -19.99 -46.59 -1.88
N LEU F 378 -19.23 -47.48 -2.52
CA LEU F 378 -17.89 -47.12 -3.00
C LEU F 378 -17.97 -46.15 -4.16
N ALA F 379 -18.91 -46.37 -5.09
CA ALA F 379 -19.10 -45.43 -6.19
C ALA F 379 -19.64 -44.08 -5.71
N GLU F 380 -20.37 -44.06 -4.60
CA GLU F 380 -20.85 -42.80 -4.07
C GLU F 380 -19.76 -42.04 -3.32
N MET F 381 -18.97 -42.73 -2.51
CA MET F 381 -18.01 -42.02 -1.67
C MET F 381 -16.63 -41.89 -2.27
N ILE F 382 -16.35 -42.52 -3.42
CA ILE F 382 -15.18 -42.13 -4.19
C ILE F 382 -15.75 -41.56 -5.49
N ALA F 383 -16.42 -40.43 -5.36
CA ALA F 383 -17.23 -39.89 -6.45
C ALA F 383 -16.36 -39.27 -7.54
N SER F 384 -16.88 -39.31 -8.76
CA SER F 384 -16.22 -38.74 -9.94
C SER F 384 -17.32 -38.15 -10.83
N ALA F 385 -18.00 -37.13 -10.31
CA ALA F 385 -19.14 -36.57 -11.01
C ALA F 385 -18.79 -35.28 -11.75
N LYS F 386 -17.93 -35.38 -12.77
CA LYS F 386 -17.72 -34.28 -13.70
C LYS F 386 -18.27 -34.57 -15.09
N VAL F 387 -18.27 -35.83 -15.52
CA VAL F 387 -18.91 -36.21 -16.78
C VAL F 387 -20.42 -35.99 -16.68
N GLN F 388 -20.99 -36.21 -15.50
CA GLN F 388 -22.40 -35.90 -15.28
C GLN F 388 -22.65 -34.40 -15.33
N ALA F 389 -21.69 -33.60 -14.89
CA ALA F 389 -21.84 -32.15 -14.96
C ALA F 389 -21.75 -31.64 -16.38
N ILE F 390 -20.84 -32.20 -17.18
CA ILE F 390 -20.76 -31.79 -18.59
C ILE F 390 -21.98 -32.27 -19.38
N ARG F 391 -22.49 -33.46 -19.07
CA ARG F 391 -23.71 -33.93 -19.72
C ARG F 391 -24.95 -33.16 -19.28
N ASN F 392 -24.93 -32.56 -18.09
CA ASN F 392 -26.08 -31.82 -17.58
C ASN F 392 -26.02 -30.33 -17.94
N CYS F 393 -24.95 -29.88 -18.59
CA CYS F 393 -24.85 -28.48 -18.98
C CYS F 393 -25.80 -28.16 -20.13
N SER F 394 -26.16 -26.88 -20.22
CA SER F 394 -26.97 -26.39 -21.33
C SER F 394 -26.16 -26.42 -22.61
N ARG F 395 -26.89 -26.45 -23.74
CA ARG F 395 -26.28 -26.75 -25.04
C ARG F 395 -25.26 -25.70 -25.47
N MET F 396 -25.50 -24.43 -25.14
CA MET F 396 -24.50 -23.41 -25.41
C MET F 396 -23.26 -23.57 -24.54
N GLU F 397 -23.44 -24.02 -23.30
CA GLU F 397 -22.28 -24.32 -22.47
C GLU F 397 -21.52 -25.53 -22.97
N GLN F 398 -22.20 -26.49 -23.58
CA GLN F 398 -21.49 -27.61 -24.18
C GLN F 398 -20.71 -27.19 -25.42
N ILE F 399 -21.27 -26.26 -26.21
CA ILE F 399 -20.54 -25.70 -27.34
C ILE F 399 -19.32 -24.90 -26.86
N PHE F 400 -19.46 -24.22 -25.73
CA PHE F 400 -18.33 -23.50 -25.14
C PHE F 400 -17.25 -24.46 -24.65
N LEU F 401 -17.65 -25.56 -24.01
CA LEU F 401 -16.69 -26.55 -23.54
C LEU F 401 -16.01 -27.28 -24.68
N GLN F 402 -16.69 -27.45 -25.81
CA GLN F 402 -16.00 -28.00 -26.98
C GLN F 402 -15.01 -27.01 -27.56
N ALA F 403 -15.39 -25.73 -27.65
CA ALA F 403 -14.52 -24.76 -28.30
C ALA F 403 -13.30 -24.40 -27.46
N ILE F 404 -13.37 -24.51 -26.14
CA ILE F 404 -12.17 -24.28 -25.34
C ILE F 404 -11.12 -25.36 -25.61
N ALA F 405 -11.55 -26.62 -25.62
CA ALA F 405 -10.63 -27.71 -25.96
C ALA F 405 -10.17 -27.65 -27.41
N ALA F 406 -11.01 -27.12 -28.30
CA ALA F 406 -10.60 -26.93 -29.68
C ALA F 406 -9.51 -25.88 -29.81
N GLU F 407 -9.64 -24.76 -29.09
CA GLU F 407 -8.58 -23.76 -29.09
C GLU F 407 -7.32 -24.25 -28.39
N VAL F 408 -7.45 -25.11 -27.38
CA VAL F 408 -6.27 -25.69 -26.74
C VAL F 408 -5.53 -26.61 -27.71
N THR F 409 -6.27 -27.41 -28.47
CA THR F 409 -5.64 -28.25 -29.49
C THR F 409 -5.04 -27.42 -30.63
N ARG F 410 -5.68 -26.30 -30.98
CA ARG F 410 -5.21 -25.49 -32.10
C ARG F 410 -3.96 -24.70 -31.76
N THR F 411 -3.98 -23.94 -30.66
CA THR F 411 -2.83 -23.11 -30.31
C THR F 411 -1.75 -23.85 -29.55
N GLY F 412 -2.02 -25.06 -29.08
CA GLY F 412 -1.02 -25.81 -28.32
C GLY F 412 -0.90 -25.50 -26.85
N VAL F 413 -0.83 -24.20 -26.50
CA VAL F 413 -0.72 -23.80 -25.10
C VAL F 413 -2.05 -24.03 -24.38
N GLU F 414 -1.98 -24.29 -23.09
CA GLU F 414 -3.15 -24.66 -22.30
C GLU F 414 -4.01 -23.49 -21.87
N GLU F 415 -3.51 -22.26 -21.97
CA GLU F 415 -4.23 -21.07 -21.50
C GLU F 415 -4.70 -20.28 -22.70
N THR F 416 -6.02 -20.13 -22.84
CA THR F 416 -6.62 -19.48 -23.99
C THR F 416 -7.35 -18.20 -23.56
N THR F 417 -7.21 -17.16 -24.38
CA THR F 417 -8.00 -15.95 -24.23
C THR F 417 -9.43 -16.18 -24.71
N PHE F 418 -10.34 -15.35 -24.21
CA PHE F 418 -11.76 -15.48 -24.53
C PHE F 418 -12.06 -15.19 -26.01
N MET F 419 -11.21 -14.40 -26.67
CA MET F 419 -11.49 -13.98 -28.05
C MET F 419 -11.39 -15.14 -29.03
N GLY F 420 -10.32 -15.92 -28.95
CA GLY F 420 -10.20 -17.06 -29.83
C GLY F 420 -11.16 -18.18 -29.47
N VAL F 421 -11.51 -18.27 -28.20
CA VAL F 421 -12.55 -19.20 -27.77
C VAL F 421 -13.89 -18.82 -28.38
N TYR F 422 -14.19 -17.51 -28.43
CA TYR F 422 -15.43 -17.07 -29.07
C TYR F 422 -15.42 -17.28 -30.58
N GLN F 423 -14.26 -17.16 -31.22
CA GLN F 423 -14.19 -17.43 -32.66
C GLN F 423 -14.40 -18.92 -32.96
N GLN F 424 -13.80 -19.80 -32.15
CA GLN F 424 -14.07 -21.23 -32.30
C GLN F 424 -15.52 -21.57 -31.94
N VAL F 425 -16.12 -20.82 -31.01
CA VAL F 425 -17.53 -20.96 -30.68
C VAL F 425 -18.40 -20.63 -31.89
N GLU F 426 -18.06 -19.55 -32.60
CA GLU F 426 -18.83 -19.19 -33.80
C GLU F 426 -18.64 -20.21 -34.91
N THR F 427 -17.47 -20.83 -35.00
CA THR F 427 -17.25 -21.89 -35.99
C THR F 427 -18.09 -23.13 -35.69
N ILE F 428 -18.05 -23.60 -34.44
CA ILE F 428 -18.80 -24.79 -34.05
C ILE F 428 -20.30 -24.54 -34.11
N ALA F 429 -20.75 -23.34 -33.73
CA ALA F 429 -22.16 -23.00 -33.82
C ALA F 429 -22.62 -22.86 -35.27
N ALA F 430 -21.75 -22.39 -36.17
CA ALA F 430 -22.08 -22.39 -37.59
C ALA F 430 -22.15 -23.81 -38.14
N PHE F 431 -21.38 -24.72 -37.58
CA PHE F 431 -21.48 -26.11 -38.02
C PHE F 431 -22.77 -26.77 -37.53
N MET F 432 -23.09 -26.61 -36.24
CA MET F 432 -24.26 -27.27 -35.68
C MET F 432 -25.58 -26.61 -36.08
N GLY F 433 -25.55 -25.39 -36.59
CA GLY F 433 -26.72 -24.74 -37.11
C GLY F 433 -27.46 -23.83 -36.15
N VAL F 434 -27.27 -23.99 -34.84
CA VAL F 434 -27.84 -23.06 -33.88
C VAL F 434 -27.05 -21.77 -33.90
N THR F 435 -27.73 -20.66 -33.66
CA THR F 435 -27.02 -19.40 -33.47
C THR F 435 -26.42 -19.35 -32.07
N PHE F 436 -25.40 -18.54 -31.92
CA PHE F 436 -24.84 -18.42 -30.59
C PHE F 436 -25.20 -17.08 -29.97
N PRO F 437 -25.29 -17.02 -28.65
CA PRO F 437 -25.51 -15.74 -27.99
C PRO F 437 -24.36 -14.78 -28.22
N PRO F 438 -24.63 -13.48 -28.25
CA PRO F 438 -23.58 -12.46 -28.40
C PRO F 438 -22.66 -12.45 -27.20
N PRO F 439 -21.43 -11.91 -27.33
CA PRO F 439 -20.37 -12.16 -26.33
C PRO F 439 -20.68 -11.73 -24.91
N GLY F 440 -21.55 -10.73 -24.71
CA GLY F 440 -21.96 -10.39 -23.36
C GLY F 440 -22.73 -11.47 -22.64
N ARG F 441 -23.38 -12.36 -23.39
CA ARG F 441 -23.99 -13.55 -22.81
C ARG F 441 -23.03 -14.73 -22.76
N ALA F 442 -22.05 -14.77 -23.66
CA ALA F 442 -21.01 -15.78 -23.57
C ALA F 442 -20.13 -15.59 -22.34
N LEU F 443 -19.98 -14.33 -21.90
CA LEU F 443 -19.31 -14.09 -20.62
C LEU F 443 -20.12 -14.61 -19.45
N ARG F 444 -21.45 -14.58 -19.55
CA ARG F 444 -22.28 -15.20 -18.52
C ARG F 444 -22.13 -16.71 -18.50
N LEU F 445 -21.99 -17.32 -19.69
CA LEU F 445 -21.73 -18.76 -19.76
C LEU F 445 -20.36 -19.11 -19.17
N CYS F 446 -19.34 -18.30 -19.47
CA CYS F 446 -18.01 -18.51 -18.92
C CYS F 446 -18.00 -18.30 -17.41
N SER F 447 -18.79 -17.36 -16.91
CA SER F 447 -18.88 -17.15 -15.47
C SER F 447 -19.59 -18.30 -14.78
N LYS F 448 -20.59 -18.90 -15.43
CA LYS F 448 -21.26 -20.05 -14.84
C LYS F 448 -20.34 -21.27 -14.80
N LEU F 449 -19.60 -21.51 -15.88
CA LEU F 449 -18.64 -22.61 -15.87
C LEU F 449 -17.49 -22.37 -14.90
N GLY F 450 -17.10 -21.12 -14.69
CA GLY F 450 -16.06 -20.83 -13.71
C GLY F 450 -16.53 -20.82 -12.27
N ALA F 451 -17.84 -20.62 -12.04
CA ALA F 451 -18.38 -20.79 -10.71
C ALA F 451 -18.61 -22.25 -10.37
N GLU F 452 -18.93 -23.07 -11.39
CA GLU F 452 -19.08 -24.50 -11.23
C GLU F 452 -17.73 -25.21 -11.19
N ARG F 453 -16.65 -24.49 -11.47
CA ARG F 453 -15.27 -24.98 -11.57
C ARG F 453 -15.11 -26.09 -12.61
N LEU F 454 -15.88 -26.01 -13.69
CA LEU F 454 -15.57 -26.79 -14.89
C LEU F 454 -14.44 -26.17 -15.67
N ILE F 455 -14.27 -24.85 -15.59
CA ILE F 455 -13.14 -24.13 -16.17
C ILE F 455 -12.64 -23.15 -15.12
N ILE F 456 -11.39 -22.73 -15.28
CA ILE F 456 -10.82 -21.65 -14.49
C ILE F 456 -10.85 -20.40 -15.34
N SER F 457 -11.35 -19.30 -14.78
CA SER F 457 -11.50 -18.08 -15.57
C SER F 457 -11.37 -16.88 -14.65
N GLU F 458 -10.99 -15.75 -15.23
CA GLU F 458 -10.75 -14.53 -14.49
C GLU F 458 -12.07 -13.81 -14.20
N HIS F 459 -11.96 -12.70 -13.47
CA HIS F 459 -13.08 -11.77 -13.32
C HIS F 459 -13.47 -11.21 -14.69
N SER F 460 -14.77 -10.98 -14.86
CA SER F 460 -15.31 -10.68 -16.18
C SER F 460 -15.09 -9.25 -16.64
N ARG F 461 -14.48 -8.40 -15.80
CA ARG F 461 -14.31 -6.99 -16.13
C ARG F 461 -13.37 -6.76 -17.32
N ASN F 462 -12.47 -7.69 -17.60
CA ASN F 462 -11.60 -7.61 -18.77
C ASN F 462 -12.03 -8.63 -19.81
N ASP F 463 -13.18 -8.34 -20.43
CA ASP F 463 -13.75 -9.20 -21.44
C ASP F 463 -12.90 -9.24 -22.71
N LEU F 464 -13.00 -10.36 -23.43
CA LEU F 464 -12.28 -10.73 -24.66
C LEU F 464 -10.79 -10.97 -24.47
N PHE F 465 -10.21 -10.48 -23.38
CA PHE F 465 -8.82 -10.73 -23.07
C PHE F 465 -8.63 -11.50 -21.78
N GLN F 466 -9.71 -11.95 -21.14
CA GLN F 466 -9.56 -12.80 -19.96
C GLN F 466 -9.11 -14.18 -20.38
N LYS F 467 -8.34 -14.81 -19.52
CA LYS F 467 -7.74 -16.11 -19.80
C LYS F 467 -8.62 -17.22 -19.24
N ILE F 468 -8.76 -18.30 -20.00
CA ILE F 468 -9.69 -19.38 -19.69
C ILE F 468 -8.89 -20.68 -19.69
N LEU F 469 -8.48 -21.13 -18.51
CA LEU F 469 -7.97 -22.48 -18.37
C LEU F 469 -9.12 -23.48 -18.40
N LEU F 470 -8.86 -24.65 -18.98
CA LEU F 470 -9.79 -25.76 -18.91
C LEU F 470 -9.45 -26.59 -17.67
N ASN F 471 -10.41 -26.73 -16.76
CA ASN F 471 -10.18 -27.49 -15.54
C ASN F 471 -10.46 -28.97 -15.71
N VAL F 472 -11.49 -29.32 -16.46
CA VAL F 472 -11.76 -30.72 -16.78
C VAL F 472 -10.80 -31.16 -17.89
N SER F 473 -10.48 -32.45 -17.92
CA SER F 473 -9.62 -32.98 -18.96
C SER F 473 -10.34 -32.96 -20.31
N ALA F 474 -9.55 -32.83 -21.39
CA ALA F 474 -10.11 -32.65 -22.73
C ALA F 474 -10.85 -33.88 -23.22
N ASP F 475 -10.40 -35.09 -22.84
CA ASP F 475 -11.09 -36.30 -23.26
C ASP F 475 -12.39 -36.53 -22.50
N ASP F 476 -12.56 -35.96 -21.31
CA ASP F 476 -13.81 -36.08 -20.58
C ASP F 476 -14.94 -35.34 -21.28
N ILE F 477 -14.64 -34.25 -22.00
CA ILE F 477 -15.67 -33.51 -22.71
C ILE F 477 -16.20 -34.32 -23.88
N HIS F 478 -15.30 -34.95 -24.65
CA HIS F 478 -15.74 -35.80 -25.75
C HIS F 478 -16.43 -37.06 -25.25
N TYR F 479 -16.00 -37.60 -24.10
CA TYR F 479 -16.71 -38.72 -23.50
C TYR F 479 -18.11 -38.34 -23.03
N ALA F 480 -18.29 -37.09 -22.61
CA ALA F 480 -19.61 -36.66 -22.17
C ALA F 480 -20.53 -36.35 -23.34
N LEU F 481 -20.00 -35.70 -24.37
CA LEU F 481 -20.81 -35.22 -25.48
C LEU F 481 -20.86 -36.16 -26.67
N ARG F 482 -20.19 -37.31 -26.60
CA ARG F 482 -20.36 -38.36 -27.60
C ARG F 482 -21.09 -39.55 -26.99
N VAL F 483 -20.45 -40.30 -26.11
CA VAL F 483 -21.08 -41.45 -25.48
C VAL F 483 -21.96 -41.00 -24.33
N ARG G 11 16.87 -50.00 38.11
CA ARG G 11 17.14 -51.34 38.64
C ARG G 11 18.47 -51.87 38.17
N ASN G 12 18.47 -52.57 37.03
CA ASN G 12 19.67 -53.22 36.52
C ASN G 12 20.56 -52.21 35.80
N LYS G 13 21.68 -52.73 35.27
CA LYS G 13 22.68 -51.89 34.61
C LYS G 13 22.13 -51.25 33.34
N TYR G 14 21.17 -51.88 32.68
CA TYR G 14 20.58 -51.32 31.48
C TYR G 14 19.81 -50.03 31.78
N GLN G 15 18.91 -50.09 32.75
CA GLN G 15 18.18 -48.90 33.17
C GLN G 15 19.08 -47.88 33.85
N ASN G 16 20.17 -48.34 34.49
CA ASN G 16 21.12 -47.41 35.10
C ASN G 16 21.86 -46.60 34.03
N ALA G 17 22.34 -47.27 32.98
CA ALA G 17 23.01 -46.56 31.89
C ALA G 17 22.04 -45.67 31.13
N ARG G 18 20.79 -46.13 30.95
CA ARG G 18 19.79 -45.33 30.26
C ARG G 18 19.42 -44.09 31.05
N ARG G 19 19.44 -44.18 32.38
CA ARG G 19 19.22 -42.99 33.20
C ARG G 19 20.42 -42.06 33.17
N VAL G 20 21.64 -42.61 33.25
CA VAL G 20 22.82 -41.76 33.40
C VAL G 20 23.24 -41.10 32.09
N LEU G 21 22.82 -41.62 30.92
CA LEU G 21 23.14 -40.93 29.68
C LEU G 21 22.35 -39.63 29.54
N ASN G 22 21.16 -39.58 30.15
CA ASN G 22 20.53 -38.37 30.67
C ASN G 22 20.22 -37.28 29.63
N SER G 23 21.28 -36.70 29.05
CA SER G 23 21.23 -35.50 28.20
C SER G 23 20.60 -34.30 28.90
N ALA G 24 20.90 -34.13 30.18
CA ALA G 24 20.46 -32.96 30.93
C ALA G 24 21.65 -32.15 31.40
N GLU G 25 21.45 -31.29 32.39
CA GLU G 25 22.55 -30.50 32.93
C GLU G 25 23.56 -31.37 33.65
N THR G 26 24.84 -31.00 33.57
CA THR G 26 25.92 -31.73 34.18
C THR G 26 26.89 -30.76 34.85
N GLN G 27 27.67 -31.29 35.79
CA GLN G 27 28.71 -30.54 36.46
C GLN G 27 30.07 -30.72 35.80
N ASN G 28 30.45 -31.95 35.49
CA ASN G 28 31.72 -32.21 34.82
C ASN G 28 31.58 -32.13 33.31
N LEU G 29 32.54 -31.47 32.66
CA LEU G 29 32.56 -31.27 31.21
C LEU G 29 33.93 -31.64 30.68
N PRO G 30 34.21 -32.94 30.50
CA PRO G 30 35.53 -33.38 30.01
C PRO G 30 35.96 -32.82 28.67
N GLY G 31 35.03 -32.58 27.74
CA GLY G 31 35.43 -32.15 26.42
C GLY G 31 35.82 -30.69 26.32
N ARG G 32 35.26 -29.85 27.17
CA ARG G 32 35.48 -28.42 27.15
C ARG G 32 36.35 -28.03 28.34
N GLU G 33 37.67 -28.04 28.14
CA GLU G 33 38.61 -27.66 29.17
C GLU G 33 39.42 -26.43 28.81
N SER G 34 39.97 -26.39 27.60
CA SER G 34 40.63 -25.17 27.13
C SER G 34 39.63 -24.03 26.91
N GLN G 35 38.40 -24.35 26.50
CA GLN G 35 37.37 -23.31 26.39
C GLN G 35 36.98 -22.77 27.76
N LEU G 36 36.89 -23.63 28.77
CA LEU G 36 36.58 -23.17 30.11
C LEU G 36 37.72 -22.35 30.70
N GLN G 37 38.97 -22.75 30.41
CA GLN G 37 40.11 -21.97 30.90
C GLN G 37 40.19 -20.62 30.21
N GLU G 38 39.84 -20.55 28.93
CA GLU G 38 39.86 -19.26 28.23
C GLU G 38 38.76 -18.34 28.71
N LEU G 39 37.57 -18.90 28.99
CA LEU G 39 36.48 -18.08 29.53
C LEU G 39 36.77 -17.61 30.94
N ARG G 40 37.40 -18.46 31.76
CA ARG G 40 37.80 -18.05 33.11
C ARG G 40 38.87 -16.98 33.07
N GLU G 41 39.82 -17.07 32.12
CA GLU G 41 40.83 -16.05 31.99
C GLU G 41 40.25 -14.72 31.50
N PHE G 42 39.22 -14.78 30.65
CA PHE G 42 38.55 -13.56 30.21
C PHE G 42 37.83 -12.88 31.37
N PHE G 43 37.05 -13.66 32.14
CA PHE G 43 36.34 -13.11 33.29
C PHE G 43 37.31 -12.59 34.36
N SER G 44 38.44 -13.29 34.54
CA SER G 44 39.37 -12.91 35.59
C SER G 44 40.15 -11.65 35.23
N ASN G 45 40.67 -11.56 34.00
CA ASN G 45 41.36 -10.35 33.59
C ASN G 45 40.44 -9.14 33.50
N HIS G 46 39.17 -9.35 33.12
CA HIS G 46 38.27 -8.21 33.13
C HIS G 46 37.70 -7.90 34.50
N LEU G 47 37.88 -8.79 35.49
CA LEU G 47 37.61 -8.41 36.87
C LEU G 47 38.77 -7.65 37.47
N GLU G 48 40.01 -8.14 37.25
CA GLU G 48 41.18 -7.50 37.83
C GLU G 48 41.46 -6.14 37.21
N SER G 49 41.17 -5.97 35.92
CA SER G 49 41.33 -4.66 35.31
C SER G 49 40.16 -3.74 35.58
N GLN G 50 39.03 -4.29 36.06
CA GLN G 50 37.78 -3.56 36.32
C GLN G 50 37.29 -2.78 35.11
N THR G 51 37.45 -3.38 33.93
CA THR G 51 37.01 -2.76 32.69
C THR G 51 35.94 -3.62 32.04
N SER G 52 35.12 -2.97 31.23
CA SER G 52 34.04 -3.65 30.53
C SER G 52 34.58 -4.48 29.37
N GLY G 53 33.83 -5.52 29.00
CA GLY G 53 34.27 -6.36 27.91
C GLY G 53 33.21 -7.27 27.34
N SER G 54 32.76 -6.98 26.12
CA SER G 54 31.79 -7.81 25.43
C SER G 54 32.43 -9.08 24.90
N LEU G 55 31.63 -10.12 24.73
CA LEU G 55 32.09 -11.42 24.25
C LEU G 55 30.96 -12.09 23.49
N TYR G 56 31.31 -12.80 22.44
CA TYR G 56 30.35 -13.52 21.61
C TYR G 56 30.83 -14.95 21.44
N VAL G 57 30.16 -15.89 22.10
CA VAL G 57 30.45 -17.31 21.93
C VAL G 57 29.46 -17.90 20.94
N SER G 58 29.96 -18.81 20.11
CA SER G 58 29.15 -19.32 19.02
C SER G 58 29.53 -20.76 18.76
N GLY G 59 28.70 -21.42 17.97
CA GLY G 59 29.03 -22.75 17.50
C GLY G 59 27.79 -23.57 17.24
N GLN G 60 28.02 -24.75 16.66
CA GLN G 60 26.94 -25.63 16.24
C GLN G 60 26.14 -26.11 17.45
N PRO G 61 24.83 -26.36 17.30
CA PRO G 61 24.02 -26.80 18.44
C PRO G 61 24.48 -28.14 18.98
N GLY G 62 24.40 -28.29 20.30
CA GLY G 62 24.84 -29.49 20.97
C GLY G 62 26.30 -29.52 21.35
N THR G 63 27.09 -28.50 21.01
CA THR G 63 28.51 -28.54 21.32
C THR G 63 28.83 -28.13 22.76
N GLY G 64 27.88 -27.60 23.50
CA GLY G 64 28.05 -27.36 24.91
C GLY G 64 28.40 -25.96 25.33
N LYS G 65 27.86 -24.94 24.67
CA LYS G 65 28.14 -23.56 25.08
C LYS G 65 27.38 -23.20 26.37
N THR G 66 26.09 -23.51 26.40
CA THR G 66 25.27 -23.23 27.58
C THR G 66 25.70 -24.06 28.78
N ALA G 67 26.24 -25.26 28.55
CA ALA G 67 26.75 -26.05 29.66
C ALA G 67 27.99 -25.40 30.28
N CYS G 68 28.85 -24.80 29.45
CA CYS G 68 30.03 -24.11 29.98
C CYS G 68 29.64 -22.84 30.73
N LEU G 69 28.71 -22.07 30.17
CA LEU G 69 28.35 -20.84 30.86
C LEU G 69 27.46 -21.08 32.08
N SER G 70 26.64 -22.13 32.07
CA SER G 70 25.95 -22.54 33.29
C SER G 70 26.92 -23.08 34.33
N LEU G 71 28.03 -23.69 33.91
CA LEU G 71 29.04 -24.09 34.87
C LEU G 71 29.77 -22.89 35.46
N LEU G 72 29.99 -21.85 34.66
CA LEU G 72 30.71 -20.68 35.12
C LEU G 72 29.84 -19.66 35.84
N LEU G 73 28.52 -19.76 35.75
CA LEU G 73 27.63 -18.93 36.56
C LEU G 73 27.29 -19.57 37.90
N ARG G 74 27.93 -20.69 38.25
CA ARG G 74 27.78 -21.30 39.56
C ARG G 74 29.09 -21.35 40.35
N ASP G 75 30.14 -20.68 39.88
CA ASP G 75 31.40 -20.63 40.62
C ASP G 75 31.27 -19.79 41.88
N PRO G 76 31.68 -20.29 43.05
CA PRO G 76 31.63 -19.46 44.27
C PRO G 76 32.46 -18.19 44.23
N ASP G 77 33.62 -18.20 43.56
CA ASP G 77 34.47 -17.01 43.55
C ASP G 77 33.89 -15.94 42.64
N PHE G 78 33.34 -16.33 41.49
CA PHE G 78 32.62 -15.37 40.67
C PHE G 78 31.30 -14.97 41.32
N SER G 79 30.74 -15.82 42.17
CA SER G 79 29.60 -15.41 42.99
C SER G 79 29.99 -14.32 43.98
N LYS G 80 31.23 -14.36 44.47
CA LYS G 80 31.70 -13.30 45.36
C LYS G 80 32.01 -12.02 44.58
N ARG G 81 32.60 -12.14 43.39
CA ARG G 81 33.17 -10.97 42.73
C ARG G 81 32.20 -10.25 41.79
N LEU G 82 31.27 -10.94 41.13
CA LEU G 82 30.43 -10.28 40.14
C LEU G 82 28.99 -10.76 40.21
N GLN G 83 28.10 -9.93 39.70
CA GLN G 83 26.64 -10.15 39.77
C GLN G 83 26.19 -10.88 38.51
N ARG G 84 26.00 -12.18 38.61
CA ARG G 84 25.60 -13.00 37.47
C ARG G 84 24.14 -12.73 37.10
N VAL G 85 23.86 -12.69 35.79
CA VAL G 85 22.51 -12.63 35.24
C VAL G 85 22.47 -13.55 34.03
N TYR G 86 21.48 -14.44 33.98
CA TYR G 86 21.27 -15.30 32.82
C TYR G 86 19.89 -15.01 32.25
N ILE G 87 19.84 -14.65 30.98
CA ILE G 87 18.59 -14.39 30.27
C ILE G 87 18.56 -15.25 29.03
N ASN G 88 17.58 -16.13 28.93
CA ASN G 88 17.33 -16.85 27.69
C ASN G 88 16.44 -15.98 26.82
N CYS G 89 16.94 -15.63 25.64
CA CYS G 89 16.31 -14.62 24.80
C CYS G 89 15.11 -15.13 24.02
N THR G 90 14.87 -16.45 24.01
CA THR G 90 13.63 -16.96 23.45
C THR G 90 12.45 -16.67 24.39
N SER G 91 12.71 -16.57 25.69
CA SER G 91 11.67 -16.52 26.70
C SER G 91 10.94 -15.18 26.73
N ILE G 92 11.51 -14.13 26.15
CA ILE G 92 10.88 -12.82 26.17
C ILE G 92 9.70 -12.79 25.19
N ALA G 93 8.72 -11.95 25.52
CA ALA G 93 7.54 -11.81 24.66
C ALA G 93 7.87 -11.13 23.34
N SER G 94 8.86 -10.24 23.33
CA SER G 94 9.20 -9.48 22.14
C SER G 94 10.65 -9.02 22.27
N VAL G 95 11.23 -8.61 21.13
CA VAL G 95 12.63 -8.20 21.09
C VAL G 95 12.86 -6.94 21.92
N GLY G 96 11.88 -6.04 21.96
CA GLY G 96 12.03 -4.85 22.77
C GLY G 96 11.70 -5.03 24.23
N ALA G 97 11.14 -6.17 24.61
CA ALA G 97 10.73 -6.40 25.99
C ALA G 97 11.87 -6.87 26.87
N VAL G 98 13.05 -7.17 26.30
CA VAL G 98 14.13 -7.81 27.04
C VAL G 98 14.66 -6.92 28.15
N TYR G 99 14.60 -5.59 27.96
CA TYR G 99 15.01 -4.65 29.00
C TYR G 99 14.15 -4.81 30.24
N LYS G 100 12.85 -5.02 30.04
CA LYS G 100 11.94 -5.23 31.16
C LYS G 100 12.31 -6.50 31.92
N LYS G 101 12.68 -7.56 31.19
CA LYS G 101 13.09 -8.79 31.84
C LYS G 101 14.38 -8.59 32.59
N LEU G 102 15.29 -7.76 32.03
CA LEU G 102 16.54 -7.47 32.71
C LEU G 102 16.30 -6.70 33.99
N CYS G 103 15.26 -5.85 34.02
CA CYS G 103 14.93 -5.15 35.24
C CYS G 103 14.44 -6.11 36.31
N THR G 104 13.68 -7.13 35.90
CA THR G 104 13.27 -8.14 36.86
C THR G 104 14.42 -9.03 37.29
N GLU G 105 15.50 -9.09 36.51
CA GLU G 105 16.65 -9.83 36.99
C GLU G 105 17.55 -8.99 37.89
N LEU G 106 17.31 -7.67 37.98
CA LEU G 106 18.14 -6.83 38.81
C LEU G 106 17.37 -6.14 39.93
N GLN G 107 16.05 -6.34 40.00
CA GLN G 107 15.15 -5.71 40.97
C GLN G 107 15.26 -4.19 40.96
N LEU G 108 15.48 -3.62 39.78
CA LEU G 108 15.50 -2.17 39.63
C LEU G 108 14.09 -1.60 39.78
N LYS G 109 13.98 -0.46 40.44
CA LYS G 109 12.71 0.26 40.45
C LYS G 109 12.57 1.04 39.14
N VAL G 110 11.38 0.96 38.55
CA VAL G 110 11.10 1.61 37.26
C VAL G 110 9.78 2.35 37.42
N SER G 111 9.70 3.56 36.84
CA SER G 111 8.42 4.26 36.79
C SER G 111 7.38 3.52 35.95
N GLY G 112 7.84 2.77 34.95
CA GLY G 112 7.07 1.67 34.42
C GLY G 112 6.30 1.94 33.14
N ARG G 113 5.91 0.82 32.52
CA ARG G 113 4.92 0.74 31.45
C ARG G 113 5.34 1.46 30.18
N THR G 114 6.66 1.55 29.95
CA THR G 114 7.23 1.86 28.64
C THR G 114 8.65 1.31 28.62
N GLU G 115 9.08 0.79 27.47
CA GLU G 115 10.40 0.19 27.36
C GLU G 115 11.52 1.22 27.45
N ARG G 116 11.23 2.48 27.11
CA ARG G 116 12.24 3.53 27.18
C ARG G 116 12.65 3.82 28.63
N ASP G 117 11.67 3.86 29.54
CA ASP G 117 12.03 4.09 30.94
C ASP G 117 12.73 2.89 31.56
N HIS G 118 12.43 1.67 31.08
CA HIS G 118 13.19 0.51 31.52
C HIS G 118 14.63 0.58 31.04
N LEU G 119 14.84 1.07 29.82
CA LEU G 119 16.20 1.25 29.30
C LEU G 119 16.95 2.32 30.09
N GLU G 120 16.27 3.42 30.43
CA GLU G 120 16.90 4.46 31.25
C GLU G 120 17.20 3.96 32.66
N ALA G 121 16.36 3.09 33.22
CA ALA G 121 16.64 2.54 34.54
C ALA G 121 17.83 1.59 34.50
N ILE G 122 17.97 0.81 33.41
CA ILE G 122 19.12 -0.06 33.27
C ILE G 122 20.41 0.74 33.10
N GLN G 123 20.35 1.84 32.33
CA GLN G 123 21.53 2.67 32.17
C GLN G 123 21.89 3.41 33.45
N ARG G 124 20.88 3.83 34.22
CA ARG G 124 21.14 4.45 35.51
C ARG G 124 21.71 3.46 36.53
N HIS G 125 21.34 2.18 36.42
CA HIS G 125 21.98 1.18 37.27
C HIS G 125 23.41 0.91 36.83
N LEU G 126 23.64 0.87 35.52
CA LEU G 126 24.98 0.57 35.01
C LEU G 126 25.97 1.70 35.29
N LYS G 127 25.49 2.94 35.37
CA LYS G 127 26.39 4.07 35.63
C LYS G 127 26.94 4.08 37.05
N THR G 128 26.25 3.45 38.01
CA THR G 128 26.66 3.55 39.41
C THR G 128 26.57 2.20 40.13
N ALA G 129 26.76 1.10 39.39
CA ALA G 129 26.71 -0.23 39.98
C ALA G 129 27.90 -0.46 40.91
N LYS G 130 27.63 -1.12 42.04
CA LYS G 130 28.68 -1.45 43.01
C LYS G 130 29.48 -2.68 42.63
N ARG G 131 28.90 -3.62 41.88
CA ARG G 131 29.57 -4.84 41.49
C ARG G 131 29.56 -4.98 39.97
N MET G 132 30.54 -5.72 39.47
CA MET G 132 30.60 -6.02 38.04
C MET G 132 29.44 -6.92 37.65
N LEU G 133 28.88 -6.68 36.46
CA LEU G 133 27.71 -7.40 35.99
C LEU G 133 28.10 -8.33 34.84
N LEU G 134 27.68 -9.59 34.94
CA LEU G 134 27.87 -10.58 33.88
C LEU G 134 26.51 -10.92 33.31
N LEU G 135 26.21 -10.38 32.14
CA LEU G 135 24.91 -10.57 31.49
C LEU G 135 25.08 -11.59 30.37
N VAL G 136 24.64 -12.81 30.60
CA VAL G 136 24.65 -13.85 29.58
C VAL G 136 23.31 -13.83 28.86
N LEU G 137 23.33 -13.58 27.56
CA LEU G 137 22.13 -13.59 26.72
C LEU G 137 22.17 -14.84 25.86
N ASP G 138 21.59 -15.92 26.35
CA ASP G 138 21.57 -17.17 25.59
C ASP G 138 20.61 -17.05 24.41
N GLU G 139 20.99 -17.66 23.29
CA GLU G 139 20.27 -17.63 22.02
C GLU G 139 19.98 -16.20 21.57
N ILE G 140 21.07 -15.48 21.24
CA ILE G 140 20.97 -14.07 20.90
C ILE G 140 20.50 -13.85 19.47
N ASP G 141 20.39 -14.91 18.66
CA ASP G 141 19.87 -14.79 17.31
C ASP G 141 18.40 -14.37 17.28
N GLN G 142 17.65 -14.62 18.37
CA GLN G 142 16.26 -14.18 18.44
C GLN G 142 16.13 -12.67 18.58
N LEU G 143 17.19 -11.99 19.02
CA LEU G 143 17.17 -10.54 19.18
C LEU G 143 17.40 -9.79 17.87
N CYS G 144 17.78 -10.47 16.80
CA CYS G 144 17.97 -9.79 15.53
C CYS G 144 16.63 -9.47 14.89
N THR G 145 16.50 -8.23 14.40
CA THR G 145 15.30 -7.79 13.69
C THR G 145 15.73 -7.25 12.33
N SER G 146 15.38 -5.99 12.08
CA SER G 146 15.83 -5.33 10.85
C SER G 146 16.67 -4.11 11.17
N ARG G 147 16.07 -3.12 11.84
CA ARG G 147 16.85 -1.97 12.31
C ARG G 147 17.84 -2.37 13.39
N GLN G 148 17.49 -3.40 14.18
CA GLN G 148 18.33 -3.98 15.24
C GLN G 148 18.73 -2.93 16.29
N GLU G 149 17.76 -2.13 16.71
CA GLU G 149 18.03 -1.13 17.75
C GLU G 149 18.36 -1.78 19.08
N VAL G 150 17.76 -2.94 19.36
CA VAL G 150 17.92 -3.58 20.67
C VAL G 150 19.30 -4.21 20.81
N LEU G 151 19.76 -4.91 19.77
CA LEU G 151 21.07 -5.57 19.85
C LEU G 151 22.21 -4.57 19.88
N TYR G 152 22.10 -3.49 19.11
CA TYR G 152 23.12 -2.45 19.16
C TYR G 152 23.09 -1.69 20.48
N THR G 153 21.88 -1.47 21.04
CA THR G 153 21.77 -0.85 22.36
C THR G 153 22.37 -1.72 23.45
N ILE G 154 22.25 -3.03 23.32
CA ILE G 154 22.83 -3.93 24.32
C ILE G 154 24.34 -3.97 24.19
N PHE G 155 24.85 -4.09 22.97
CA PHE G 155 26.30 -4.17 22.79
C PHE G 155 27.01 -2.82 22.93
N GLU G 156 26.27 -1.71 22.95
CA GLU G 156 26.86 -0.42 23.24
C GLU G 156 27.08 -0.18 24.74
N TRP G 157 26.47 -1.00 25.59
CA TRP G 157 26.64 -0.87 27.04
C TRP G 157 28.08 -0.98 27.55
N PRO G 158 28.95 -1.91 27.10
CA PRO G 158 30.35 -1.86 27.56
C PRO G 158 31.09 -0.57 27.24
N ALA G 159 30.76 0.10 26.14
CA ALA G 159 31.42 1.36 25.78
C ALA G 159 30.82 2.57 26.50
N LEU G 160 29.78 2.38 27.28
CA LEU G 160 29.16 3.47 28.03
C LEU G 160 30.14 3.99 29.09
N PRO G 161 30.19 5.31 29.34
CA PRO G 161 31.15 5.85 30.32
C PRO G 161 30.86 5.45 31.76
N GLY G 162 31.77 4.67 32.34
CA GLY G 162 31.66 4.21 33.70
C GLY G 162 30.86 2.93 33.90
N SER G 163 30.25 2.40 32.85
CA SER G 163 29.54 1.13 32.96
C SER G 163 30.53 -0.01 33.13
N ARG G 164 30.15 -0.98 33.98
CA ARG G 164 31.03 -2.10 34.30
C ARG G 164 30.46 -3.43 33.84
N ILE G 165 29.45 -3.42 32.97
CA ILE G 165 28.88 -4.64 32.41
C ILE G 165 29.92 -5.36 31.55
N LEU G 166 29.96 -6.69 31.66
CA LEU G 166 30.66 -7.52 30.70
C LEU G 166 29.69 -8.61 30.27
N LEU G 167 29.33 -8.62 28.99
CA LEU G 167 28.21 -9.41 28.51
C LEU G 167 28.69 -10.48 27.54
N VAL G 168 28.03 -11.64 27.61
CA VAL G 168 28.32 -12.78 26.74
C VAL G 168 27.07 -13.07 25.93
N GLY G 169 27.23 -13.23 24.61
CA GLY G 169 26.14 -13.58 23.73
C GLY G 169 26.39 -14.93 23.07
N ILE G 170 25.49 -15.86 23.30
CA ILE G 170 25.61 -17.23 22.80
C ILE G 170 24.79 -17.34 21.53
N ALA G 171 25.38 -17.92 20.48
CA ALA G 171 24.62 -18.10 19.25
C ALA G 171 25.18 -19.26 18.43
N ASN G 172 24.33 -19.75 17.53
CA ASN G 172 24.70 -20.85 16.65
C ASN G 172 25.45 -20.40 15.41
N SER G 173 25.46 -19.11 15.09
CA SER G 173 25.98 -18.62 13.82
C SER G 173 27.44 -18.22 14.00
N LEU G 174 28.28 -18.65 13.07
CA LEU G 174 29.70 -18.28 13.10
C LEU G 174 29.91 -16.80 12.81
N ASP G 175 29.02 -16.19 12.04
CA ASP G 175 29.23 -14.83 11.58
C ASP G 175 28.05 -13.92 11.90
N LEU G 176 27.31 -14.22 12.97
CA LEU G 176 26.22 -13.34 13.37
C LEU G 176 26.73 -11.99 13.84
N THR G 177 27.93 -11.97 14.43
CA THR G 177 28.49 -10.72 14.91
C THR G 177 28.84 -9.77 13.77
N ASP G 178 29.54 -10.25 12.73
CA ASP G 178 29.90 -9.38 11.62
C ASP G 178 28.69 -9.04 10.77
N ARG G 179 27.99 -10.05 10.27
CA ARG G 179 26.89 -9.85 9.35
C ARG G 179 25.70 -9.13 10.01
N ALA G 180 25.48 -9.36 11.29
CA ALA G 180 24.37 -8.71 11.98
C ALA G 180 24.78 -7.46 12.74
N LEU G 181 26.08 -7.18 12.87
CA LEU G 181 26.54 -6.02 13.62
C LEU G 181 27.81 -5.47 12.95
N MET G 182 27.70 -5.15 11.65
CA MET G 182 28.78 -4.46 10.94
C MET G 182 29.16 -3.13 11.57
N ARG G 183 28.22 -2.45 12.21
CA ARG G 183 28.50 -1.12 12.75
C ARG G 183 29.44 -1.14 13.95
N LEU G 184 29.55 -2.27 14.65
CA LEU G 184 30.48 -2.36 15.76
C LEU G 184 31.92 -2.53 15.32
N ASN G 185 32.16 -2.89 14.06
CA ASN G 185 33.53 -3.04 13.56
C ASN G 185 34.26 -1.71 13.44
N ALA G 186 33.54 -0.60 13.31
CA ALA G 186 34.17 0.70 13.14
C ALA G 186 34.90 1.17 14.39
N ARG G 187 34.48 0.69 15.57
CA ARG G 187 35.06 1.11 16.84
C ARG G 187 35.54 -0.14 17.58
N CYS G 188 36.86 -0.24 17.75
CA CYS G 188 37.48 -1.44 18.30
C CYS G 188 37.15 -1.66 19.77
N GLU G 189 36.77 -0.61 20.50
CA GLU G 189 36.30 -0.79 21.86
C GLU G 189 34.94 -1.47 21.93
N LEU G 190 34.18 -1.44 20.85
CA LEU G 190 32.81 -1.94 20.85
C LEU G 190 32.65 -3.38 20.39
N LYS G 191 33.51 -3.86 19.48
CA LYS G 191 33.25 -5.17 18.88
C LYS G 191 33.57 -6.30 19.86
N PRO G 192 32.71 -7.31 19.95
CA PRO G 192 32.95 -8.43 20.86
C PRO G 192 34.18 -9.26 20.51
N ARG G 193 34.84 -9.76 21.54
CA ARG G 193 35.80 -10.83 21.37
C ARG G 193 35.06 -12.10 20.99
N LEU G 194 35.58 -12.83 20.00
CA LEU G 194 34.88 -13.97 19.44
C LEU G 194 35.44 -15.27 20.00
N MET G 195 34.54 -16.22 20.30
CA MET G 195 34.96 -17.55 20.73
C MET G 195 34.07 -18.59 20.06
N HIS G 196 34.66 -19.35 19.15
CA HIS G 196 33.99 -20.50 18.59
C HIS G 196 34.06 -21.68 19.55
N PHE G 197 33.07 -22.57 19.43
CA PHE G 197 33.09 -23.87 20.11
C PHE G 197 33.10 -24.92 19.01
N PRO G 198 34.25 -25.52 18.71
CA PRO G 198 34.32 -26.46 17.61
C PRO G 198 33.52 -27.72 17.89
N PRO G 199 32.98 -28.37 16.85
CA PRO G 199 32.27 -29.63 17.04
C PRO G 199 33.17 -30.72 17.60
N TYR G 200 32.58 -31.60 18.41
CA TYR G 200 33.32 -32.63 19.11
C TYR G 200 33.95 -33.62 18.15
N SER G 201 35.18 -34.03 18.48
CA SER G 201 35.89 -35.05 17.74
C SER G 201 35.40 -36.44 18.18
N LYS G 202 36.00 -37.48 17.61
CA LYS G 202 35.62 -38.84 17.99
C LYS G 202 36.05 -39.16 19.41
N GLN G 203 37.30 -38.86 19.75
CA GLN G 203 37.82 -39.20 21.07
C GLN G 203 37.17 -38.37 22.17
N GLN G 204 36.73 -37.15 21.86
CA GLN G 204 36.02 -36.36 22.87
C GLN G 204 34.65 -36.96 23.19
N ILE G 205 33.96 -37.50 22.18
CA ILE G 205 32.70 -38.18 22.44
C ILE G 205 32.93 -39.48 23.20
N VAL G 206 34.04 -40.17 22.93
CA VAL G 206 34.39 -41.38 23.70
C VAL G 206 34.68 -41.00 25.15
N GLU G 207 35.36 -39.87 25.38
CA GLU G 207 35.64 -39.44 26.75
C GLU G 207 34.39 -38.99 27.48
N ILE G 208 33.42 -38.39 26.76
CA ILE G 208 32.16 -38.02 27.39
C ILE G 208 31.36 -39.26 27.77
N PHE G 209 31.37 -40.28 26.91
CA PHE G 209 30.69 -41.53 27.23
C PHE G 209 31.37 -42.26 28.39
N LYS G 210 32.70 -42.24 28.43
CA LYS G 210 33.43 -42.89 29.51
C LYS G 210 33.39 -42.09 30.80
N SER G 211 33.02 -40.82 30.74
CA SER G 211 32.73 -40.09 31.97
C SER G 211 31.34 -40.43 32.48
N ARG G 212 30.33 -40.38 31.60
CA ARG G 212 28.95 -40.59 32.03
C ARG G 212 28.70 -42.03 32.48
N LEU G 213 29.36 -43.01 31.86
CA LEU G 213 29.15 -44.39 32.28
C LEU G 213 29.98 -44.75 33.50
N ALA G 214 30.99 -43.95 33.85
CA ALA G 214 31.75 -44.20 35.07
C ALA G 214 31.27 -43.38 36.26
N GLU G 215 30.44 -42.35 36.04
CA GLU G 215 29.79 -41.69 37.18
C GLU G 215 28.80 -42.62 37.87
N ALA G 216 28.20 -43.54 37.14
CA ALA G 216 27.29 -44.53 37.71
C ALA G 216 27.88 -45.93 37.75
N GLU G 217 29.16 -46.08 37.36
CA GLU G 217 29.87 -47.36 37.28
C GLU G 217 29.16 -48.39 36.41
N VAL G 218 28.63 -47.93 35.27
CA VAL G 218 28.03 -48.84 34.30
C VAL G 218 28.92 -48.80 33.06
N LEU G 219 30.23 -48.85 33.27
CA LEU G 219 31.16 -48.81 32.14
C LEU G 219 31.13 -50.11 31.33
N ASP G 220 30.77 -51.22 31.95
CA ASP G 220 30.94 -52.54 31.35
C ASP G 220 29.88 -52.88 30.31
N VAL G 221 28.76 -52.14 30.27
CA VAL G 221 27.71 -52.44 29.30
C VAL G 221 28.13 -52.00 27.90
N PHE G 222 29.10 -51.10 27.79
CA PHE G 222 29.62 -50.66 26.50
C PHE G 222 31.08 -51.08 26.37
N PRO G 223 31.38 -52.08 25.54
CA PRO G 223 32.78 -52.33 25.18
C PRO G 223 33.35 -51.17 24.39
N PRO G 224 34.65 -50.90 24.52
CA PRO G 224 35.28 -49.75 23.82
C PRO G 224 35.17 -49.78 22.31
N VAL G 225 35.14 -50.97 21.70
CA VAL G 225 35.04 -51.08 20.24
C VAL G 225 33.72 -50.49 19.73
N THR G 226 32.63 -50.74 20.44
CA THR G 226 31.37 -50.23 19.91
C THR G 226 31.18 -48.76 20.26
N LEU G 227 31.81 -48.27 21.33
CA LEU G 227 31.86 -46.83 21.59
C LEU G 227 32.66 -46.11 20.51
N GLN G 228 33.74 -46.73 20.05
CA GLN G 228 34.54 -46.13 19.00
C GLN G 228 33.94 -46.35 17.62
N LEU G 229 32.92 -47.19 17.50
CA LEU G 229 32.09 -47.17 16.29
C LEU G 229 31.07 -46.04 16.35
N LEU G 230 30.43 -45.86 17.51
CA LEU G 230 29.37 -44.88 17.67
C LEU G 230 29.90 -43.46 17.56
N ALA G 231 31.00 -43.16 18.25
CA ALA G 231 31.59 -41.83 18.15
C ALA G 231 32.15 -41.56 16.76
N ALA G 232 32.68 -42.59 16.08
CA ALA G 232 33.16 -42.42 14.72
C ALA G 232 32.04 -42.09 13.76
N LYS G 233 30.84 -42.60 14.02
CA LYS G 233 29.73 -42.18 13.16
C LYS G 233 29.25 -40.77 13.51
N VAL G 234 29.08 -40.48 14.81
CA VAL G 234 28.41 -39.25 15.21
C VAL G 234 29.30 -38.03 15.00
N SER G 235 30.59 -38.13 15.34
CA SER G 235 31.51 -37.01 15.11
C SER G 235 31.75 -36.75 13.64
N ALA G 236 31.62 -37.78 12.80
CA ALA G 236 31.72 -37.57 11.36
C ALA G 236 30.46 -36.93 10.79
N ILE G 237 29.29 -37.28 11.32
CA ILE G 237 28.05 -36.73 10.78
C ILE G 237 27.84 -35.30 11.24
N SER G 238 27.81 -35.06 12.55
CA SER G 238 27.42 -33.74 13.04
C SER G 238 28.34 -33.24 14.16
N GLY G 239 28.71 -34.14 15.06
CA GLY G 239 29.60 -33.78 16.15
C GLY G 239 28.92 -33.23 17.39
N ASP G 240 27.59 -33.07 17.38
CA ASP G 240 26.90 -32.70 18.60
C ASP G 240 26.83 -33.88 19.55
N VAL G 241 26.92 -33.60 20.85
CA VAL G 241 26.87 -34.65 21.85
C VAL G 241 25.44 -35.06 22.20
N ARG G 242 24.45 -34.27 21.79
CA ARG G 242 23.06 -34.64 22.05
C ARG G 242 22.63 -35.86 21.23
N ARG G 243 22.97 -35.89 19.94
CA ARG G 243 22.67 -37.07 19.13
C ARG G 243 23.52 -38.26 19.57
N ALA G 244 24.73 -38.02 20.06
CA ALA G 244 25.58 -39.11 20.54
C ALA G 244 24.99 -39.76 21.78
N LEU G 245 24.59 -38.94 22.76
CA LEU G 245 23.93 -39.47 23.95
C LEU G 245 22.56 -40.06 23.62
N ASP G 246 21.89 -39.56 22.58
CA ASP G 246 20.59 -40.10 22.21
C ASP G 246 20.74 -41.50 21.62
N ILE G 247 21.69 -41.70 20.71
CA ILE G 247 21.91 -43.04 20.17
C ILE G 247 22.49 -43.96 21.26
N GLY G 248 23.27 -43.42 22.19
CA GLY G 248 23.78 -44.25 23.27
C GLY G 248 22.70 -44.69 24.24
N ARG G 249 21.69 -43.83 24.47
CA ARG G 249 20.54 -44.23 25.26
C ARG G 249 19.64 -45.18 24.48
N ARG G 250 19.49 -44.94 23.18
CA ARG G 250 18.61 -45.76 22.35
C ARG G 250 19.13 -47.17 22.17
N VAL G 251 20.45 -47.36 22.19
CA VAL G 251 21.03 -48.69 22.10
C VAL G 251 20.62 -49.53 23.31
N VAL G 252 20.65 -48.92 24.49
CA VAL G 252 20.29 -49.64 25.70
C VAL G 252 18.79 -49.82 25.81
N GLU G 253 17.99 -48.84 25.38
CA GLU G 253 16.55 -49.03 25.49
C GLU G 253 15.99 -49.92 24.37
N ILE G 254 16.75 -50.17 23.31
CA ILE G 254 16.38 -51.21 22.36
C ILE G 254 16.86 -52.57 22.83
N ALA G 255 18.06 -52.63 23.44
CA ALA G 255 18.57 -53.89 23.96
C ALA G 255 17.74 -54.40 25.14
N GLU G 256 17.16 -53.50 25.93
CA GLU G 256 16.26 -53.95 26.99
C GLU G 256 14.97 -54.53 26.43
N GLN G 257 14.42 -53.91 25.37
CA GLN G 257 13.25 -54.45 24.71
C GLN G 257 13.54 -55.76 23.99
N GLN G 258 14.76 -55.93 23.50
CA GLN G 258 15.12 -57.09 22.69
C GLN G 258 15.52 -58.29 23.53
N LYS G 259 16.33 -58.08 24.57
CA LYS G 259 16.75 -59.18 25.43
C LYS G 259 15.66 -59.62 26.39
N ARG G 260 14.62 -58.83 26.58
CA ARG G 260 13.53 -59.18 27.48
C ARG G 260 12.18 -58.98 26.80
N LEU G 288 25.15 -59.86 32.93
CA LEU G 288 25.23 -58.67 32.08
C LEU G 288 25.71 -59.01 30.69
N LYS G 289 24.95 -58.57 29.69
CA LYS G 289 25.38 -58.70 28.30
C LYS G 289 25.86 -57.35 27.82
N PRO G 290 27.15 -57.18 27.52
CA PRO G 290 27.59 -55.99 26.80
C PRO G 290 26.96 -55.95 25.41
N VAL G 291 26.65 -54.74 24.95
CA VAL G 291 26.09 -54.59 23.62
C VAL G 291 27.15 -54.93 22.58
N GLN G 292 26.75 -55.64 21.54
CA GLN G 292 27.67 -55.96 20.46
C GLN G 292 27.63 -54.88 19.40
N VAL G 293 28.57 -54.97 18.46
CA VAL G 293 28.64 -54.01 17.36
C VAL G 293 27.44 -54.15 16.41
N THR G 294 26.76 -55.31 16.41
CA THR G 294 25.60 -55.51 15.55
C THR G 294 24.44 -54.60 15.93
N GLN G 295 24.24 -54.35 17.23
CA GLN G 295 23.12 -53.54 17.67
C GLN G 295 23.34 -52.06 17.35
N VAL G 296 24.55 -51.57 17.63
CA VAL G 296 24.88 -50.18 17.34
C VAL G 296 24.94 -49.95 15.83
N ALA G 297 25.43 -50.93 15.07
CA ALA G 297 25.42 -50.81 13.61
C ALA G 297 24.01 -50.83 13.05
N ALA G 298 23.10 -51.58 13.68
CA ALA G 298 21.72 -51.61 13.21
C ALA G 298 21.00 -50.31 13.51
N VAL G 299 21.17 -49.77 14.72
CA VAL G 299 20.51 -48.50 15.05
C VAL G 299 21.15 -47.34 14.28
N LEU G 300 22.43 -47.45 13.93
CA LEU G 300 23.06 -46.37 13.17
C LEU G 300 22.65 -46.41 11.70
N ASN G 301 22.56 -47.60 11.11
CA ASN G 301 22.03 -47.70 9.75
C ASN G 301 20.55 -47.40 9.68
N LYS G 302 19.80 -47.59 10.77
CA LYS G 302 18.41 -47.16 10.79
C LYS G 302 18.28 -45.65 10.90
N VAL G 303 19.09 -45.02 11.76
CA VAL G 303 19.01 -43.58 11.94
C VAL G 303 19.69 -42.84 10.78
N TYR G 304 20.91 -43.25 10.45
CA TYR G 304 21.71 -42.53 9.46
C TYR G 304 21.72 -43.27 8.13
N PHE G 318 3.16 -49.51 -0.44
CA PHE G 318 2.44 -48.30 -0.85
C PHE G 318 1.03 -48.63 -1.30
N PRO G 319 0.12 -47.67 -1.18
CA PRO G 319 -1.15 -47.78 -1.88
C PRO G 319 -0.91 -47.78 -3.39
N LEU G 320 -1.75 -48.54 -4.11
CA LEU G 320 -1.53 -48.77 -5.54
C LEU G 320 -1.66 -47.50 -6.36
N GLN G 321 -2.58 -46.60 -5.98
CA GLN G 321 -2.71 -45.34 -6.71
C GLN G 321 -1.52 -44.43 -6.48
N GLN G 322 -0.91 -44.47 -5.29
CA GLN G 322 0.33 -43.74 -5.07
C GLN G 322 1.48 -44.33 -5.88
N LYS G 323 1.47 -45.65 -6.08
CA LYS G 323 2.48 -46.28 -6.94
C LYS G 323 2.33 -45.84 -8.38
N LEU G 324 1.10 -45.80 -8.88
CA LEU G 324 0.85 -45.33 -10.24
C LEU G 324 1.21 -43.86 -10.41
N MET G 325 0.97 -43.04 -9.37
CA MET G 325 1.34 -41.63 -9.44
C MET G 325 2.85 -41.46 -9.49
N LEU G 326 3.58 -42.23 -8.68
CA LEU G 326 5.04 -42.12 -8.68
C LEU G 326 5.64 -42.64 -9.98
N CYS G 327 5.05 -43.69 -10.57
CA CYS G 327 5.57 -44.19 -11.84
C CYS G 327 5.29 -43.23 -12.99
N THR G 328 4.10 -42.62 -13.04
CA THR G 328 3.86 -41.61 -14.07
C THR G 328 4.71 -40.36 -13.88
N LEU G 329 5.01 -39.98 -12.63
CA LEU G 329 5.88 -38.83 -12.43
C LEU G 329 7.32 -39.12 -12.85
N VAL G 330 7.80 -40.35 -12.58
CA VAL G 330 9.12 -40.76 -13.02
C VAL G 330 9.18 -40.83 -14.55
N LEU G 331 8.10 -41.27 -15.18
CA LEU G 331 8.04 -41.36 -16.63
C LEU G 331 8.05 -39.98 -17.28
N MET G 332 7.23 -39.05 -16.76
CA MET G 332 7.23 -37.70 -17.30
C MET G 332 8.51 -36.94 -17.02
N LEU G 333 9.20 -37.24 -15.90
CA LEU G 333 10.47 -36.58 -15.65
C LEU G 333 11.58 -37.16 -16.51
N ARG G 334 11.49 -38.44 -16.86
CA ARG G 334 12.51 -39.03 -17.72
C ARG G 334 12.34 -38.62 -19.18
N ASN G 335 11.11 -38.64 -19.68
CA ASN G 335 10.88 -38.43 -21.10
C ASN G 335 10.98 -36.96 -21.53
N GLU G 336 10.92 -36.02 -20.60
CA GLU G 336 10.75 -34.60 -20.93
C GLU G 336 11.83 -33.74 -20.29
N ARG G 337 12.45 -32.88 -21.10
CA ARG G 337 13.46 -31.93 -20.63
C ARG G 337 12.88 -30.87 -19.70
N ASN G 338 11.60 -30.56 -19.81
CA ASN G 338 10.96 -29.54 -18.98
C ASN G 338 10.36 -30.22 -17.74
N LYS G 339 10.96 -29.94 -16.58
CA LYS G 339 10.56 -30.54 -15.32
C LYS G 339 9.48 -29.73 -14.61
N ASP G 340 8.88 -28.76 -15.30
CA ASP G 340 7.75 -27.99 -14.78
C ASP G 340 6.47 -28.81 -14.97
N ILE G 341 6.25 -29.75 -14.06
CA ILE G 341 5.09 -30.62 -14.09
C ILE G 341 4.02 -30.04 -13.19
N SER G 342 2.85 -29.78 -13.75
CA SER G 342 1.67 -29.37 -13.00
C SER G 342 0.89 -30.60 -12.53
N MET G 343 -0.02 -30.39 -11.59
CA MET G 343 -0.89 -31.48 -11.15
C MET G 343 -1.84 -31.93 -12.24
N GLY G 344 -2.30 -31.00 -13.09
CA GLY G 344 -3.18 -31.39 -14.16
C GLY G 344 -2.47 -32.09 -15.30
N ARG G 345 -1.25 -31.62 -15.60
CA ARG G 345 -0.44 -32.25 -16.62
C ARG G 345 0.02 -33.65 -16.20
N LEU G 346 0.15 -33.87 -14.89
CA LEU G 346 0.46 -35.21 -14.39
C LEU G 346 -0.78 -36.09 -14.35
N HIS G 347 -1.93 -35.53 -13.95
CA HIS G 347 -3.16 -36.31 -13.88
C HIS G 347 -3.65 -36.75 -15.25
N GLU G 348 -3.42 -35.94 -16.29
CA GLU G 348 -3.86 -36.32 -17.63
C GLU G 348 -3.05 -37.50 -18.17
N VAL G 349 -1.80 -37.65 -17.75
CA VAL G 349 -1.01 -38.81 -18.13
C VAL G 349 -1.36 -40.00 -17.24
N TYR G 350 -1.63 -39.74 -15.96
CA TYR G 350 -1.99 -40.79 -15.02
C TYR G 350 -3.30 -41.45 -15.37
N ARG G 351 -4.25 -40.70 -15.93
CA ARG G 351 -5.51 -41.29 -16.38
C ARG G 351 -5.30 -42.21 -17.58
N ARG G 352 -4.41 -41.83 -18.51
CA ARG G 352 -4.13 -42.68 -19.66
C ARG G 352 -3.38 -43.93 -19.26
N VAL G 353 -2.50 -43.82 -18.26
CA VAL G 353 -1.77 -44.98 -17.75
C VAL G 353 -2.72 -45.94 -17.04
N CYS G 354 -3.65 -45.41 -16.23
CA CYS G 354 -4.66 -46.26 -15.61
C CYS G 354 -5.62 -46.86 -16.63
N ALA G 355 -5.88 -46.16 -17.74
CA ALA G 355 -6.74 -46.74 -18.77
C ALA G 355 -6.05 -47.88 -19.49
N LYS G 356 -4.75 -47.74 -19.76
CA LYS G 356 -4.02 -48.84 -20.38
C LYS G 356 -3.74 -49.98 -19.44
N ARG G 357 -3.73 -49.75 -18.12
CA ARG G 357 -3.60 -50.84 -17.17
C ARG G 357 -4.93 -51.52 -16.88
N ASN G 358 -6.04 -51.00 -17.42
CA ASN G 358 -7.41 -51.52 -17.25
C ASN G 358 -7.80 -51.57 -15.77
N ILE G 359 -7.53 -50.47 -15.06
CA ILE G 359 -7.94 -50.28 -13.68
C ILE G 359 -8.48 -48.86 -13.53
N LEU G 360 -9.44 -48.70 -12.61
CA LEU G 360 -10.15 -47.44 -12.48
C LEU G 360 -9.25 -46.34 -11.93
N ALA G 361 -9.36 -45.15 -12.51
CA ALA G 361 -8.57 -44.00 -12.14
C ALA G 361 -9.34 -43.09 -11.19
N LEU G 362 -8.60 -42.44 -10.30
CA LEU G 362 -9.19 -41.45 -9.41
C LEU G 362 -9.49 -40.16 -10.14
N ASP G 363 -10.50 -39.45 -9.66
CA ASP G 363 -10.78 -38.10 -10.15
C ASP G 363 -9.77 -37.12 -9.58
N GLN G 364 -9.75 -35.92 -10.15
CA GLN G 364 -8.76 -34.89 -9.79
C GLN G 364 -8.87 -34.48 -8.33
N ALA G 365 -10.09 -34.43 -7.80
CA ALA G 365 -10.31 -34.07 -6.40
C ALA G 365 -9.74 -35.11 -5.43
N GLU G 366 -9.72 -36.39 -5.82
CA GLU G 366 -9.06 -37.42 -5.03
C GLU G 366 -7.59 -37.54 -5.35
N PHE G 367 -7.21 -37.25 -6.60
CA PHE G 367 -5.81 -37.30 -7.01
C PHE G 367 -4.98 -36.23 -6.29
N THR G 368 -5.58 -35.07 -5.99
CA THR G 368 -4.86 -34.04 -5.26
C THR G 368 -4.55 -34.49 -3.83
N GLY G 369 -5.48 -35.21 -3.20
CA GLY G 369 -5.21 -35.75 -1.88
C GLY G 369 -4.23 -36.90 -1.91
N THR G 370 -4.22 -37.68 -2.99
CA THR G 370 -3.24 -38.75 -3.14
C THR G 370 -1.82 -38.18 -3.26
N VAL G 371 -1.64 -37.15 -4.09
CA VAL G 371 -0.33 -36.52 -4.23
C VAL G 371 0.08 -35.81 -2.93
N ASP G 372 -0.91 -35.25 -2.19
CA ASP G 372 -0.59 -34.68 -0.89
C ASP G 372 -0.16 -35.74 0.13
N LEU G 373 -0.71 -36.95 0.05
CA LEU G 373 -0.25 -38.02 0.94
C LEU G 373 1.14 -38.52 0.56
N VAL G 374 1.46 -38.53 -0.74
CA VAL G 374 2.82 -38.90 -1.14
C VAL G 374 3.81 -37.81 -0.70
N GLU G 375 3.35 -36.55 -0.63
CA GLU G 375 4.21 -35.45 -0.22
C GLU G 375 4.69 -35.56 1.22
N THR G 376 3.93 -36.22 2.09
CA THR G 376 4.32 -36.34 3.50
C THR G 376 5.54 -37.23 3.68
N ARG G 377 5.78 -38.18 2.77
CA ARG G 377 6.93 -39.05 2.89
C ARG G 377 8.24 -38.36 2.51
N GLY G 378 8.18 -37.17 1.92
CA GLY G 378 9.34 -36.48 1.43
C GLY G 378 9.72 -36.85 0.01
N ILE G 379 8.97 -37.73 -0.65
CA ILE G 379 9.26 -38.09 -2.04
C ILE G 379 9.02 -36.90 -2.97
N LEU G 380 8.08 -36.03 -2.64
CA LEU G 380 7.76 -34.90 -3.50
C LEU G 380 7.76 -33.62 -2.70
N ARG G 381 7.61 -32.52 -3.42
CA ARG G 381 7.33 -31.21 -2.84
C ARG G 381 6.41 -30.48 -3.78
N ILE G 382 5.30 -29.96 -3.27
CA ILE G 382 4.30 -29.30 -4.08
C ILE G 382 4.44 -27.80 -3.87
N MET G 383 4.81 -27.08 -4.92
CA MET G 383 4.78 -25.63 -4.86
C MET G 383 3.35 -25.18 -5.17
N ARG G 384 2.73 -24.52 -4.19
CA ARG G 384 1.34 -24.11 -4.31
C ARG G 384 1.19 -22.96 -5.28
N LYS G 385 0.05 -22.91 -5.95
CA LYS G 385 -0.31 -21.84 -6.87
C LYS G 385 -1.74 -21.42 -6.57
N LYS G 386 -2.30 -20.57 -7.45
CA LYS G 386 -3.64 -20.02 -7.22
C LYS G 386 -4.73 -21.08 -7.29
N GLU G 387 -4.55 -22.11 -8.10
CA GLU G 387 -5.58 -23.12 -8.32
C GLU G 387 -4.99 -24.50 -8.13
N PRO G 388 -5.79 -25.47 -7.67
CA PRO G 388 -5.28 -26.84 -7.45
C PRO G 388 -4.71 -27.52 -8.70
N ARG G 389 -5.25 -27.22 -9.88
CA ARG G 389 -4.69 -27.76 -11.11
C ARG G 389 -3.30 -27.20 -11.40
N LEU G 390 -3.01 -25.99 -10.94
CA LEU G 390 -1.78 -25.29 -11.28
C LEU G 390 -0.63 -25.56 -10.31
N HIS G 391 -0.85 -26.37 -9.26
CA HIS G 391 0.21 -26.69 -8.32
C HIS G 391 1.32 -27.48 -9.00
N LYS G 392 2.56 -27.19 -8.63
CA LYS G 392 3.72 -27.76 -9.33
C LYS G 392 4.34 -28.85 -8.47
N VAL G 393 4.23 -30.11 -8.91
CA VAL G 393 4.93 -31.21 -8.29
C VAL G 393 6.42 -31.10 -8.60
N LEU G 394 7.26 -31.42 -7.62
CA LEU G 394 8.71 -31.42 -7.80
C LEU G 394 9.27 -32.64 -7.08
N LEU G 395 9.84 -33.57 -7.83
CA LEU G 395 10.42 -34.77 -7.23
C LEU G 395 11.65 -34.41 -6.42
N GLN G 396 11.76 -35.02 -5.23
CA GLN G 396 12.86 -34.75 -4.31
C GLN G 396 13.68 -35.99 -3.99
N TRP G 397 13.40 -37.10 -4.64
CA TRP G 397 14.27 -38.27 -4.62
C TRP G 397 14.78 -38.54 -6.02
N ASP G 398 15.95 -39.13 -6.12
CA ASP G 398 16.34 -39.64 -7.42
C ASP G 398 15.60 -40.93 -7.75
N GLU G 399 15.49 -41.20 -9.06
CA GLU G 399 14.69 -42.33 -9.53
C GLU G 399 15.29 -43.67 -9.11
N GLU G 400 16.60 -43.72 -8.86
CA GLU G 400 17.21 -44.94 -8.35
C GLU G 400 16.78 -45.23 -6.92
N GLU G 401 16.39 -44.21 -6.15
CA GLU G 401 15.75 -44.44 -4.86
C GLU G 401 14.27 -44.72 -4.97
N VAL G 402 13.59 -44.06 -5.92
CA VAL G 402 12.15 -44.28 -6.10
C VAL G 402 11.87 -45.71 -6.57
N HIS G 403 12.75 -46.26 -7.40
CA HIS G 403 12.59 -47.64 -7.87
C HIS G 403 12.76 -48.65 -6.75
N ALA G 404 13.70 -48.41 -5.84
CA ALA G 404 13.86 -49.29 -4.69
C ALA G 404 12.79 -49.06 -3.63
N ALA G 405 12.14 -47.89 -3.64
CA ALA G 405 11.09 -47.64 -2.65
C ALA G 405 9.76 -48.24 -3.07
N LEU G 406 9.45 -48.23 -4.38
CA LEU G 406 8.19 -48.78 -4.85
C LEU G 406 8.11 -50.30 -4.68
N SER G 407 9.25 -51.00 -4.81
CA SER G 407 9.38 -52.46 -4.62
C SER G 407 8.41 -53.27 -5.49
N ASP G 408 8.18 -52.81 -6.72
CA ASP G 408 7.29 -53.50 -7.65
C ASP G 408 7.85 -53.30 -9.06
N LYS G 409 9.00 -53.95 -9.31
CA LYS G 409 9.79 -53.70 -10.51
C LYS G 409 9.08 -54.16 -11.78
N GLN G 410 8.22 -55.18 -11.67
CA GLN G 410 7.46 -55.63 -12.83
C GLN G 410 6.43 -54.58 -13.29
N LEU G 411 5.97 -53.73 -12.37
CA LEU G 411 5.06 -52.66 -12.75
C LEU G 411 5.80 -51.45 -13.28
N ILE G 412 6.91 -51.06 -12.64
CA ILE G 412 7.67 -49.90 -13.09
C ILE G 412 8.32 -50.16 -14.45
N ALA G 413 8.67 -51.41 -14.74
CA ALA G 413 9.16 -51.75 -16.06
C ALA G 413 8.06 -51.63 -17.12
N SER G 414 6.80 -51.79 -16.72
CA SER G 414 5.70 -51.61 -17.66
C SER G 414 5.36 -50.13 -17.85
N ILE G 415 5.41 -49.34 -16.77
CA ILE G 415 5.06 -47.91 -16.91
C ILE G 415 6.15 -47.15 -17.63
N LEU G 416 7.43 -47.44 -17.32
CA LEU G 416 8.49 -46.65 -17.94
C LEU G 416 8.77 -47.06 -19.38
N SER G 417 8.26 -48.20 -19.82
CA SER G 417 8.30 -48.58 -21.22
C SER G 417 7.04 -48.17 -21.97
N ASP G 418 6.17 -47.39 -21.33
CA ASP G 418 4.90 -46.97 -21.90
C ASP G 418 4.97 -45.51 -22.37
N THR G 419 5.83 -45.24 -23.35
CA THR G 419 6.03 -43.87 -23.84
C THR G 419 4.80 -43.35 -24.58
N ALA G 420 4.02 -44.24 -25.19
CA ALA G 420 2.92 -43.82 -26.06
C ALA G 420 1.75 -43.22 -25.30
N CYS G 421 1.62 -43.49 -23.99
CA CYS G 421 0.56 -42.91 -23.20
C CYS G 421 0.85 -41.49 -22.74
N LEU G 422 2.06 -40.99 -22.97
CA LEU G 422 2.34 -39.60 -22.66
C LEU G 422 1.82 -38.75 -23.82
#